data_4XQO
#
_entry.id   4XQO
#
_cell.length_a   64.069
_cell.length_b   245.424
_cell.length_c   71.298
_cell.angle_alpha   90.000
_cell.angle_beta   112.460
_cell.angle_gamma   90.000
#
_symmetry.space_group_name_H-M   'P 1 21 1'
#
loop_
_entity.id
_entity.type
_entity.pdbx_description
1 polymer 'Hemagglutinin HA1 chain'
2 polymer 'Hemagglutinin HA2 chain'
3 branched 2-acetamido-2-deoxy-beta-D-glucopyranose-(1-4)-2-acetamido-2-deoxy-beta-D-glucopyranose
4 branched 'N-acetyl-alpha-neuraminic acid-(2-6)-beta-D-galactopyranose-(1-4)-2-acetamido-2-deoxy-beta-D-glucopyranose'
5 branched 'N-acetyl-alpha-neuraminic acid-(2-6)-beta-D-galactopyranose'
6 non-polymer 2-acetamido-2-deoxy-beta-D-glucopyranose
7 water water
#
loop_
_entity_poly.entity_id
_entity_poly.type
_entity_poly.pdbx_seq_one_letter_code
_entity_poly.pdbx_strand_id
1 'polypeptide(L)'
;ADPDKICLGHHAVANGTIVKTLTNEQEEVTNATETVESTGINRLCMKGRKHKDLGNCHPIGMLIGTPACDLHLTGMWDTL
IERENAIAYCYPGATVNVEALRQKIMESGGINKISTGFTYGSSINSAGTTRACMRNGGNSFYAELKWLVSKSKGQNFPQT
TNTYRNTDTAEHLIMWGIHHPSSTQEKNDLYGTQSLSISVGSSTYRNNFVPVVGARPQVNGQSGRIDFHWTLVQPGDNIT
FSHNGGLIAPSRVSKLIGRGLGIQSDAPIDNNCESKCFWRGGSINTRLPFQNLSPRTVGQCPKYVNRRSLMLATGMRNVP
ELIQGR
;
A,C,E
2 'polypeptide(L)'
;GLFGAIAGFLENGWEGMVDGWYGFRHQNAQGTGQAADYKSTQAAIDQITGKLNRLVEKTNTEFESIESEFSEIEHQIGNV
INWTKDSITDIWTYQAELLVAMENQHTIDMADSEMLNLYERVRKQLRQNAEEDGKGCFEIYHACDDSCMESIRNNTYDHS
QYREEALLNRLNINSGRLVPR
;
B,D,F
#
# COMPACT_ATOMS: atom_id res chain seq x y z
N ASP A 4 -53.59 0.77 -36.74
CA ASP A 4 -52.22 0.78 -37.21
C ASP A 4 -51.25 1.19 -36.10
N LYS A 5 -50.34 0.29 -35.74
CA LYS A 5 -49.36 0.57 -34.71
C LYS A 5 -47.94 0.53 -35.25
N ILE A 6 -47.06 1.34 -34.66
CA ILE A 6 -45.62 1.13 -34.76
C ILE A 6 -45.08 1.03 -33.34
N CYS A 7 -44.34 -0.05 -33.07
CA CYS A 7 -43.92 -0.33 -31.70
C CYS A 7 -42.41 -0.33 -31.53
N LEU A 8 -41.99 -0.32 -30.27
CA LEU A 8 -40.58 -0.23 -29.92
C LEU A 8 -40.25 -1.20 -28.79
N GLY A 9 -39.16 -1.94 -28.94
CA GLY A 9 -38.83 -2.99 -28.00
C GLY A 9 -37.41 -3.51 -28.08
N HIS A 10 -37.00 -4.22 -27.04
CA HIS A 10 -35.66 -4.77 -26.94
C HIS A 10 -35.70 -6.29 -26.88
N HIS A 11 -34.53 -6.93 -27.01
CA HIS A 11 -34.49 -8.39 -26.95
C HIS A 11 -34.37 -8.91 -25.52
N ALA A 12 -34.58 -10.21 -25.37
CA ALA A 12 -34.38 -10.89 -24.10
C ALA A 12 -33.96 -12.34 -24.37
N VAL A 13 -33.55 -13.05 -23.33
CA VAL A 13 -33.21 -14.46 -23.45
C VAL A 13 -33.87 -15.25 -22.33
N ALA A 14 -33.94 -16.57 -22.49
CA ALA A 14 -34.48 -17.45 -21.46
C ALA A 14 -33.51 -17.55 -20.29
N ASN A 15 -32.22 -17.66 -20.61
CA ASN A 15 -31.18 -17.69 -19.59
C ASN A 15 -30.54 -16.32 -19.41
N GLY A 16 -30.71 -15.73 -18.23
CA GLY A 16 -30.23 -14.40 -17.97
C GLY A 16 -29.08 -14.40 -16.98
N THR A 17 -28.09 -13.55 -17.23
CA THR A 17 -26.92 -13.49 -16.37
C THR A 17 -27.09 -12.49 -15.24
N ILE A 18 -27.02 -12.99 -14.00
CA ILE A 18 -27.15 -12.15 -12.82
C ILE A 18 -25.84 -11.42 -12.54
N VAL A 19 -25.89 -10.09 -12.49
CA VAL A 19 -24.69 -9.31 -12.18
C VAL A 19 -24.84 -8.44 -10.93
N LYS A 20 -23.79 -7.68 -10.67
CA LYS A 20 -23.66 -6.87 -9.47
C LYS A 20 -23.72 -5.40 -9.82
N THR A 21 -24.53 -4.64 -9.08
CA THR A 21 -24.61 -3.20 -9.27
C THR A 21 -24.48 -2.44 -7.95
N LEU A 22 -24.54 -1.12 -8.03
CA LEU A 22 -24.44 -0.26 -6.86
C LEU A 22 -25.70 -0.34 -5.99
N THR A 23 -26.85 -0.47 -6.65
CA THR A 23 -28.13 -0.39 -5.98
C THR A 23 -28.78 -1.76 -5.82
N ASN A 24 -28.30 -2.74 -6.57
CA ASN A 24 -28.88 -4.08 -6.52
C ASN A 24 -27.81 -5.14 -6.71
N GLU A 25 -27.79 -6.12 -5.81
CA GLU A 25 -26.76 -7.15 -5.79
C GLU A 25 -26.96 -8.17 -6.92
N GLN A 26 -28.21 -8.42 -7.26
CA GLN A 26 -28.54 -9.43 -8.26
C GLN A 26 -29.44 -8.91 -9.37
N GLU A 27 -28.85 -8.24 -10.35
CA GLU A 27 -29.64 -7.73 -11.46
C GLU A 27 -29.52 -8.61 -12.69
N GLU A 28 -30.66 -9.08 -13.20
CA GLU A 28 -30.65 -9.86 -14.42
C GLU A 28 -30.22 -8.96 -15.57
N VAL A 29 -29.39 -9.52 -16.45
CA VAL A 29 -28.86 -8.80 -17.59
C VAL A 29 -28.72 -9.80 -18.73
N THR A 30 -28.77 -9.29 -19.96
CA THR A 30 -28.63 -10.11 -21.15
C THR A 30 -27.39 -10.98 -21.03
N ASN A 31 -26.23 -10.34 -21.04
CA ASN A 31 -24.97 -11.05 -21.11
C ASN A 31 -23.82 -10.40 -20.32
N ALA A 32 -22.97 -11.24 -19.72
CA ALA A 32 -21.85 -10.74 -18.92
C ALA A 32 -20.59 -11.61 -19.02
N THR A 33 -19.44 -11.05 -18.71
CA THR A 33 -18.20 -11.83 -18.65
C THR A 33 -17.37 -11.64 -17.39
N GLU A 34 -16.41 -12.55 -17.19
CA GLU A 34 -15.51 -12.51 -16.04
C GLU A 34 -14.39 -11.49 -16.17
N THR A 35 -14.01 -10.90 -15.04
CA THR A 35 -12.87 -10.00 -14.99
C THR A 35 -11.76 -10.54 -14.08
N VAL A 36 -11.98 -11.74 -13.54
CA VAL A 36 -10.99 -12.38 -12.68
C VAL A 36 -10.62 -13.78 -13.19
N GLU A 37 -9.39 -13.93 -13.67
CA GLU A 37 -8.90 -15.23 -14.12
C GLU A 37 -8.76 -16.23 -12.97
N SER A 38 -9.24 -17.45 -13.19
CA SER A 38 -9.11 -18.51 -12.21
C SER A 38 -8.36 -19.73 -12.74
N THR A 39 -7.82 -19.63 -13.95
CA THR A 39 -7.11 -20.74 -14.58
C THR A 39 -5.65 -20.44 -14.90
N GLY A 40 -4.78 -21.38 -14.59
CA GLY A 40 -3.34 -21.21 -14.81
C GLY A 40 -2.73 -22.32 -15.64
N ILE A 41 -1.61 -22.00 -16.29
CA ILE A 41 -0.99 -22.89 -17.27
C ILE A 41 -0.45 -24.20 -16.68
N ASN A 42 0.19 -24.09 -15.51
CA ASN A 42 0.82 -25.21 -14.78
C ASN A 42 2.17 -25.59 -15.38
N ARG A 43 2.64 -24.79 -16.34
CA ARG A 43 4.02 -24.87 -16.80
C ARG A 43 4.73 -23.53 -16.68
N LEU A 44 6.06 -23.57 -16.75
CA LEU A 44 6.85 -22.36 -16.85
C LEU A 44 7.15 -22.08 -18.33
N CYS A 45 6.60 -20.99 -18.85
CA CYS A 45 6.74 -20.66 -20.27
C CYS A 45 7.99 -19.83 -20.57
N MET A 46 9.07 -20.54 -20.90
CA MET A 46 10.38 -19.93 -21.08
C MET A 46 10.77 -19.65 -22.53
N LYS A 47 9.81 -19.72 -23.46
CA LYS A 47 10.11 -19.43 -24.86
C LYS A 47 10.29 -17.93 -25.07
N GLY A 48 11.35 -17.56 -25.77
CA GLY A 48 11.68 -16.16 -25.98
C GLY A 48 12.42 -15.62 -24.78
N ARG A 49 12.75 -16.52 -23.87
CA ARG A 49 13.55 -16.20 -22.70
C ARG A 49 14.78 -17.12 -22.61
N LYS A 50 15.96 -16.53 -22.49
CA LYS A 50 17.13 -17.31 -22.16
C LYS A 50 17.05 -17.63 -20.67
N HIS A 51 16.73 -18.89 -20.36
CA HIS A 51 16.39 -19.26 -19.00
C HIS A 51 17.38 -20.27 -18.44
N LYS A 52 17.32 -20.48 -17.13
CA LYS A 52 18.23 -21.40 -16.46
C LYS A 52 17.53 -22.15 -15.33
N ASP A 53 17.19 -23.41 -15.61
CA ASP A 53 16.59 -24.27 -14.59
C ASP A 53 17.71 -24.87 -13.76
N LEU A 54 17.73 -24.56 -12.47
CA LEU A 54 18.83 -24.95 -11.60
C LEU A 54 18.76 -26.41 -11.13
N GLY A 55 17.58 -27.01 -11.23
CA GLY A 55 17.37 -28.32 -10.64
C GLY A 55 17.59 -28.25 -9.14
N ASN A 56 18.53 -29.06 -8.63
CA ASN A 56 18.78 -29.09 -7.20
C ASN A 56 19.99 -28.23 -6.83
N CYS A 57 20.17 -27.15 -7.58
CA CYS A 57 21.24 -26.20 -7.32
C CYS A 57 20.70 -24.91 -6.72
N HIS A 58 20.96 -24.71 -5.42
CA HIS A 58 20.57 -23.47 -4.77
C HIS A 58 21.57 -22.39 -5.19
N PRO A 59 21.08 -21.16 -5.43
CA PRO A 59 21.89 -20.08 -6.01
C PRO A 59 23.21 -19.82 -5.29
N ILE A 60 23.21 -19.87 -3.96
CA ILE A 60 24.45 -19.83 -3.17
C ILE A 60 25.50 -20.82 -3.69
N GLY A 61 25.02 -22.00 -4.08
CA GLY A 61 25.90 -23.06 -4.56
C GLY A 61 26.61 -22.68 -5.84
N MET A 62 26.03 -21.75 -6.60
CA MET A 62 26.66 -21.27 -7.81
C MET A 62 27.87 -20.40 -7.45
N LEU A 63 27.82 -19.83 -6.26
CA LEU A 63 28.92 -19.00 -5.77
C LEU A 63 30.01 -19.84 -5.13
N ILE A 64 29.63 -20.70 -4.18
CA ILE A 64 30.66 -21.47 -3.45
C ILE A 64 31.12 -22.72 -4.21
N GLY A 65 30.29 -23.20 -5.14
CA GLY A 65 30.69 -24.32 -5.98
C GLY A 65 30.27 -25.68 -5.46
N THR A 66 29.12 -25.73 -4.80
CA THR A 66 28.50 -27.00 -4.42
C THR A 66 28.42 -27.96 -5.60
N PRO A 67 28.89 -29.21 -5.42
CA PRO A 67 28.83 -30.29 -6.40
C PRO A 67 27.60 -30.28 -7.31
N ALA A 68 26.42 -30.29 -6.71
CA ALA A 68 25.16 -30.22 -7.46
C ALA A 68 25.10 -29.04 -8.43
N CYS A 69 25.93 -28.03 -8.20
CA CYS A 69 25.90 -26.83 -9.03
C CYS A 69 27.05 -26.80 -10.04
N ASP A 70 27.60 -27.97 -10.36
CA ASP A 70 28.75 -28.03 -11.27
C ASP A 70 28.38 -27.52 -12.67
N LEU A 71 27.10 -27.61 -13.01
CA LEU A 71 26.63 -27.22 -14.33
C LEU A 71 26.23 -25.75 -14.33
N HIS A 72 26.29 -25.12 -13.16
CA HIS A 72 25.73 -23.77 -13.00
C HIS A 72 26.74 -22.81 -12.39
N LEU A 73 28.02 -23.09 -12.57
CA LEU A 73 29.08 -22.30 -11.95
C LEU A 73 29.27 -20.96 -12.68
N THR A 74 29.07 -20.96 -13.99
CA THR A 74 29.05 -19.73 -14.78
C THR A 74 27.92 -19.79 -15.79
N GLY A 75 27.30 -18.64 -16.08
CA GLY A 75 26.20 -18.62 -17.03
C GLY A 75 25.74 -17.24 -17.47
N MET A 76 24.88 -17.23 -18.48
CA MET A 76 24.15 -16.02 -18.90
C MET A 76 22.67 -16.34 -19.04
N TRP A 77 21.82 -15.53 -18.39
CA TRP A 77 20.38 -15.77 -18.43
C TRP A 77 19.59 -14.49 -18.17
N ASP A 78 18.33 -14.48 -18.63
CA ASP A 78 17.42 -13.39 -18.26
C ASP A 78 16.39 -13.86 -17.25
N THR A 79 16.29 -15.17 -17.07
CA THR A 79 15.43 -15.75 -16.04
C THR A 79 16.10 -16.90 -15.32
N LEU A 80 16.14 -16.83 -13.98
CA LEU A 80 16.74 -17.88 -13.17
C LEU A 80 15.68 -18.58 -12.32
N ILE A 81 15.55 -19.89 -12.52
CA ILE A 81 14.56 -20.68 -11.79
C ILE A 81 15.17 -21.55 -10.70
N GLU A 82 14.74 -21.33 -9.46
CA GLU A 82 15.16 -22.15 -8.34
C GLU A 82 14.08 -23.20 -8.04
N ARG A 83 14.50 -24.38 -7.55
CA ARG A 83 13.57 -25.46 -7.27
C ARG A 83 13.54 -25.83 -5.78
N GLU A 84 12.37 -26.30 -5.35
CA GLU A 84 12.14 -26.77 -3.97
C GLU A 84 13.25 -27.64 -3.37
N ASN A 85 13.85 -28.51 -4.19
CA ASN A 85 14.85 -29.45 -3.68
C ASN A 85 16.28 -28.97 -3.88
N ALA A 86 16.46 -27.66 -3.94
CA ALA A 86 17.78 -27.08 -4.17
C ALA A 86 18.72 -27.33 -3.00
N ILE A 87 19.96 -27.69 -3.31
CA ILE A 87 21.00 -27.84 -2.29
C ILE A 87 21.97 -26.68 -2.37
N ALA A 88 22.34 -26.13 -1.22
CA ALA A 88 23.35 -25.09 -1.15
C ALA A 88 24.58 -25.56 -0.38
N TYR A 89 24.34 -26.34 0.66
CA TYR A 89 25.42 -26.82 1.51
C TYR A 89 25.49 -28.34 1.54
N CYS A 90 26.53 -28.91 0.92
CA CYS A 90 26.81 -30.32 1.07
C CYS A 90 27.35 -30.58 2.47
N TYR A 91 28.22 -29.67 2.92
CA TYR A 91 28.81 -29.76 4.24
C TYR A 91 28.04 -28.81 5.16
N PRO A 92 27.60 -29.30 6.32
CA PRO A 92 26.70 -28.56 7.21
C PRO A 92 27.24 -27.18 7.62
N GLY A 93 26.57 -26.13 7.19
CA GLY A 93 26.97 -24.78 7.52
C GLY A 93 25.86 -23.76 7.30
N ALA A 94 26.20 -22.50 7.48
CA ALA A 94 25.24 -21.41 7.31
C ALA A 94 25.89 -20.23 6.60
N THR A 95 25.08 -19.35 6.03
CA THR A 95 25.59 -18.13 5.42
C THR A 95 24.95 -16.88 6.03
N VAL A 96 25.80 -15.93 6.42
CA VAL A 96 25.32 -14.67 6.98
C VAL A 96 24.68 -13.81 5.89
N ASN A 97 23.53 -13.22 6.20
CA ASN A 97 22.74 -12.49 5.22
C ASN A 97 22.40 -13.37 4.02
N VAL A 98 21.91 -14.57 4.30
CA VAL A 98 21.63 -15.56 3.27
C VAL A 98 20.53 -15.11 2.31
N GLU A 99 19.44 -14.59 2.84
CA GLU A 99 18.33 -14.15 1.99
C GLU A 99 18.69 -12.95 1.11
N ALA A 100 19.42 -11.99 1.68
CA ALA A 100 19.88 -10.83 0.92
C ALA A 100 20.75 -11.26 -0.25
N LEU A 101 21.66 -12.19 0.02
CA LEU A 101 22.58 -12.69 -0.98
C LEU A 101 21.84 -13.49 -2.04
N ARG A 102 20.88 -14.30 -1.61
CA ARG A 102 20.13 -15.14 -2.53
C ARG A 102 19.29 -14.27 -3.47
N GLN A 103 18.66 -13.25 -2.91
CA GLN A 103 17.88 -12.31 -3.70
C GLN A 103 18.80 -11.57 -4.67
N LYS A 104 20.02 -11.28 -4.23
CA LYS A 104 21.01 -10.62 -5.08
C LYS A 104 21.35 -11.48 -6.29
N ILE A 105 21.63 -12.75 -6.05
CA ILE A 105 21.88 -13.71 -7.13
C ILE A 105 20.67 -13.84 -8.05
N MET A 106 19.48 -13.90 -7.46
CA MET A 106 18.24 -14.08 -8.21
C MET A 106 17.87 -12.87 -9.05
N GLU A 107 18.48 -11.72 -8.76
CA GLU A 107 18.27 -10.55 -9.60
C GLU A 107 19.33 -10.42 -10.69
N SER A 108 20.33 -11.31 -10.65
CA SER A 108 21.42 -11.26 -11.62
C SER A 108 20.98 -11.79 -12.98
N GLY A 109 21.72 -11.41 -14.01
CA GLY A 109 21.47 -11.91 -15.36
C GLY A 109 22.65 -12.72 -15.85
N GLY A 110 23.51 -13.11 -14.92
CA GLY A 110 24.65 -13.96 -15.23
C GLY A 110 25.68 -13.94 -14.13
N ILE A 111 26.53 -14.95 -14.11
CA ILE A 111 27.68 -14.98 -13.20
C ILE A 111 28.95 -15.30 -13.97
N ASN A 112 30.07 -14.71 -13.56
CA ASN A 112 31.37 -15.08 -14.09
C ASN A 112 32.34 -15.38 -12.96
N LYS A 113 33.31 -16.25 -13.22
CA LYS A 113 34.29 -16.56 -12.18
C LYS A 113 35.65 -15.96 -12.52
N ILE A 114 36.41 -15.61 -11.49
CA ILE A 114 37.78 -15.13 -11.69
C ILE A 114 38.69 -15.75 -10.64
N SER A 115 39.84 -16.28 -11.06
CA SER A 115 40.79 -16.83 -10.10
C SER A 115 41.24 -15.77 -9.10
N THR A 116 41.55 -16.20 -7.87
CA THR A 116 42.13 -15.30 -6.89
C THR A 116 43.65 -15.34 -6.94
N GLY A 117 44.18 -16.44 -7.48
CA GLY A 117 45.61 -16.59 -7.65
C GLY A 117 46.32 -16.94 -6.35
N PHE A 118 45.54 -17.09 -5.28
CA PHE A 118 46.04 -17.50 -3.98
C PHE A 118 46.93 -18.74 -4.06
N THR A 119 48.13 -18.64 -3.49
CA THR A 119 49.02 -19.77 -3.33
C THR A 119 49.36 -19.99 -1.87
N TYR A 120 49.91 -21.15 -1.54
CA TYR A 120 50.17 -21.52 -0.14
C TYR A 120 51.48 -22.27 0.03
N GLY A 121 52.20 -21.97 1.10
CA GLY A 121 53.46 -22.62 1.42
C GLY A 121 53.27 -24.10 1.70
N SER A 122 54.37 -24.83 1.77
CA SER A 122 54.32 -26.28 1.87
C SER A 122 54.02 -26.78 3.28
N SER A 123 53.73 -25.86 4.19
CA SER A 123 53.21 -26.22 5.51
C SER A 123 51.68 -26.29 5.49
N ILE A 124 51.09 -26.05 4.32
CA ILE A 124 49.65 -26.06 4.18
C ILE A 124 49.15 -27.12 3.20
N ASN A 125 48.22 -27.96 3.66
CA ASN A 125 47.43 -28.79 2.75
C ASN A 125 46.26 -27.98 2.20
N SER A 126 46.29 -27.71 0.90
CA SER A 126 45.23 -26.96 0.25
C SER A 126 44.09 -27.86 -0.21
N ALA A 127 44.34 -29.16 -0.25
CA ALA A 127 43.44 -30.09 -0.93
C ALA A 127 42.61 -30.94 0.04
N GLY A 128 42.34 -30.38 1.21
CA GLY A 128 41.43 -31.01 2.16
C GLY A 128 40.08 -31.28 1.52
N THR A 129 39.49 -32.44 1.82
CA THR A 129 38.20 -32.81 1.28
C THR A 129 37.23 -33.27 2.36
N THR A 130 36.09 -33.81 1.94
CA THR A 130 35.15 -34.43 2.87
C THR A 130 34.24 -35.43 2.17
N ARG A 131 33.60 -36.29 2.96
CA ARG A 131 32.67 -37.29 2.43
C ARG A 131 31.37 -36.64 1.97
N ALA A 132 31.06 -35.48 2.54
CA ALA A 132 29.75 -34.86 2.36
C ALA A 132 29.60 -34.24 0.97
N CYS A 133 30.74 -33.94 0.34
CA CYS A 133 30.73 -33.39 -0.99
C CYS A 133 31.30 -34.34 -2.05
N MET A 134 30.44 -35.19 -2.60
CA MET A 134 30.87 -36.14 -3.62
C MET A 134 30.81 -35.45 -4.98
N ARG A 135 31.77 -35.73 -5.85
CA ARG A 135 31.78 -35.07 -7.16
C ARG A 135 31.72 -36.10 -8.28
N ASN A 136 32.89 -36.57 -8.69
CA ASN A 136 33.01 -37.88 -9.31
C ASN A 136 33.13 -38.77 -8.09
N GLY A 137 32.85 -40.06 -8.20
CA GLY A 137 32.85 -40.90 -7.00
C GLY A 137 34.12 -40.63 -6.22
N GLY A 138 33.98 -40.34 -4.93
CA GLY A 138 35.14 -40.00 -4.13
C GLY A 138 35.03 -38.66 -3.44
N ASN A 139 35.67 -38.55 -2.27
CA ASN A 139 35.66 -37.34 -1.45
C ASN A 139 36.07 -36.06 -2.19
N SER A 140 35.37 -34.96 -1.95
CA SER A 140 35.70 -33.69 -2.59
C SER A 140 35.28 -32.49 -1.73
N PHE A 141 35.03 -31.35 -2.36
CA PHE A 141 34.84 -30.09 -1.64
C PHE A 141 34.40 -28.96 -2.59
N TYR A 142 33.83 -27.91 -2.02
CA TYR A 142 33.31 -26.76 -2.76
C TYR A 142 34.23 -26.27 -3.88
N ALA A 143 33.77 -26.42 -5.11
CA ALA A 143 34.57 -26.17 -6.32
C ALA A 143 35.23 -24.79 -6.39
N GLU A 144 34.72 -23.83 -5.63
CA GLU A 144 35.28 -22.47 -5.67
C GLU A 144 35.96 -22.10 -4.36
N LEU A 145 36.19 -23.10 -3.50
CA LEU A 145 36.88 -22.87 -2.24
C LEU A 145 37.92 -23.95 -1.97
N LYS A 146 38.85 -23.62 -1.08
CA LYS A 146 39.90 -24.52 -0.66
C LYS A 146 39.89 -24.61 0.86
N TRP A 147 39.91 -25.84 1.37
CA TRP A 147 39.99 -26.09 2.79
C TRP A 147 41.46 -26.21 3.15
N LEU A 148 41.93 -25.35 4.04
CA LEU A 148 43.34 -25.31 4.38
C LEU A 148 43.60 -25.89 5.76
N VAL A 149 44.45 -26.91 5.80
CA VAL A 149 44.89 -27.51 7.06
C VAL A 149 46.40 -27.71 7.05
N SER A 150 46.99 -27.79 8.23
CA SER A 150 48.40 -28.14 8.37
C SER A 150 48.72 -29.43 7.63
N LYS A 151 49.86 -29.46 6.94
CA LYS A 151 50.23 -30.61 6.12
C LYS A 151 50.57 -31.81 7.01
N SER A 152 50.94 -31.52 8.25
CA SER A 152 51.27 -32.56 9.21
C SER A 152 50.19 -32.62 10.30
N LYS A 153 49.66 -33.81 10.51
CA LYS A 153 48.44 -34.03 11.29
C LYS A 153 48.41 -33.37 12.68
N GLY A 154 49.57 -32.91 13.16
CA GLY A 154 49.63 -32.30 14.48
C GLY A 154 50.05 -30.85 14.53
N GLN A 155 50.76 -30.38 13.51
CA GLN A 155 51.51 -29.12 13.59
C GLN A 155 50.63 -27.88 13.60
N ASN A 156 51.20 -26.77 14.05
CA ASN A 156 50.55 -25.47 14.02
C ASN A 156 50.45 -24.89 12.61
N PHE A 157 49.23 -24.60 12.17
CA PHE A 157 49.00 -23.95 10.89
C PHE A 157 49.78 -22.63 10.86
N PRO A 158 50.45 -22.35 9.74
CA PRO A 158 51.31 -21.16 9.67
C PRO A 158 50.52 -19.88 9.47
N GLN A 159 50.92 -18.82 10.18
CA GLN A 159 50.40 -17.48 9.91
C GLN A 159 50.50 -17.18 8.42
N THR A 160 49.38 -16.78 7.82
CA THR A 160 49.34 -16.67 6.37
C THR A 160 48.58 -15.43 5.94
N THR A 161 48.91 -14.92 4.76
CA THR A 161 48.33 -13.70 4.23
C THR A 161 48.08 -13.85 2.74
N ASN A 162 46.83 -13.66 2.33
CA ASN A 162 46.48 -13.75 0.91
C ASN A 162 45.67 -12.54 0.50
N THR A 163 46.03 -11.92 -0.62
CA THR A 163 45.30 -10.73 -1.05
C THR A 163 44.79 -10.87 -2.47
N TYR A 164 43.47 -10.85 -2.62
CA TYR A 164 42.87 -10.77 -3.94
C TYR A 164 42.69 -9.31 -4.32
N ARG A 165 43.17 -8.94 -5.51
CA ARG A 165 43.06 -7.56 -5.94
C ARG A 165 42.14 -7.47 -7.15
N ASN A 166 41.13 -6.61 -7.04
CA ASN A 166 40.15 -6.46 -8.12
C ASN A 166 40.70 -5.51 -9.16
N THR A 167 40.84 -5.99 -10.39
CA THR A 167 41.39 -5.19 -11.47
C THR A 167 40.36 -5.08 -12.59
N ASP A 168 39.11 -5.33 -12.25
CA ASP A 168 38.03 -5.28 -13.21
C ASP A 168 37.33 -3.93 -13.12
N THR A 169 36.42 -3.65 -14.04
CA THR A 169 35.68 -2.39 -14.02
C THR A 169 34.36 -2.56 -13.26
N ALA A 170 34.10 -3.79 -12.81
CA ALA A 170 32.86 -4.09 -12.11
C ALA A 170 33.13 -4.63 -10.71
N GLU A 171 32.15 -4.45 -9.82
CA GLU A 171 32.22 -5.00 -8.47
C GLU A 171 32.33 -6.53 -8.52
N HIS A 172 32.94 -7.11 -7.49
CA HIS A 172 33.09 -8.56 -7.44
C HIS A 172 32.54 -9.12 -6.13
N LEU A 173 31.98 -10.32 -6.16
CA LEU A 173 31.34 -10.87 -4.97
C LEU A 173 32.18 -12.02 -4.43
N ILE A 174 32.96 -11.73 -3.39
CA ILE A 174 33.83 -12.77 -2.81
C ILE A 174 33.15 -13.47 -1.63
N MET A 175 33.36 -14.79 -1.58
CA MET A 175 32.86 -15.63 -0.50
C MET A 175 33.99 -16.43 0.13
N TRP A 176 34.06 -16.38 1.46
CA TRP A 176 34.97 -17.25 2.19
C TRP A 176 34.20 -18.02 3.26
N GLY A 177 34.80 -19.09 3.78
CA GLY A 177 34.21 -19.79 4.91
C GLY A 177 35.08 -19.84 6.15
N ILE A 178 34.45 -20.15 7.27
CA ILE A 178 35.12 -20.27 8.55
C ILE A 178 34.68 -21.55 9.23
N HIS A 179 35.51 -22.59 9.08
CA HIS A 179 35.31 -23.86 9.78
C HIS A 179 35.18 -23.71 11.29
N HIS A 180 34.42 -24.62 11.89
CA HIS A 180 34.24 -24.72 13.34
C HIS A 180 34.22 -26.19 13.75
N PRO A 181 35.37 -26.71 14.20
CA PRO A 181 35.55 -28.13 14.58
C PRO A 181 34.66 -28.51 15.77
N SER A 182 34.33 -29.80 15.89
CA SER A 182 33.53 -30.26 17.03
C SER A 182 34.32 -30.38 18.34
N SER A 183 35.52 -30.94 18.27
CA SER A 183 36.32 -31.14 19.49
C SER A 183 37.67 -30.39 19.47
N THR A 184 38.28 -30.29 20.64
CA THR A 184 39.64 -29.78 20.78
C THR A 184 40.68 -30.65 20.08
N GLN A 185 40.54 -31.97 20.21
CA GLN A 185 41.41 -32.93 19.53
C GLN A 185 41.46 -32.65 18.03
N GLU A 186 40.27 -32.74 17.43
CA GLU A 186 40.01 -32.42 16.03
C GLU A 186 40.63 -31.09 15.62
N LYS A 187 40.40 -30.07 16.44
CA LYS A 187 40.93 -28.74 16.22
C LYS A 187 42.45 -28.76 16.10
N ASN A 188 43.08 -29.25 17.16
CA ASN A 188 44.54 -29.36 17.22
C ASN A 188 45.10 -30.15 16.05
N ASP A 189 44.32 -31.12 15.57
CA ASP A 189 44.75 -31.94 14.45
C ASP A 189 44.72 -31.15 13.14
N LEU A 190 43.72 -30.29 12.99
CA LEU A 190 43.56 -29.59 11.72
C LEU A 190 44.43 -28.33 11.60
N TYR A 191 44.53 -27.57 12.68
CA TYR A 191 45.19 -26.27 12.62
C TYR A 191 46.28 -26.09 13.67
N GLY A 192 46.30 -26.98 14.65
CA GLY A 192 47.33 -26.93 15.69
C GLY A 192 46.77 -26.54 17.05
N THR A 193 47.64 -26.49 18.05
CA THR A 193 47.23 -26.20 19.42
C THR A 193 47.14 -24.69 19.65
N GLN A 194 47.62 -23.91 18.69
CA GLN A 194 47.68 -22.46 18.81
C GLN A 194 46.30 -21.82 18.76
N SER A 195 46.23 -20.56 19.17
CA SER A 195 44.96 -19.83 19.22
C SER A 195 44.66 -19.21 17.86
N LEU A 196 43.51 -19.57 17.30
CA LEU A 196 43.22 -19.27 15.89
C LEU A 196 42.55 -17.93 15.70
N SER A 197 42.82 -17.30 14.56
CA SER A 197 42.20 -16.03 14.21
C SER A 197 42.30 -15.76 12.72
N ILE A 198 41.16 -15.41 12.13
CA ILE A 198 41.10 -15.00 10.73
C ILE A 198 40.69 -13.53 10.70
N SER A 199 41.21 -12.76 9.77
CA SER A 199 40.77 -11.38 9.62
C SER A 199 40.71 -10.96 8.16
N VAL A 200 39.59 -10.35 7.79
CA VAL A 200 39.34 -9.93 6.42
C VAL A 200 39.35 -8.41 6.37
N GLY A 201 39.97 -7.85 5.34
CA GLY A 201 40.05 -6.39 5.27
C GLY A 201 40.14 -5.81 3.87
N SER A 202 39.29 -4.82 3.61
CA SER A 202 39.36 -4.06 2.37
C SER A 202 39.12 -2.59 2.67
N SER A 203 39.06 -1.77 1.61
CA SER A 203 38.69 -0.37 1.77
C SER A 203 37.31 -0.22 2.42
N THR A 204 36.36 -1.01 1.95
CA THR A 204 34.96 -0.86 2.34
C THR A 204 34.49 -1.92 3.34
N TYR A 205 35.41 -2.78 3.78
CA TYR A 205 35.02 -3.91 4.63
C TYR A 205 36.13 -4.26 5.63
N ARG A 206 35.71 -4.71 6.81
CA ARG A 206 36.65 -5.12 7.86
C ARG A 206 35.97 -6.05 8.86
N ASN A 207 36.50 -7.26 9.00
CA ASN A 207 35.95 -8.19 9.98
C ASN A 207 36.99 -9.12 10.60
N ASN A 208 36.64 -9.65 11.78
CA ASN A 208 37.52 -10.58 12.49
C ASN A 208 36.74 -11.83 12.91
N PHE A 209 37.13 -12.97 12.36
CA PHE A 209 36.47 -14.24 12.68
C PHE A 209 37.36 -15.14 13.53
N VAL A 210 36.73 -15.92 14.41
CA VAL A 210 37.46 -16.86 15.25
C VAL A 210 36.73 -18.21 15.26
N PRO A 211 37.47 -19.29 14.98
CA PRO A 211 36.84 -20.62 15.04
C PRO A 211 36.46 -20.98 16.47
N VAL A 212 35.46 -21.84 16.62
CA VAL A 212 34.98 -22.23 17.95
C VAL A 212 34.68 -23.73 17.98
N VAL A 213 35.27 -24.42 18.95
CA VAL A 213 34.94 -25.82 19.16
C VAL A 213 33.77 -25.97 20.14
N GLY A 214 32.78 -26.75 19.71
CA GLY A 214 31.65 -27.11 20.55
C GLY A 214 31.09 -28.44 20.08
N ALA A 215 30.35 -29.12 20.94
CA ALA A 215 29.70 -30.35 20.54
C ALA A 215 28.30 -30.06 20.00
N ARG A 216 27.98 -30.65 18.86
CA ARG A 216 26.69 -30.47 18.21
C ARG A 216 26.26 -31.80 17.60
N PRO A 217 25.01 -31.89 17.12
CA PRO A 217 24.65 -33.12 16.43
C PRO A 217 25.39 -33.26 15.09
N GLN A 218 25.18 -34.37 14.40
CA GLN A 218 25.82 -34.57 13.10
C GLN A 218 24.83 -34.36 11.96
N VAL A 219 25.23 -33.59 10.96
CA VAL A 219 24.45 -33.42 9.75
C VAL A 219 25.24 -33.97 8.57
N ASN A 220 24.63 -34.87 7.81
CA ASN A 220 25.31 -35.61 6.76
C ASN A 220 26.55 -36.31 7.32
N GLY A 221 26.40 -36.87 8.51
CA GLY A 221 27.48 -37.58 9.18
C GLY A 221 28.61 -36.67 9.58
N GLN A 222 28.34 -35.37 9.67
CA GLN A 222 29.35 -34.39 10.04
C GLN A 222 28.96 -33.53 11.25
N SER A 223 29.86 -33.46 12.22
CA SER A 223 29.60 -32.73 13.45
C SER A 223 30.27 -31.37 13.42
N GLY A 224 31.09 -31.13 12.40
CA GLY A 224 31.76 -29.85 12.23
C GLY A 224 30.85 -28.86 11.56
N ARG A 225 31.29 -27.61 11.45
CA ARG A 225 30.52 -26.59 10.74
C ARG A 225 31.42 -25.77 9.81
N ILE A 226 30.83 -25.21 8.75
CA ILE A 226 31.54 -24.25 7.93
C ILE A 226 30.66 -23.02 7.73
N ASP A 227 30.95 -21.94 8.47
CA ASP A 227 30.09 -20.76 8.41
C ASP A 227 30.57 -19.83 7.30
N PHE A 228 29.68 -19.55 6.35
CA PHE A 228 30.06 -18.79 5.17
C PHE A 228 29.82 -17.29 5.37
N HIS A 229 30.65 -16.51 4.70
CA HIS A 229 30.60 -15.05 4.77
C HIS A 229 30.97 -14.50 3.40
N TRP A 230 30.46 -13.32 3.09
CA TRP A 230 30.62 -12.77 1.76
C TRP A 230 30.62 -11.26 1.75
N THR A 231 31.13 -10.68 0.67
CA THR A 231 31.16 -9.23 0.54
C THR A 231 31.42 -8.78 -0.89
N LEU A 232 30.96 -7.57 -1.19
CA LEU A 232 31.23 -6.94 -2.46
C LEU A 232 32.54 -6.17 -2.42
N VAL A 233 33.26 -6.19 -3.54
CA VAL A 233 34.62 -5.68 -3.61
C VAL A 233 34.73 -4.78 -4.83
N GLN A 234 34.85 -3.48 -4.56
CA GLN A 234 34.80 -2.45 -5.59
C GLN A 234 36.01 -2.57 -6.51
N PRO A 235 35.87 -2.10 -7.76
CA PRO A 235 36.99 -2.06 -8.71
C PRO A 235 38.23 -1.39 -8.13
N GLY A 236 39.40 -1.86 -8.54
CA GLY A 236 40.66 -1.27 -8.11
C GLY A 236 40.90 -1.25 -6.62
N ASP A 237 40.45 -2.31 -5.94
CA ASP A 237 40.61 -2.43 -4.49
C ASP A 237 41.17 -3.79 -4.12
N ASN A 238 41.77 -3.91 -2.93
CA ASN A 238 42.32 -5.18 -2.50
C ASN A 238 41.51 -5.71 -1.32
N ILE A 239 41.28 -7.01 -1.29
CA ILE A 239 40.73 -7.66 -0.10
C ILE A 239 41.77 -8.65 0.43
N THR A 240 42.05 -8.55 1.73
CA THR A 240 43.16 -9.27 2.34
C THR A 240 42.70 -10.16 3.47
N PHE A 241 43.16 -11.42 3.43
CA PHE A 241 42.90 -12.41 4.45
C PHE A 241 44.17 -12.65 5.25
N SER A 242 44.05 -12.60 6.57
CA SER A 242 45.16 -12.91 7.46
C SER A 242 44.72 -13.99 8.42
N HIS A 243 45.24 -15.20 8.23
CA HIS A 243 44.70 -16.35 8.97
C HIS A 243 45.76 -17.26 9.59
N ASN A 244 45.43 -17.77 10.78
CA ASN A 244 46.25 -18.74 11.49
C ASN A 244 45.73 -20.16 11.28
N GLY A 245 44.75 -20.30 10.38
CA GLY A 245 44.09 -21.56 10.18
C GLY A 245 42.62 -21.54 10.55
N GLY A 246 41.83 -22.38 9.92
CA GLY A 246 40.39 -22.39 10.08
C GLY A 246 39.66 -21.59 9.01
N LEU A 247 40.42 -20.93 8.15
CA LEU A 247 39.84 -20.19 7.02
C LEU A 247 39.58 -21.10 5.82
N ILE A 248 38.33 -21.13 5.36
CA ILE A 248 38.02 -21.78 4.10
C ILE A 248 38.19 -20.73 3.01
N ALA A 249 39.32 -20.78 2.30
CA ALA A 249 39.72 -19.65 1.46
C ALA A 249 39.15 -19.75 0.05
N PRO A 250 38.74 -18.61 -0.52
CA PRO A 250 38.27 -18.59 -1.91
C PRO A 250 39.38 -18.88 -2.90
N SER A 251 39.12 -19.76 -3.86
CA SER A 251 40.02 -19.94 -4.99
C SER A 251 39.58 -19.08 -6.16
N ARG A 252 38.28 -19.01 -6.37
CA ARG A 252 37.72 -18.08 -7.34
C ARG A 252 36.68 -17.14 -6.72
N VAL A 253 36.53 -15.97 -7.32
CA VAL A 253 35.52 -14.99 -6.93
C VAL A 253 34.43 -14.90 -8.00
N SER A 254 33.29 -14.34 -7.61
CA SER A 254 32.12 -14.30 -8.49
C SER A 254 31.77 -12.87 -8.94
N LYS A 255 31.25 -12.77 -10.16
CA LYS A 255 30.84 -11.52 -10.76
C LYS A 255 29.41 -11.63 -11.27
N LEU A 256 28.46 -11.17 -10.46
CA LEU A 256 27.05 -11.11 -10.85
C LEU A 256 26.82 -10.08 -11.95
N ILE A 257 26.51 -10.55 -13.15
CA ILE A 257 26.36 -9.67 -14.30
C ILE A 257 24.90 -9.41 -14.64
N GLY A 258 24.56 -8.16 -14.90
CA GLY A 258 23.27 -7.81 -15.47
C GLY A 258 22.06 -7.93 -14.56
N ARG A 259 20.88 -7.97 -15.17
CA ARG A 259 19.62 -8.13 -14.47
C ARG A 259 18.86 -9.35 -14.97
N GLY A 260 18.19 -10.05 -14.06
CA GLY A 260 17.33 -11.16 -14.44
C GLY A 260 16.08 -11.25 -13.58
N LEU A 261 15.16 -12.12 -13.98
CA LEU A 261 13.96 -12.39 -13.19
C LEU A 261 14.12 -13.70 -12.43
N GLY A 262 13.80 -13.69 -11.15
CA GLY A 262 14.07 -14.83 -10.29
C GLY A 262 12.80 -15.54 -9.85
N ILE A 263 12.62 -16.75 -10.35
CA ILE A 263 11.38 -17.50 -10.12
C ILE A 263 11.61 -18.75 -9.28
N GLN A 264 10.90 -18.86 -8.16
CA GLN A 264 10.86 -20.10 -7.40
C GLN A 264 9.58 -20.85 -7.75
N SER A 265 9.71 -21.97 -8.47
CA SER A 265 8.52 -22.67 -8.95
C SER A 265 8.67 -24.20 -8.96
N ASP A 266 7.55 -24.88 -8.70
CA ASP A 266 7.47 -26.32 -8.86
C ASP A 266 7.37 -26.76 -10.32
N ALA A 267 6.71 -25.93 -11.13
CA ALA A 267 6.32 -26.34 -12.48
C ALA A 267 7.49 -26.60 -13.42
N PRO A 268 7.36 -27.63 -14.26
CA PRO A 268 8.38 -27.91 -15.27
C PRO A 268 8.30 -26.94 -16.44
N ILE A 269 9.40 -26.79 -17.17
CA ILE A 269 9.46 -25.79 -18.22
C ILE A 269 8.74 -26.23 -19.50
N ASP A 270 8.02 -25.29 -20.09
CA ASP A 270 7.60 -25.41 -21.48
C ASP A 270 8.32 -24.33 -22.26
N ASN A 271 9.15 -24.74 -23.22
CA ASN A 271 9.92 -23.78 -23.99
C ASN A 271 9.24 -23.45 -25.31
N ASN A 272 7.91 -23.44 -25.28
CA ASN A 272 7.12 -23.04 -26.45
C ASN A 272 5.98 -22.11 -26.05
N CYS A 273 5.77 -21.99 -24.74
CA CYS A 273 4.94 -20.94 -24.16
C CYS A 273 5.62 -19.57 -24.12
N GLU A 274 4.87 -18.53 -24.44
CA GLU A 274 5.29 -17.17 -24.07
C GLU A 274 4.49 -16.69 -22.86
N SER A 275 5.17 -16.00 -21.95
CA SER A 275 4.53 -15.52 -20.72
C SER A 275 5.37 -14.45 -20.03
N LYS A 276 4.74 -13.69 -19.15
CA LYS A 276 5.41 -12.59 -18.43
C LYS A 276 5.07 -12.61 -16.95
N CYS A 277 4.11 -13.46 -16.58
CA CYS A 277 3.66 -13.56 -15.20
C CYS A 277 3.79 -14.99 -14.69
N PHE A 278 4.46 -15.17 -13.55
CA PHE A 278 4.67 -16.50 -13.01
C PHE A 278 4.37 -16.60 -11.51
N TRP A 279 4.19 -17.82 -11.05
CA TRP A 279 4.04 -18.12 -9.62
C TRP A 279 4.52 -19.54 -9.37
N ARG A 280 4.33 -20.02 -8.14
CA ARG A 280 5.05 -21.22 -7.67
C ARG A 280 4.71 -22.45 -8.53
N GLY A 281 3.45 -22.62 -8.91
CA GLY A 281 3.15 -23.63 -9.91
C GLY A 281 2.58 -23.01 -11.16
N GLY A 282 3.28 -23.16 -12.28
CA GLY A 282 2.77 -22.64 -13.54
C GLY A 282 3.00 -21.17 -13.78
N SER A 283 2.38 -20.67 -14.85
CA SER A 283 2.47 -19.26 -15.20
C SER A 283 1.08 -18.76 -15.61
N ILE A 284 0.97 -17.47 -15.89
CA ILE A 284 -0.31 -16.87 -16.22
C ILE A 284 -0.29 -16.06 -17.52
N ASN A 285 -1.14 -16.46 -18.46
CA ASN A 285 -1.35 -15.69 -19.69
C ASN A 285 -2.80 -15.31 -19.83
N THR A 286 -3.12 -14.06 -19.46
CA THR A 286 -4.47 -13.55 -19.57
C THR A 286 -4.52 -12.12 -20.08
N ARG A 287 -5.71 -11.68 -20.46
CA ARG A 287 -5.95 -10.29 -20.82
C ARG A 287 -6.72 -9.57 -19.71
N LEU A 288 -7.25 -10.34 -18.77
CA LEU A 288 -8.01 -9.79 -17.65
C LEU A 288 -7.12 -8.96 -16.73
N PRO A 289 -7.70 -8.00 -16.01
CA PRO A 289 -6.95 -7.14 -15.09
C PRO A 289 -6.78 -7.71 -13.68
N PHE A 290 -7.63 -8.67 -13.31
CA PHE A 290 -7.54 -9.28 -11.99
C PHE A 290 -7.27 -10.78 -12.06
N GLN A 291 -6.88 -11.37 -10.94
CA GLN A 291 -6.46 -12.77 -10.90
C GLN A 291 -6.81 -13.45 -9.57
N ASN A 292 -7.09 -14.75 -9.62
CA ASN A 292 -7.61 -15.50 -8.48
C ASN A 292 -6.67 -16.60 -7.96
N LEU A 293 -5.67 -16.95 -8.74
CA LEU A 293 -4.86 -18.14 -8.47
C LEU A 293 -4.01 -18.07 -7.20
N SER A 294 -3.26 -16.97 -7.04
CA SER A 294 -2.18 -16.92 -6.06
C SER A 294 -1.85 -15.50 -5.62
N PRO A 295 -1.79 -15.27 -4.30
CA PRO A 295 -1.43 -13.96 -3.76
C PRO A 295 0.07 -13.66 -3.92
N ARG A 296 0.85 -14.67 -4.25
CA ARG A 296 2.29 -14.48 -4.46
C ARG A 296 2.70 -14.80 -5.89
N THR A 297 2.62 -13.81 -6.77
CA THR A 297 3.12 -13.97 -8.13
C THR A 297 4.32 -13.06 -8.37
N VAL A 298 5.02 -13.28 -9.48
CA VAL A 298 6.26 -12.55 -9.77
C VAL A 298 6.29 -12.15 -11.23
N GLY A 299 6.71 -10.93 -11.52
CA GLY A 299 6.72 -10.43 -12.88
C GLY A 299 5.62 -9.43 -13.18
N GLN A 300 5.25 -9.37 -14.46
CA GLN A 300 4.22 -8.45 -14.93
C GLN A 300 2.85 -9.11 -14.92
N CYS A 301 2.23 -9.15 -13.74
CA CYS A 301 1.03 -9.95 -13.54
C CYS A 301 -0.20 -9.09 -13.19
N PRO A 302 -1.40 -9.58 -13.57
CA PRO A 302 -2.67 -9.06 -13.05
C PRO A 302 -2.71 -9.07 -11.53
N LYS A 303 -3.60 -8.26 -10.94
CA LYS A 303 -3.61 -8.08 -9.50
C LYS A 303 -4.51 -9.11 -8.80
N TYR A 304 -4.02 -9.63 -7.68
CA TYR A 304 -4.73 -10.64 -6.91
C TYR A 304 -5.89 -10.04 -6.12
N VAL A 305 -7.09 -10.58 -6.32
CA VAL A 305 -8.25 -10.16 -5.54
C VAL A 305 -8.82 -11.32 -4.72
N ASN A 306 -9.33 -11.01 -3.53
CA ASN A 306 -10.00 -12.01 -2.69
C ASN A 306 -11.44 -12.30 -3.09
N ARG A 307 -11.68 -12.53 -4.38
CA ARG A 307 -13.04 -12.83 -4.85
C ARG A 307 -13.06 -13.94 -5.88
N ARG A 308 -13.91 -14.94 -5.64
CA ARG A 308 -14.00 -16.11 -6.50
C ARG A 308 -14.53 -15.71 -7.89
N SER A 309 -15.50 -14.82 -7.92
CA SER A 309 -16.09 -14.37 -9.16
C SER A 309 -16.50 -12.89 -9.10
N LEU A 310 -16.24 -12.17 -10.19
CA LEU A 310 -16.70 -10.79 -10.32
C LEU A 310 -17.20 -10.53 -11.73
N MET A 311 -18.51 -10.67 -11.94
CA MET A 311 -19.08 -10.64 -13.28
C MET A 311 -19.41 -9.23 -13.74
N LEU A 312 -19.13 -8.94 -15.00
CA LEU A 312 -19.32 -7.61 -15.57
C LEU A 312 -20.31 -7.65 -16.73
N ALA A 313 -21.38 -6.87 -16.59
CA ALA A 313 -22.47 -6.82 -17.57
C ALA A 313 -22.04 -6.25 -18.91
N THR A 314 -22.30 -7.00 -19.98
CA THR A 314 -22.06 -6.52 -21.33
C THR A 314 -23.37 -6.34 -22.10
N MET A 316 -28.08 -5.04 -21.37
CA MET A 316 -29.14 -4.29 -20.70
C MET A 316 -29.85 -5.16 -19.66
N ARG A 317 -30.78 -4.57 -18.94
CA ARG A 317 -31.62 -5.34 -18.01
C ARG A 317 -32.48 -6.34 -18.77
N ASN A 318 -32.21 -7.62 -18.57
CA ASN A 318 -32.92 -8.68 -19.27
C ASN A 318 -34.26 -9.03 -18.62
N VAL A 319 -35.32 -8.42 -19.12
CA VAL A 319 -36.67 -8.79 -18.69
C VAL A 319 -37.39 -9.59 -19.77
N PRO A 320 -37.94 -10.76 -19.39
CA PRO A 320 -38.64 -11.66 -20.31
C PRO A 320 -40.15 -11.63 -20.12
N LEU B 2 -33.75 4.57 -14.22
CA LEU B 2 -33.19 5.87 -14.56
C LEU B 2 -33.92 6.48 -15.76
N PHE B 3 -34.10 5.67 -16.79
CA PHE B 3 -34.91 6.07 -17.95
C PHE B 3 -36.16 5.20 -18.02
N GLY B 4 -37.26 5.80 -18.45
CA GLY B 4 -38.56 5.13 -18.43
C GLY B 4 -38.69 3.81 -19.16
N ALA B 5 -37.84 3.59 -20.16
CA ALA B 5 -38.11 2.55 -21.16
C ALA B 5 -37.98 1.10 -20.70
N ILE B 6 -36.78 0.67 -20.30
CA ILE B 6 -36.49 -0.77 -20.19
C ILE B 6 -37.26 -1.48 -19.07
N ALA B 7 -37.25 -0.92 -17.87
CA ALA B 7 -37.92 -1.53 -16.74
C ALA B 7 -39.24 -0.85 -16.40
N GLY B 8 -39.64 0.13 -17.21
CA GLY B 8 -40.79 0.95 -16.89
C GLY B 8 -42.00 0.73 -17.78
N PHE B 9 -42.14 1.53 -18.83
CA PHE B 9 -43.36 1.47 -19.63
C PHE B 9 -43.26 0.40 -20.72
N LEU B 10 -42.05 -0.11 -20.95
CA LEU B 10 -41.90 -1.37 -21.66
C LEU B 10 -41.72 -2.50 -20.64
N GLU B 11 -42.80 -3.23 -20.39
CA GLU B 11 -42.80 -4.24 -19.34
C GLU B 11 -41.92 -5.43 -19.70
N ASN B 12 -41.90 -5.78 -20.98
CA ASN B 12 -41.30 -7.03 -21.42
C ASN B 12 -40.38 -6.79 -22.63
N GLY B 13 -39.45 -7.71 -22.87
CA GLY B 13 -38.59 -7.64 -24.03
C GLY B 13 -39.00 -8.65 -25.09
N TRP B 14 -38.47 -8.49 -26.30
CA TRP B 14 -38.83 -9.41 -27.38
C TRP B 14 -37.76 -10.47 -27.61
N GLU B 15 -38.00 -11.66 -27.07
CA GLU B 15 -37.07 -12.78 -27.22
C GLU B 15 -36.94 -13.22 -28.66
N GLY B 16 -38.06 -13.19 -29.40
CA GLY B 16 -38.09 -13.67 -30.77
C GLY B 16 -37.13 -12.93 -31.67
N MET B 17 -37.03 -11.62 -31.48
CA MET B 17 -36.11 -10.79 -32.25
C MET B 17 -34.67 -11.03 -31.77
N VAL B 18 -33.77 -11.33 -32.71
CA VAL B 18 -32.41 -11.72 -32.36
C VAL B 18 -31.33 -10.87 -33.02
N ASP B 19 -31.69 -10.15 -34.09
CA ASP B 19 -30.72 -9.37 -34.84
C ASP B 19 -30.16 -8.18 -34.06
N GLY B 20 -31.02 -7.48 -33.32
CA GLY B 20 -30.61 -6.24 -32.68
C GLY B 20 -31.07 -6.05 -31.26
N TRP B 21 -30.40 -5.15 -30.54
CA TRP B 21 -30.79 -4.80 -29.18
C TRP B 21 -32.10 -4.01 -29.13
N TYR B 22 -32.54 -3.53 -30.29
CA TYR B 22 -33.50 -2.44 -30.38
C TYR B 22 -34.29 -2.62 -31.68
N GLY B 23 -35.61 -2.52 -31.61
CA GLY B 23 -36.40 -2.89 -32.77
C GLY B 23 -37.77 -2.28 -32.98
N PHE B 24 -38.26 -2.45 -34.21
CA PHE B 24 -39.55 -1.98 -34.66
C PHE B 24 -40.48 -3.14 -34.97
N ARG B 25 -41.68 -3.12 -34.41
CA ARG B 25 -42.70 -4.09 -34.79
C ARG B 25 -43.99 -3.34 -35.10
N HIS B 26 -44.66 -3.72 -36.19
CA HIS B 26 -45.87 -2.99 -36.58
C HIS B 26 -47.00 -3.90 -37.01
N GLN B 27 -48.22 -3.37 -36.92
CA GLN B 27 -49.40 -4.01 -37.49
C GLN B 27 -50.07 -3.07 -38.49
N ASN B 28 -50.36 -3.58 -39.68
CA ASN B 28 -51.09 -2.82 -40.68
C ASN B 28 -52.03 -3.74 -41.43
N ALA B 29 -52.84 -3.17 -42.33
CA ALA B 29 -53.90 -3.91 -43.01
C ALA B 29 -53.37 -5.17 -43.70
N GLN B 30 -52.16 -5.09 -44.23
CA GLN B 30 -51.52 -6.25 -44.87
C GLN B 30 -51.13 -7.33 -43.87
N GLY B 31 -50.48 -6.92 -42.78
CA GLY B 31 -49.95 -7.87 -41.82
C GLY B 31 -49.09 -7.25 -40.73
N THR B 32 -48.37 -8.09 -39.99
CA THR B 32 -47.51 -7.59 -38.92
C THR B 32 -46.04 -7.91 -39.21
N GLY B 33 -45.17 -6.91 -39.01
CA GLY B 33 -43.76 -7.09 -39.31
C GLY B 33 -42.76 -6.69 -38.24
N GLN B 34 -41.66 -7.44 -38.19
CA GLN B 34 -40.56 -7.20 -37.25
C GLN B 34 -39.25 -6.82 -37.98
N ALA B 35 -38.61 -5.75 -37.52
CA ALA B 35 -37.33 -5.31 -38.09
C ALA B 35 -36.45 -4.66 -37.02
N ALA B 36 -35.17 -4.50 -37.30
CA ALA B 36 -34.24 -3.93 -36.31
C ALA B 36 -33.57 -2.64 -36.80
N ASP B 37 -33.41 -1.69 -35.88
CA ASP B 37 -32.77 -0.41 -36.19
C ASP B 37 -31.27 -0.45 -35.87
N TYR B 38 -30.46 -0.41 -36.91
CA TYR B 38 -29.00 -0.63 -36.82
C TYR B 38 -28.27 0.31 -35.85
N LYS B 39 -28.36 1.62 -36.11
CA LYS B 39 -27.56 2.63 -35.40
C LYS B 39 -27.76 2.62 -33.89
N SER B 40 -29.01 2.46 -33.46
CA SER B 40 -29.33 2.49 -32.04
C SER B 40 -28.66 1.36 -31.27
N THR B 41 -28.68 0.17 -31.84
CA THR B 41 -27.99 -0.98 -31.27
C THR B 41 -26.48 -0.80 -31.31
N GLN B 42 -25.98 -0.36 -32.47
CA GLN B 42 -24.55 -0.21 -32.67
C GLN B 42 -23.89 0.80 -31.74
N ALA B 43 -24.56 1.90 -31.42
CA ALA B 43 -24.02 2.85 -30.44
C ALA B 43 -23.68 2.16 -29.12
N ALA B 44 -24.62 1.33 -28.66
CA ALA B 44 -24.50 0.69 -27.36
C ALA B 44 -23.46 -0.41 -27.41
N ILE B 45 -23.49 -1.21 -28.47
CA ILE B 45 -22.44 -2.19 -28.71
C ILE B 45 -21.06 -1.54 -28.68
N ASP B 46 -20.94 -0.39 -29.35
CA ASP B 46 -19.68 0.35 -29.42
C ASP B 46 -19.22 0.84 -28.05
N GLN B 47 -20.15 1.20 -27.18
CA GLN B 47 -19.74 1.68 -25.86
C GLN B 47 -19.40 0.51 -24.95
N ILE B 48 -20.07 -0.62 -25.17
CA ILE B 48 -19.78 -1.85 -24.43
C ILE B 48 -18.37 -2.32 -24.74
N THR B 49 -18.06 -2.41 -26.03
CA THR B 49 -16.74 -2.85 -26.45
C THR B 49 -15.70 -1.79 -26.10
N GLY B 50 -16.14 -0.55 -25.97
CA GLY B 50 -15.26 0.48 -25.44
C GLY B 50 -14.85 0.15 -24.01
N LYS B 51 -15.84 -0.26 -23.21
CA LYS B 51 -15.58 -0.66 -21.84
C LYS B 51 -14.62 -1.85 -21.81
N LEU B 52 -14.96 -2.90 -22.54
CA LEU B 52 -14.12 -4.10 -22.59
C LEU B 52 -12.69 -3.76 -23.01
N ASN B 53 -12.56 -2.81 -23.95
CA ASN B 53 -11.25 -2.35 -24.37
C ASN B 53 -10.50 -1.68 -23.23
N ARG B 54 -11.22 -0.90 -22.42
CA ARG B 54 -10.61 -0.29 -21.24
C ARG B 54 -10.17 -1.35 -20.21
N LEU B 55 -10.95 -2.41 -20.11
CA LEU B 55 -10.68 -3.50 -19.16
C LEU B 55 -9.35 -4.21 -19.39
N VAL B 56 -8.91 -4.30 -20.63
CA VAL B 56 -7.69 -5.01 -20.96
C VAL B 56 -6.52 -4.05 -21.17
N THR B 59 -1.45 -1.68 -18.08
CA THR B 59 -0.33 -2.40 -18.67
C THR B 59 0.72 -2.77 -17.62
N ASN B 60 1.79 -3.41 -18.08
CA ASN B 60 2.78 -4.05 -17.21
C ASN B 60 3.58 -3.13 -16.29
N THR B 61 3.69 -3.55 -15.03
CA THR B 61 4.78 -3.13 -14.15
C THR B 61 5.38 -4.39 -13.54
N GLU B 62 6.70 -4.52 -13.61
CA GLU B 62 7.36 -5.78 -13.24
C GLU B 62 7.77 -5.84 -11.75
N PHE B 63 7.18 -6.79 -11.03
CA PHE B 63 7.50 -7.01 -9.63
C PHE B 63 8.36 -8.26 -9.45
N GLU B 64 9.27 -8.21 -8.47
CA GLU B 64 10.06 -9.39 -8.12
C GLU B 64 9.57 -9.99 -6.81
N SER B 65 10.00 -11.21 -6.52
CA SER B 65 9.65 -11.88 -5.28
C SER B 65 10.28 -11.21 -4.07
N ILE B 66 9.48 -10.97 -3.03
CA ILE B 66 10.00 -10.47 -1.76
C ILE B 66 9.75 -11.50 -0.67
N GLU B 67 9.06 -12.58 -1.02
CA GLU B 67 8.82 -13.69 -0.13
C GLU B 67 9.44 -14.96 -0.69
N SER B 68 10.46 -15.49 -0.02
CA SER B 68 10.99 -16.79 -0.39
C SER B 68 9.92 -17.85 -0.12
N GLU B 69 9.92 -18.92 -0.90
CA GLU B 69 8.97 -20.00 -0.70
C GLU B 69 9.64 -21.32 -0.32
N PHE B 70 10.94 -21.43 -0.55
CA PHE B 70 11.68 -22.64 -0.21
C PHE B 70 12.64 -22.37 0.95
N SER B 71 12.95 -21.11 1.18
CA SER B 71 13.68 -20.69 2.37
C SER B 71 12.73 -19.95 3.31
N GLU B 72 13.00 -20.05 4.61
CA GLU B 72 12.20 -19.32 5.59
C GLU B 72 12.63 -17.85 5.63
N ILE B 73 11.76 -16.99 6.13
CA ILE B 73 12.01 -15.56 6.20
C ILE B 73 12.07 -15.12 7.65
N GLU B 74 12.76 -14.03 7.92
CA GLU B 74 12.82 -13.48 9.28
C GLU B 74 11.40 -13.13 9.71
N HIS B 75 11.11 -13.32 10.99
CA HIS B 75 9.74 -13.22 11.50
C HIS B 75 9.14 -11.83 11.34
N GLN B 76 9.79 -10.84 11.96
CA GLN B 76 9.31 -9.47 12.01
C GLN B 76 9.06 -8.91 10.61
N ILE B 77 10.09 -8.95 9.76
CA ILE B 77 9.94 -8.51 8.38
C ILE B 77 8.90 -9.38 7.68
N GLY B 78 8.86 -10.66 8.04
CA GLY B 78 7.98 -11.63 7.41
C GLY B 78 6.53 -11.22 7.49
N ASN B 79 6.08 -10.80 8.67
CA ASN B 79 4.66 -10.51 8.82
C ASN B 79 4.38 -9.01 8.76
N VAL B 80 5.43 -8.20 8.75
CA VAL B 80 5.30 -6.84 8.25
C VAL B 80 4.96 -6.91 6.75
N ILE B 81 5.50 -7.93 6.09
CA ILE B 81 5.26 -8.15 4.67
C ILE B 81 3.88 -8.77 4.48
N ASN B 82 3.53 -9.72 5.34
CA ASN B 82 2.16 -10.23 5.36
C ASN B 82 1.15 -9.09 5.52
N TRP B 83 1.50 -8.12 6.37
CA TRP B 83 0.62 -6.98 6.61
C TRP B 83 0.47 -6.14 5.35
N THR B 84 1.61 -5.81 4.74
CA THR B 84 1.59 -4.98 3.54
C THR B 84 0.79 -5.63 2.41
N LYS B 85 0.98 -6.94 2.24
CA LYS B 85 0.36 -7.65 1.14
C LYS B 85 -1.14 -7.83 1.37
N ASP B 86 -1.53 -8.07 2.62
CA ASP B 86 -2.95 -8.15 2.94
C ASP B 86 -3.63 -6.79 2.73
N SER B 87 -2.93 -5.71 3.05
CA SER B 87 -3.51 -4.39 2.87
C SER B 87 -3.69 -4.06 1.38
N ILE B 88 -2.69 -4.42 0.59
CA ILE B 88 -2.77 -4.21 -0.86
C ILE B 88 -3.90 -5.05 -1.45
N THR B 89 -4.03 -6.28 -0.97
CA THR B 89 -5.07 -7.19 -1.46
C THR B 89 -6.47 -6.66 -1.15
N ASP B 90 -6.65 -6.18 0.08
CA ASP B 90 -7.92 -5.55 0.45
C ASP B 90 -8.24 -4.37 -0.46
N ILE B 91 -7.25 -3.51 -0.67
CA ILE B 91 -7.42 -2.37 -1.57
C ILE B 91 -7.89 -2.80 -2.96
N TRP B 92 -7.15 -3.72 -3.57
CA TRP B 92 -7.47 -4.16 -4.93
C TRP B 92 -8.80 -4.89 -5.07
N THR B 93 -9.16 -5.74 -4.10
CA THR B 93 -10.44 -6.43 -4.18
C THR B 93 -11.59 -5.44 -4.03
N TYR B 94 -11.42 -4.45 -3.15
CA TYR B 94 -12.42 -3.41 -2.98
C TYR B 94 -12.57 -2.61 -4.27
N GLN B 95 -11.43 -2.34 -4.91
CA GLN B 95 -11.39 -1.64 -6.19
C GLN B 95 -12.14 -2.41 -7.26
N ALA B 96 -11.95 -3.73 -7.27
CA ALA B 96 -12.58 -4.59 -8.27
C ALA B 96 -14.10 -4.56 -8.12
N GLU B 97 -14.57 -4.71 -6.87
CA GLU B 97 -16.01 -4.72 -6.64
C GLU B 97 -16.64 -3.37 -6.99
N LEU B 98 -15.99 -2.28 -6.59
CA LEU B 98 -16.52 -0.95 -6.89
C LEU B 98 -16.58 -0.68 -8.39
N LEU B 99 -15.50 -1.05 -9.07
CA LEU B 99 -15.38 -0.83 -10.51
C LEU B 99 -16.48 -1.57 -11.25
N VAL B 100 -16.61 -2.86 -10.91
CA VAL B 100 -17.60 -3.70 -11.57
C VAL B 100 -19.02 -3.19 -11.33
N ALA B 101 -19.33 -2.87 -10.07
CA ALA B 101 -20.69 -2.45 -9.74
C ALA B 101 -21.09 -1.14 -10.43
N MET B 102 -20.22 -0.14 -10.33
CA MET B 102 -20.53 1.16 -10.91
C MET B 102 -20.57 1.08 -12.45
N GLU B 103 -19.64 0.34 -13.04
CA GLU B 103 -19.60 0.21 -14.50
C GLU B 103 -20.83 -0.51 -15.02
N ASN B 104 -21.31 -1.51 -14.27
CA ASN B 104 -22.54 -2.20 -14.65
C ASN B 104 -23.76 -1.29 -14.57
N GLN B 105 -23.83 -0.50 -13.50
CA GLN B 105 -24.95 0.43 -13.34
C GLN B 105 -25.00 1.42 -14.50
N HIS B 106 -23.83 1.93 -14.85
CA HIS B 106 -23.72 2.84 -15.99
C HIS B 106 -24.09 2.16 -17.30
N THR B 107 -23.71 0.90 -17.44
CA THR B 107 -23.99 0.14 -18.66
C THR B 107 -25.50 -0.05 -18.89
N ILE B 108 -26.18 -0.47 -17.83
CA ILE B 108 -27.63 -0.69 -17.93
C ILE B 108 -28.35 0.63 -18.20
N ASP B 109 -27.94 1.68 -17.49
CA ASP B 109 -28.63 2.96 -17.67
C ASP B 109 -28.28 3.58 -19.03
N MET B 110 -27.15 3.17 -19.59
CA MET B 110 -26.76 3.57 -20.94
C MET B 110 -27.66 2.94 -21.98
N ALA B 111 -27.88 1.63 -21.85
CA ALA B 111 -28.72 0.93 -22.82
C ALA B 111 -30.14 1.49 -22.76
N ASP B 112 -30.59 1.72 -21.53
CA ASP B 112 -31.89 2.33 -21.29
C ASP B 112 -31.98 3.71 -21.94
N SER B 113 -30.87 4.44 -21.88
CA SER B 113 -30.80 5.76 -22.50
C SER B 113 -30.92 5.66 -24.02
N GLU B 114 -30.25 4.67 -24.61
CA GLU B 114 -30.30 4.49 -26.06
C GLU B 114 -31.71 4.14 -26.52
N MET B 115 -32.40 3.33 -25.72
CA MET B 115 -33.79 3.01 -26.04
C MET B 115 -34.66 4.26 -25.98
N LEU B 116 -34.45 5.08 -24.95
CA LEU B 116 -35.22 6.31 -24.83
C LEU B 116 -34.95 7.22 -26.03
N ASN B 117 -33.70 7.24 -26.49
CA ASN B 117 -33.34 8.03 -27.65
C ASN B 117 -34.00 7.55 -28.94
N LEU B 118 -34.13 6.24 -29.10
CA LEU B 118 -34.82 5.71 -30.27
C LEU B 118 -36.30 6.10 -30.22
N TYR B 119 -36.88 5.97 -29.04
CA TYR B 119 -38.29 6.31 -28.84
C TYR B 119 -38.55 7.77 -29.17
N GLU B 120 -37.67 8.64 -28.69
CA GLU B 120 -37.78 10.07 -28.93
C GLU B 120 -37.63 10.39 -30.41
N ARG B 121 -36.67 9.74 -31.06
CA ARG B 121 -36.38 10.04 -32.46
C ARG B 121 -37.61 9.67 -33.29
N VAL B 122 -38.19 8.52 -32.98
CA VAL B 122 -39.37 8.07 -33.69
C VAL B 122 -40.55 9.01 -33.43
N ARG B 123 -40.74 9.43 -32.18
CA ARG B 123 -41.86 10.32 -31.86
C ARG B 123 -41.77 11.66 -32.59
N LYS B 124 -40.60 12.28 -32.56
CA LYS B 124 -40.39 13.54 -33.27
C LYS B 124 -40.56 13.35 -34.77
N GLN B 125 -40.11 12.20 -35.26
CA GLN B 125 -40.26 11.88 -36.68
C GLN B 125 -41.73 11.79 -37.09
N LEU B 126 -42.52 11.11 -36.28
CA LEU B 126 -43.95 10.91 -36.55
C LEU B 126 -44.78 12.18 -36.40
N ARG B 127 -44.41 13.02 -35.44
CA ARG B 127 -45.08 14.30 -35.20
C ARG B 127 -46.56 14.10 -34.86
N GLN B 128 -47.44 14.84 -35.54
CA GLN B 128 -48.88 14.84 -35.25
C GLN B 128 -49.59 13.54 -35.63
N ASN B 129 -49.11 12.88 -36.68
CA ASN B 129 -49.82 11.75 -37.27
C ASN B 129 -50.04 10.58 -36.31
N ALA B 130 -49.22 10.50 -35.27
CA ALA B 130 -49.33 9.40 -34.31
C ALA B 130 -49.45 9.89 -32.87
N GLU B 131 -49.88 9.00 -32.00
CA GLU B 131 -50.05 9.35 -30.58
C GLU B 131 -49.49 8.23 -29.70
N GLU B 132 -49.09 8.54 -28.48
CA GLU B 132 -48.48 7.49 -27.66
C GLU B 132 -49.34 6.99 -26.49
N ASP B 133 -49.63 5.70 -26.49
CA ASP B 133 -49.99 5.01 -25.27
C ASP B 133 -48.69 4.81 -24.52
N GLY B 134 -48.74 4.74 -23.19
CA GLY B 134 -47.51 4.54 -22.43
C GLY B 134 -47.11 3.09 -22.41
N LYS B 135 -47.05 2.49 -23.59
CA LYS B 135 -46.60 1.11 -23.76
C LYS B 135 -45.41 1.00 -24.71
N GLY B 136 -44.95 2.14 -25.23
CA GLY B 136 -43.87 2.15 -26.21
C GLY B 136 -44.29 2.12 -27.66
N CYS B 137 -45.59 2.05 -27.92
CA CYS B 137 -46.10 2.01 -29.29
C CYS B 137 -46.73 3.33 -29.70
N PHE B 138 -46.83 3.57 -31.01
CA PHE B 138 -47.50 4.75 -31.52
C PHE B 138 -48.76 4.43 -32.32
N GLU B 139 -49.90 4.82 -31.76
CA GLU B 139 -51.17 4.83 -32.47
C GLU B 139 -51.05 5.64 -33.76
N ILE B 140 -51.04 4.95 -34.89
CA ILE B 140 -50.97 5.62 -36.19
C ILE B 140 -52.38 5.76 -36.77
N TYR B 141 -52.80 6.99 -37.00
CA TYR B 141 -54.19 7.26 -37.38
C TYR B 141 -54.37 7.49 -38.87
N HIS B 142 -53.27 7.42 -39.62
CA HIS B 142 -53.35 7.35 -41.08
C HIS B 142 -52.79 6.01 -41.52
N ALA B 143 -53.44 5.36 -42.48
CA ALA B 143 -52.99 4.05 -42.94
C ALA B 143 -51.57 4.13 -43.46
N CYS B 144 -50.70 3.25 -42.96
CA CYS B 144 -49.30 3.28 -43.35
C CYS B 144 -48.90 2.02 -44.12
N ASP B 145 -48.50 2.23 -45.38
CA ASP B 145 -48.01 1.15 -46.22
C ASP B 145 -46.70 0.62 -45.64
N ASP B 146 -46.37 -0.63 -45.92
CA ASP B 146 -45.12 -1.22 -45.45
C ASP B 146 -43.92 -0.40 -45.93
N SER B 147 -44.02 0.11 -47.15
CA SER B 147 -43.03 1.04 -47.68
C SER B 147 -42.95 2.29 -46.80
N CYS B 148 -44.08 2.69 -46.25
CA CYS B 148 -44.13 3.82 -45.35
C CYS B 148 -43.66 3.41 -43.96
N MET B 149 -43.82 2.13 -43.64
CA MET B 149 -43.36 1.58 -42.37
C MET B 149 -41.84 1.67 -42.29
N GLU B 150 -41.17 1.14 -43.31
CA GLU B 150 -39.72 1.29 -43.34
C GLU B 150 -39.34 2.65 -43.93
N SER B 151 -40.32 3.49 -44.23
CA SER B 151 -40.05 4.91 -44.39
C SER B 151 -39.77 5.47 -43.00
N ILE B 152 -40.55 5.04 -42.01
CA ILE B 152 -40.27 5.44 -40.63
C ILE B 152 -38.94 4.83 -40.20
N ARG B 153 -38.77 3.54 -40.50
CA ARG B 153 -37.54 2.85 -40.09
C ARG B 153 -36.27 3.46 -40.71
N ASN B 154 -36.35 3.84 -41.99
CA ASN B 154 -35.24 4.52 -42.65
C ASN B 154 -34.91 5.89 -42.07
N ASN B 155 -35.95 6.57 -41.58
CA ASN B 155 -35.95 7.98 -41.16
C ASN B 155 -36.12 8.90 -42.37
N THR B 156 -36.36 8.29 -43.52
CA THR B 156 -36.73 9.01 -44.73
C THR B 156 -38.08 9.69 -44.54
N TYR B 157 -38.95 9.04 -43.75
CA TYR B 157 -40.36 9.41 -43.58
C TYR B 157 -40.64 10.90 -43.44
N ASP B 158 -41.53 11.39 -44.29
CA ASP B 158 -42.01 12.77 -44.22
C ASP B 158 -43.41 12.74 -43.61
N HIS B 159 -43.58 13.42 -42.49
CA HIS B 159 -44.87 13.47 -41.81
C HIS B 159 -45.91 14.25 -42.61
N SER B 160 -45.47 15.32 -43.27
CA SER B 160 -46.36 16.30 -43.86
C SER B 160 -47.25 15.70 -44.95
N GLN B 161 -46.69 14.77 -45.72
CA GLN B 161 -47.42 14.19 -46.84
C GLN B 161 -48.70 13.46 -46.37
N TYR B 162 -48.65 12.80 -45.21
CA TYR B 162 -49.86 12.16 -44.69
C TYR B 162 -50.61 13.09 -43.71
N ARG B 163 -50.06 14.29 -43.50
CA ARG B 163 -50.45 15.12 -42.34
C ARG B 163 -51.96 15.35 -42.26
N GLU B 164 -52.57 15.60 -43.41
CA GLU B 164 -53.98 15.91 -43.44
C GLU B 164 -54.82 14.73 -42.96
N GLU B 165 -54.56 13.54 -43.50
CA GLU B 165 -55.47 12.42 -43.30
C GLU B 165 -55.60 12.05 -41.83
N ALA B 166 -54.45 11.91 -41.17
CA ALA B 166 -54.45 11.51 -39.78
C ALA B 166 -55.19 12.56 -38.97
N LEU B 167 -54.99 13.82 -39.35
CA LEU B 167 -55.58 14.91 -38.60
C LEU B 167 -57.09 14.81 -38.64
N LEU B 168 -57.64 14.43 -39.80
CA LEU B 168 -59.10 14.40 -39.92
C LEU B 168 -59.57 13.17 -39.15
N ASN B 169 -58.73 12.13 -39.16
CA ASN B 169 -59.00 10.96 -38.34
C ASN B 169 -58.85 11.28 -36.86
N ARG B 170 -57.93 12.19 -36.53
CA ARG B 170 -57.63 12.46 -35.13
C ARG B 170 -58.78 13.17 -34.40
N LEU B 171 -59.44 14.09 -35.08
CA LEU B 171 -60.43 14.94 -34.43
C LEU B 171 -61.84 14.35 -34.49
N ASN B 172 -61.95 13.15 -35.03
CA ASN B 172 -63.23 12.42 -35.06
C ASN B 172 -63.03 10.92 -34.93
N ILE C 6 -54.69 18.14 -11.62
CA ILE C 6 -53.76 17.19 -11.03
C ILE C 6 -52.32 17.70 -11.13
N CYS C 7 -51.63 17.73 -10.00
CA CYS C 7 -50.26 18.24 -9.94
C CYS C 7 -49.29 17.21 -9.38
N LEU C 8 -48.03 17.32 -9.76
CA LEU C 8 -47.00 16.40 -9.28
C LEU C 8 -45.98 17.14 -8.42
N GLY C 9 -45.43 16.44 -7.42
CA GLY C 9 -44.46 17.04 -6.52
C GLY C 9 -43.75 16.03 -5.63
N HIS C 10 -42.58 16.42 -5.14
CA HIS C 10 -41.81 15.59 -4.22
C HIS C 10 -41.88 16.12 -2.79
N HIS C 11 -41.46 15.29 -1.83
CA HIS C 11 -41.48 15.72 -0.44
C HIS C 11 -40.35 16.68 -0.09
N ALA C 12 -40.30 17.05 1.19
CA ALA C 12 -39.29 17.96 1.71
C ALA C 12 -39.37 17.99 3.22
N VAL C 13 -38.32 18.46 3.88
CA VAL C 13 -38.30 18.58 5.33
C VAL C 13 -37.81 19.97 5.76
N ALA C 14 -38.20 20.38 6.97
CA ALA C 14 -37.91 21.71 7.46
C ALA C 14 -36.41 21.92 7.65
N ASN C 15 -35.71 20.83 7.99
CA ASN C 15 -34.30 20.90 8.32
C ASN C 15 -33.52 19.72 7.74
N GLY C 16 -32.62 20.02 6.82
CA GLY C 16 -31.96 19.01 6.01
C GLY C 16 -30.53 18.77 6.42
N THR C 17 -30.02 17.58 6.15
CA THR C 17 -28.63 17.27 6.44
C THR C 17 -27.84 17.29 5.15
N ILE C 18 -26.62 17.80 5.21
CA ILE C 18 -25.85 18.12 4.01
C ILE C 18 -24.83 17.04 3.71
N VAL C 19 -24.63 16.78 2.41
CA VAL C 19 -23.67 15.79 1.96
C VAL C 19 -22.73 16.35 0.89
N LYS C 20 -21.53 15.80 0.85
CA LYS C 20 -20.59 16.05 -0.22
C LYS C 20 -21.00 15.24 -1.44
N THR C 21 -20.73 15.78 -2.63
CA THR C 21 -21.18 15.14 -3.85
C THR C 21 -20.05 15.31 -4.88
N LEU C 22 -20.07 14.51 -5.96
CA LEU C 22 -19.04 14.55 -6.99
C LEU C 22 -18.81 15.96 -7.52
N THR C 23 -19.89 16.72 -7.63
CA THR C 23 -19.78 18.10 -8.08
C THR C 23 -20.02 19.16 -7.01
N ASN C 24 -20.69 18.78 -5.92
CA ASN C 24 -21.05 19.75 -4.91
C ASN C 24 -20.61 19.31 -3.52
N GLU C 25 -19.92 20.18 -2.81
CA GLU C 25 -19.42 19.87 -1.48
C GLU C 25 -20.37 20.36 -0.41
N GLN C 26 -21.44 21.02 -0.84
CA GLN C 26 -22.45 21.52 0.07
C GLN C 26 -23.86 21.22 -0.44
N GLU C 27 -24.24 19.95 -0.48
CA GLU C 27 -25.53 19.63 -1.09
C GLU C 27 -26.55 19.19 -0.04
N GLU C 28 -27.59 19.99 0.14
CA GLU C 28 -28.63 19.70 1.12
C GLU C 28 -29.45 18.49 0.70
N VAL C 29 -29.72 17.61 1.66
CA VAL C 29 -30.45 16.38 1.38
C VAL C 29 -31.41 16.12 2.54
N THR C 30 -32.52 15.47 2.25
CA THR C 30 -33.57 15.20 3.23
C THR C 30 -33.06 14.45 4.46
N ASN C 31 -32.34 13.37 4.23
CA ASN C 31 -31.72 12.61 5.31
C ASN C 31 -30.43 11.93 4.84
N ALA C 32 -29.66 11.41 5.79
CA ALA C 32 -28.40 10.76 5.46
C ALA C 32 -27.90 9.93 6.63
N THR C 33 -26.86 9.15 6.37
CA THR C 33 -26.26 8.28 7.37
C THR C 33 -24.76 8.36 7.23
N GLU C 34 -24.03 8.23 8.32
CA GLU C 34 -22.59 8.37 8.20
C GLU C 34 -21.88 7.05 7.89
N THR C 35 -20.68 7.17 7.29
CA THR C 35 -19.99 6.02 6.73
C THR C 35 -18.64 5.84 7.39
N VAL C 36 -18.54 6.28 8.64
CA VAL C 36 -17.31 6.31 9.41
C VAL C 36 -17.76 6.07 10.83
N GLU C 37 -16.92 5.51 11.68
CA GLU C 37 -17.38 5.21 13.02
C GLU C 37 -16.51 6.15 13.84
N SER C 38 -16.83 6.32 15.12
CA SER C 38 -16.17 7.34 15.93
C SER C 38 -16.51 7.18 17.40
N THR C 39 -15.62 7.65 18.26
CA THR C 39 -15.82 7.64 19.71
C THR C 39 -16.21 6.25 20.22
N GLY C 40 -15.72 5.22 19.53
CA GLY C 40 -15.98 3.83 19.86
C GLY C 40 -15.75 3.46 21.32
N ILE C 41 -16.18 2.26 21.68
CA ILE C 41 -16.10 1.80 23.06
C ILE C 41 -14.65 1.76 23.56
N ASN C 42 -14.30 2.70 24.45
CA ASN C 42 -13.06 2.63 25.22
C ASN C 42 -12.99 1.56 26.34
N ARG C 43 -13.04 0.29 25.95
CA ARG C 43 -12.88 -0.85 26.87
C ARG C 43 -12.55 -2.11 26.05
N LEU C 44 -12.24 -3.20 26.74
CA LEU C 44 -11.86 -4.43 26.05
C LEU C 44 -12.98 -5.46 26.10
N CYS C 45 -13.56 -5.73 24.94
CA CYS C 45 -14.71 -6.63 24.81
C CYS C 45 -14.27 -8.07 24.55
N MET C 46 -14.23 -8.88 25.62
CA MET C 46 -13.65 -10.21 25.53
C MET C 46 -14.65 -11.37 25.55
N LYS C 47 -15.94 -11.07 25.40
CA LYS C 47 -16.98 -12.11 25.24
C LYS C 47 -16.57 -13.29 24.38
N GLY C 48 -16.77 -14.49 24.90
CA GLY C 48 -16.53 -15.72 24.16
C GLY C 48 -15.06 -16.04 24.00
N ARG C 49 -14.24 -15.00 23.96
CA ARG C 49 -12.80 -15.12 23.85
C ARG C 49 -12.19 -15.61 25.16
N LYS C 50 -11.63 -16.81 25.15
CA LYS C 50 -10.85 -17.28 26.29
C LYS C 50 -9.53 -16.51 26.34
N HIS C 51 -9.50 -15.45 27.13
CA HIS C 51 -8.34 -14.56 27.15
C HIS C 51 -7.47 -14.72 28.38
N LYS C 52 -6.47 -13.84 28.48
CA LYS C 52 -5.45 -13.93 29.52
C LYS C 52 -4.80 -12.56 29.68
N ASP C 53 -5.07 -11.90 30.80
CA ASP C 53 -4.50 -10.57 31.04
C ASP C 53 -3.21 -10.69 31.83
N LEU C 54 -2.12 -10.23 31.23
CA LEU C 54 -0.79 -10.39 31.80
C LEU C 54 -0.47 -9.42 32.93
N GLY C 55 -1.17 -8.29 32.96
CA GLY C 55 -0.92 -7.27 33.95
C GLY C 55 0.50 -6.75 33.84
N ASN C 56 1.26 -6.84 34.93
CA ASN C 56 2.63 -6.34 34.97
C ASN C 56 3.64 -7.34 34.41
N CYS C 57 3.18 -8.54 34.08
CA CYS C 57 4.04 -9.55 33.45
C CYS C 57 4.20 -9.33 31.94
N HIS C 58 5.44 -9.20 31.49
CA HIS C 58 5.75 -9.13 30.07
C HIS C 58 5.73 -10.52 29.44
N PRO C 59 5.34 -10.61 28.16
CA PRO C 59 5.42 -11.84 27.35
C PRO C 59 6.68 -12.68 27.56
N ILE C 60 7.86 -12.09 27.39
CA ILE C 60 9.12 -12.80 27.58
C ILE C 60 9.22 -13.38 29.00
N GLY C 61 8.65 -12.65 29.94
CA GLY C 61 8.60 -13.08 31.34
C GLY C 61 7.97 -14.45 31.50
N MET C 62 6.98 -14.75 30.67
CA MET C 62 6.40 -16.09 30.62
C MET C 62 7.48 -17.13 30.36
N LEU C 63 8.31 -16.84 29.38
CA LEU C 63 9.37 -17.73 28.94
C LEU C 63 10.40 -17.94 30.04
N ILE C 64 10.91 -16.85 30.61
CA ILE C 64 12.00 -16.98 31.58
C ILE C 64 11.50 -17.09 33.03
N GLY C 65 10.23 -16.81 33.25
CA GLY C 65 9.61 -16.97 34.56
C GLY C 65 10.02 -15.96 35.61
N THR C 66 10.01 -14.68 35.24
CA THR C 66 10.07 -13.58 36.20
C THR C 66 8.92 -13.70 37.20
N PRO C 67 9.16 -13.32 38.47
CA PRO C 67 8.15 -13.50 39.52
C PRO C 67 6.77 -12.92 39.17
N ALA C 68 6.77 -11.73 38.58
CA ALA C 68 5.54 -11.07 38.18
C ALA C 68 4.67 -11.99 37.32
N CYS C 69 5.33 -12.92 36.62
CA CYS C 69 4.66 -13.79 35.68
C CYS C 69 4.42 -15.22 36.17
N ASP C 70 4.47 -15.47 37.48
CA ASP C 70 4.22 -16.86 37.95
C ASP C 70 2.84 -17.36 37.57
N LEU C 71 1.84 -16.47 37.55
CA LEU C 71 0.49 -16.86 37.17
C LEU C 71 0.35 -17.07 35.66
N HIS C 72 1.38 -16.71 34.91
CA HIS C 72 1.34 -16.80 33.46
C HIS C 72 2.37 -17.76 32.85
N LEU C 73 2.95 -18.62 33.69
CA LEU C 73 4.00 -19.52 33.22
C LEU C 73 3.50 -20.52 32.19
N THR C 74 2.28 -21.03 32.39
CA THR C 74 1.66 -21.96 31.45
C THR C 74 0.21 -21.59 31.19
N GLY C 75 -0.34 -22.07 30.09
CA GLY C 75 -1.75 -21.88 29.81
C GLY C 75 -2.12 -21.84 28.34
N MET C 76 -3.42 -21.69 28.07
CA MET C 76 -3.94 -21.60 26.71
C MET C 76 -4.87 -20.40 26.61
N TRP C 77 -5.02 -19.87 25.40
CA TRP C 77 -5.79 -18.64 25.20
C TRP C 77 -5.97 -18.31 23.72
N ASP C 78 -7.07 -17.63 23.40
CA ASP C 78 -7.31 -17.20 22.03
C ASP C 78 -7.04 -15.71 21.87
N THR C 79 -6.64 -15.06 22.95
CA THR C 79 -6.31 -13.64 22.92
C THR C 79 -5.41 -13.24 24.09
N LEU C 80 -4.27 -12.65 23.78
CA LEU C 80 -3.28 -12.28 24.78
C LEU C 80 -3.14 -10.76 24.93
N ILE C 81 -3.39 -10.26 26.14
CA ILE C 81 -3.32 -8.83 26.41
C ILE C 81 -2.03 -8.45 27.16
N GLU C 82 -1.28 -7.50 26.60
CA GLU C 82 -0.07 -7.00 27.23
C GLU C 82 -0.24 -5.55 27.71
N ARG C 83 0.15 -5.28 28.95
CA ARG C 83 0.05 -3.94 29.53
C ARG C 83 1.35 -3.17 29.40
N GLU C 84 1.26 -1.84 29.39
CA GLU C 84 2.37 -0.97 28.99
C GLU C 84 3.66 -1.10 29.79
N ASN C 85 3.54 -1.18 31.11
CA ASN C 85 4.73 -1.18 31.96
C ASN C 85 5.08 -2.58 32.45
N ALA C 86 4.71 -3.58 31.65
CA ALA C 86 5.01 -4.97 31.94
C ALA C 86 6.50 -5.18 32.17
N ILE C 87 6.82 -6.02 33.16
CA ILE C 87 8.21 -6.25 33.54
C ILE C 87 8.78 -7.48 32.83
N ALA C 88 9.69 -7.23 31.88
CA ALA C 88 10.40 -8.31 31.20
C ALA C 88 11.50 -8.89 32.08
N TYR C 89 12.28 -8.03 32.72
CA TYR C 89 13.44 -8.49 33.48
C TYR C 89 13.49 -7.92 34.90
N CYS C 90 13.37 -8.81 35.88
CA CYS C 90 13.59 -8.42 37.27
C CYS C 90 15.07 -8.13 37.49
N TYR C 91 15.92 -8.96 36.91
CA TYR C 91 17.35 -8.72 36.87
C TYR C 91 17.67 -7.98 35.58
N PRO C 92 18.39 -6.85 35.69
CA PRO C 92 18.65 -5.99 34.52
C PRO C 92 19.41 -6.69 33.41
N GLY C 93 18.95 -6.50 32.17
CA GLY C 93 19.59 -7.08 31.00
C GLY C 93 18.79 -6.81 29.75
N ALA C 94 19.13 -7.50 28.66
CA ALA C 94 18.41 -7.36 27.41
C ALA C 94 18.23 -8.71 26.72
N THR C 95 17.51 -8.71 25.60
CA THR C 95 17.33 -9.93 24.82
C THR C 95 17.70 -9.68 23.36
N VAL C 96 18.45 -10.62 22.77
CA VAL C 96 18.77 -10.56 21.36
C VAL C 96 17.54 -10.94 20.55
N ASN C 97 17.19 -10.09 19.57
CA ASN C 97 16.00 -10.27 18.76
C ASN C 97 14.75 -10.37 19.62
N VAL C 98 14.60 -9.38 20.52
CA VAL C 98 13.48 -9.35 21.46
C VAL C 98 12.12 -9.23 20.76
N GLU C 99 12.05 -8.41 19.72
CA GLU C 99 10.78 -8.15 19.04
C GLU C 99 10.22 -9.39 18.35
N ALA C 100 11.11 -10.21 17.80
CA ALA C 100 10.71 -11.45 17.14
C ALA C 100 10.12 -12.43 18.16
N LEU C 101 10.76 -12.50 19.32
CA LEU C 101 10.27 -13.33 20.42
C LEU C 101 8.90 -12.84 20.86
N ARG C 102 8.80 -11.55 21.09
CA ARG C 102 7.60 -10.94 21.64
C ARG C 102 6.42 -11.16 20.69
N GLN C 103 6.65 -10.93 19.40
CA GLN C 103 5.60 -11.15 18.40
C GLN C 103 5.25 -12.62 18.29
N LYS C 104 6.25 -13.49 18.36
CA LYS C 104 6.03 -14.93 18.32
C LYS C 104 5.06 -15.34 19.42
N ILE C 105 5.42 -14.98 20.65
CA ILE C 105 4.56 -15.19 21.81
C ILE C 105 3.16 -14.62 21.61
N MET C 106 3.07 -13.40 21.07
CA MET C 106 1.78 -12.73 20.94
C MET C 106 0.89 -13.30 19.83
N GLU C 107 1.47 -14.07 18.90
CA GLU C 107 0.63 -14.81 17.95
C GLU C 107 0.40 -16.25 18.39
N SER C 108 0.77 -16.57 19.63
CA SER C 108 0.60 -17.93 20.14
C SER C 108 -0.73 -18.11 20.85
N GLY C 109 -1.28 -19.32 20.77
CA GLY C 109 -2.49 -19.66 21.48
C GLY C 109 -2.26 -20.29 22.84
N GLY C 110 -1.01 -20.69 23.09
CA GLY C 110 -0.68 -21.31 24.36
C GLY C 110 0.81 -21.48 24.58
N ILE C 111 1.20 -21.65 25.84
CA ILE C 111 2.57 -21.99 26.19
C ILE C 111 2.60 -23.20 27.12
N ASN C 112 3.41 -24.20 26.77
CA ASN C 112 3.61 -25.37 27.63
C ASN C 112 5.07 -25.52 28.00
N LYS C 113 5.34 -25.91 29.24
CA LYS C 113 6.71 -26.03 29.71
C LYS C 113 7.17 -27.48 29.80
N ILE C 114 8.35 -27.74 29.22
CA ILE C 114 8.96 -29.07 29.25
C ILE C 114 10.33 -28.98 29.93
N SER C 115 10.56 -29.80 30.94
CA SER C 115 11.80 -29.71 31.71
C SER C 115 13.01 -30.20 30.91
N THR C 116 14.09 -29.41 30.95
CA THR C 116 15.31 -29.74 30.21
C THR C 116 16.02 -30.96 30.77
N GLY C 117 15.98 -31.12 32.10
CA GLY C 117 16.59 -32.27 32.73
C GLY C 117 18.05 -32.07 33.09
N PHE C 118 18.54 -30.84 32.95
CA PHE C 118 19.94 -30.54 33.23
C PHE C 118 20.29 -30.80 34.70
N THR C 119 21.39 -31.53 34.92
CA THR C 119 21.85 -31.86 36.27
C THR C 119 23.32 -31.47 36.42
N TYR C 120 23.74 -31.15 37.64
CA TYR C 120 25.04 -30.53 37.85
C TYR C 120 25.84 -31.16 38.99
N GLY C 121 27.15 -31.19 38.82
CA GLY C 121 28.07 -31.75 39.80
C GLY C 121 28.16 -30.91 41.07
N SER C 122 28.71 -31.50 42.12
CA SER C 122 28.67 -30.92 43.46
C SER C 122 29.62 -29.73 43.63
N SER C 123 30.47 -29.47 42.64
CA SER C 123 31.30 -28.27 42.64
C SER C 123 30.58 -27.10 41.97
N ILE C 124 29.35 -27.35 41.54
CA ILE C 124 28.53 -26.32 40.92
C ILE C 124 27.33 -25.99 41.80
N ASN C 125 27.14 -24.70 42.08
CA ASN C 125 25.96 -24.23 42.79
C ASN C 125 24.94 -23.62 41.83
N SER C 126 23.77 -24.24 41.76
CA SER C 126 22.71 -23.78 40.87
C SER C 126 21.68 -22.91 41.58
N ALA C 127 21.75 -22.86 42.91
CA ALA C 127 20.71 -22.25 43.72
C ALA C 127 20.90 -20.73 43.86
N GLY C 128 21.73 -20.16 43.00
CA GLY C 128 22.01 -18.73 43.04
C GLY C 128 20.78 -17.87 42.84
N THR C 129 20.71 -16.77 43.58
CA THR C 129 19.55 -15.87 43.56
C THR C 129 19.97 -14.41 43.67
N THR C 130 19.03 -13.50 43.44
CA THR C 130 19.28 -12.07 43.56
C THR C 130 18.14 -11.40 44.32
N ARG C 131 18.39 -10.21 44.86
CA ARG C 131 17.32 -9.39 45.40
C ARG C 131 16.53 -8.75 44.25
N ALA C 132 17.19 -8.57 43.12
CA ALA C 132 16.55 -8.08 41.90
C ALA C 132 15.30 -8.88 41.55
N CYS C 133 15.35 -10.18 41.82
CA CYS C 133 14.21 -11.07 41.60
C CYS C 133 13.68 -11.55 42.94
N MET C 134 12.39 -11.32 43.21
CA MET C 134 11.86 -11.60 44.54
C MET C 134 10.53 -12.33 44.57
N ARG C 135 10.48 -13.38 45.39
CA ARG C 135 9.23 -13.98 45.81
C ARG C 135 9.19 -14.01 47.33
N ASN C 136 7.98 -13.99 47.90
CA ASN C 136 7.77 -13.82 49.33
C ASN C 136 8.72 -12.82 49.98
N GLY C 137 8.87 -11.66 49.35
CA GLY C 137 9.71 -10.59 49.86
C GLY C 137 11.15 -10.96 50.14
N GLY C 138 11.62 -12.05 49.50
CA GLY C 138 12.99 -12.50 49.68
C GLY C 138 13.68 -12.75 48.35
N ASN C 139 14.99 -12.95 48.41
CA ASN C 139 15.79 -13.09 47.19
C ASN C 139 15.43 -14.33 46.40
N SER C 140 15.27 -14.18 45.09
CA SER C 140 14.94 -15.31 44.22
C SER C 140 15.53 -15.13 42.84
N PHE C 141 15.07 -15.94 41.89
CA PHE C 141 15.58 -15.88 40.53
C PHE C 141 14.50 -16.29 39.54
N TYR C 142 14.74 -16.07 38.26
CA TYR C 142 13.90 -16.61 37.19
C TYR C 142 13.55 -18.07 37.43
N ALA C 143 12.24 -18.37 37.45
CA ALA C 143 11.76 -19.68 37.87
C ALA C 143 11.98 -20.75 36.82
N GLU C 144 12.37 -20.33 35.62
CA GLU C 144 12.58 -21.28 34.52
C GLU C 144 14.05 -21.37 34.16
N LEU C 145 14.86 -20.56 34.81
CA LEU C 145 16.31 -20.62 34.64
C LEU C 145 17.03 -20.87 35.96
N LYS C 146 18.28 -21.31 35.88
CA LYS C 146 19.13 -21.42 37.06
C LYS C 146 20.47 -20.71 36.84
N TRP C 147 20.96 -20.05 37.88
CA TRP C 147 22.20 -19.29 37.79
C TRP C 147 23.33 -20.11 38.38
N LEU C 148 24.29 -20.46 37.54
CA LEU C 148 25.34 -21.39 37.92
C LEU C 148 26.60 -20.65 38.37
N VAL C 149 27.02 -20.92 39.60
CA VAL C 149 28.28 -20.39 40.12
C VAL C 149 29.02 -21.51 40.86
N SER C 150 30.31 -21.31 41.09
CA SER C 150 31.10 -22.23 41.88
C SER C 150 30.51 -22.39 43.29
N LYS C 151 30.64 -23.57 43.86
CA LYS C 151 30.18 -23.81 45.23
C LYS C 151 31.20 -23.24 46.22
N SER C 152 32.45 -23.24 45.79
CA SER C 152 33.54 -22.69 46.59
C SER C 152 33.94 -21.33 46.02
N LYS C 153 33.64 -20.28 46.77
CA LYS C 153 33.83 -18.92 46.29
C LYS C 153 35.28 -18.62 45.91
N GLY C 154 35.51 -18.31 44.64
CA GLY C 154 36.85 -18.02 44.17
C GLY C 154 37.41 -19.08 43.24
N GLN C 155 36.92 -20.30 43.35
CA GLN C 155 37.47 -21.42 42.60
C GLN C 155 37.13 -21.38 41.11
N ASN C 156 37.67 -22.35 40.37
CA ASN C 156 37.42 -22.47 38.94
C ASN C 156 36.15 -23.26 38.63
N PHE C 157 35.29 -22.68 37.81
CA PHE C 157 34.13 -23.38 37.30
C PHE C 157 34.58 -24.51 36.38
N PRO C 158 34.07 -25.73 36.61
CA PRO C 158 34.48 -26.86 35.77
C PRO C 158 33.81 -26.82 34.40
N GLN C 159 34.53 -27.27 33.38
CA GLN C 159 33.95 -27.35 32.04
C GLN C 159 32.78 -28.32 32.05
N THR C 160 31.63 -27.84 31.60
CA THR C 160 30.40 -28.60 31.78
C THR C 160 29.63 -28.74 30.45
N THR C 161 28.93 -29.85 30.30
CA THR C 161 28.13 -30.10 29.12
C THR C 161 26.71 -30.51 29.49
N ASN C 162 25.73 -29.85 28.88
CA ASN C 162 24.32 -30.20 29.09
C ASN C 162 23.56 -30.15 27.77
N THR C 163 22.96 -31.28 27.40
CA THR C 163 22.24 -31.36 26.14
C THR C 163 20.75 -31.56 26.33
N TYR C 164 19.96 -30.54 25.99
CA TYR C 164 18.52 -30.70 25.90
C TYR C 164 18.16 -31.51 24.68
N ARG C 165 17.39 -32.57 24.86
CA ARG C 165 16.93 -33.37 23.74
C ARG C 165 15.42 -33.25 23.53
N ASN C 166 15.04 -32.61 22.43
CA ASN C 166 13.64 -32.53 22.05
C ASN C 166 13.15 -33.88 21.54
N THR C 167 12.28 -34.52 22.30
CA THR C 167 11.73 -35.81 21.92
C THR C 167 10.24 -35.69 21.65
N ASP C 168 9.82 -34.51 21.21
CA ASP C 168 8.43 -34.25 20.89
C ASP C 168 8.19 -34.39 19.39
N THR C 169 7.03 -33.93 18.93
CA THR C 169 6.72 -33.96 17.50
C THR C 169 6.43 -32.55 17.03
N ALA C 170 6.83 -31.58 17.85
CA ALA C 170 6.67 -30.16 17.53
C ALA C 170 7.86 -29.39 18.09
N GLU C 171 8.21 -28.29 17.44
CA GLU C 171 9.42 -27.55 17.81
C GLU C 171 9.28 -26.95 19.21
N HIS C 172 10.41 -26.81 19.89
CA HIS C 172 10.41 -26.17 21.20
C HIS C 172 11.26 -24.91 21.17
N LEU C 173 10.90 -23.93 22.00
CA LEU C 173 11.65 -22.69 22.06
C LEU C 173 12.49 -22.66 23.33
N ILE C 174 13.80 -22.65 23.17
CA ILE C 174 14.69 -22.70 24.33
C ILE C 174 15.39 -21.36 24.54
N MET C 175 15.31 -20.87 25.77
CA MET C 175 15.93 -19.62 26.17
C MET C 175 17.03 -19.86 27.20
N TRP C 176 18.11 -19.07 27.12
CA TRP C 176 19.15 -19.12 28.13
C TRP C 176 19.70 -17.72 28.37
N GLY C 177 20.38 -17.54 29.49
CA GLY C 177 20.98 -16.25 29.80
C GLY C 177 22.48 -16.32 29.92
N ILE C 178 23.14 -15.21 29.61
CA ILE C 178 24.57 -15.06 29.83
C ILE C 178 24.78 -13.92 30.81
N HIS C 179 25.64 -14.15 31.81
CA HIS C 179 25.87 -13.17 32.85
C HIS C 179 27.17 -12.40 32.67
N HIS C 180 27.03 -11.10 32.44
CA HIS C 180 28.16 -10.19 32.33
C HIS C 180 28.38 -9.44 33.64
N PRO C 181 29.44 -9.80 34.38
CA PRO C 181 29.77 -9.28 35.71
C PRO C 181 30.18 -7.82 35.72
N SER C 182 29.87 -7.13 36.82
CA SER C 182 30.18 -5.71 36.96
C SER C 182 31.69 -5.43 36.99
N SER C 183 32.44 -6.29 37.68
CA SER C 183 33.85 -6.05 37.92
C SER C 183 34.65 -7.34 37.78
N THR C 184 35.98 -7.22 37.65
CA THR C 184 36.84 -8.40 37.60
C THR C 184 36.72 -9.20 38.90
N GLN C 185 36.62 -8.49 40.03
CA GLN C 185 36.17 -9.11 41.27
C GLN C 185 34.65 -9.29 41.12
N GLU C 186 34.07 -10.27 41.83
CA GLU C 186 32.70 -10.74 41.61
C GLU C 186 32.60 -11.57 40.32
N LYS C 187 33.68 -11.60 39.55
CA LYS C 187 33.78 -12.51 38.42
C LYS C 187 34.58 -13.72 38.87
N ASN C 188 35.82 -13.47 39.27
CA ASN C 188 36.67 -14.48 39.88
C ASN C 188 35.95 -15.20 41.03
N ASP C 189 35.25 -14.43 41.85
CA ASP C 189 34.48 -14.97 42.96
C ASP C 189 33.44 -15.99 42.49
N LEU C 190 32.77 -15.68 41.39
CA LEU C 190 31.65 -16.48 40.91
C LEU C 190 32.06 -17.63 39.98
N TYR C 191 33.13 -17.43 39.22
CA TYR C 191 33.47 -18.36 38.15
C TYR C 191 34.96 -18.72 38.14
N GLY C 192 35.79 -17.84 38.69
CA GLY C 192 37.21 -18.10 38.78
C GLY C 192 38.05 -17.29 37.80
N THR C 193 39.35 -17.59 37.77
CA THR C 193 40.29 -16.81 36.97
C THR C 193 40.39 -17.34 35.55
N GLN C 194 39.56 -18.33 35.24
CA GLN C 194 39.57 -18.96 33.92
C GLN C 194 39.19 -17.99 32.81
N SER C 195 39.63 -18.28 31.59
CA SER C 195 39.02 -17.70 30.41
C SER C 195 37.65 -18.34 30.21
N LEU C 196 36.62 -17.54 30.00
CA LEU C 196 35.27 -18.07 29.94
C LEU C 196 34.73 -18.19 28.52
N SER C 197 33.77 -19.09 28.36
CA SER C 197 33.18 -19.38 27.04
C SER C 197 31.92 -20.23 27.21
N ILE C 198 30.93 -19.98 26.37
CA ILE C 198 29.72 -20.79 26.33
C ILE C 198 29.28 -20.99 24.88
N SER C 199 29.47 -22.19 24.37
CA SER C 199 29.05 -22.50 23.01
C SER C 199 27.77 -23.33 22.98
N VAL C 200 26.81 -22.86 22.19
CA VAL C 200 25.54 -23.54 22.01
C VAL C 200 25.47 -24.06 20.57
N GLY C 201 25.01 -25.30 20.41
CA GLY C 201 24.88 -25.86 19.08
C GLY C 201 23.80 -26.91 18.91
N SER C 202 22.95 -26.72 17.91
CA SER C 202 22.02 -27.76 17.47
C SER C 202 22.33 -28.16 16.04
N SER C 203 21.33 -28.69 15.33
CA SER C 203 21.52 -29.08 13.94
C SER C 203 21.22 -27.90 13.01
N THR C 204 20.87 -26.77 13.61
CA THR C 204 20.28 -25.66 12.87
C THR C 204 20.74 -24.33 13.46
N TYR C 205 21.61 -24.40 14.45
CA TYR C 205 22.00 -23.24 15.23
C TYR C 205 23.37 -23.42 15.87
N ARG C 206 24.22 -22.42 15.71
CA ARG C 206 25.57 -22.42 16.27
C ARG C 206 25.95 -21.02 16.74
N ASN C 207 26.21 -20.88 18.04
CA ASN C 207 26.59 -19.57 18.57
C ASN C 207 27.51 -19.64 19.78
N ASN C 208 28.39 -18.66 19.92
CA ASN C 208 29.31 -18.63 21.06
C ASN C 208 29.17 -17.35 21.86
N PHE C 209 29.35 -17.46 23.17
CA PHE C 209 29.14 -16.33 24.07
C PHE C 209 30.28 -16.20 25.05
N VAL C 210 30.79 -14.98 25.21
CA VAL C 210 31.82 -14.69 26.21
C VAL C 210 31.34 -13.61 27.18
N PRO C 211 31.25 -13.96 28.48
CA PRO C 211 30.86 -12.98 29.50
C PRO C 211 31.83 -11.81 29.56
N VAL C 212 31.30 -10.59 29.58
CA VAL C 212 32.11 -9.39 29.50
C VAL C 212 32.06 -8.56 30.77
N VAL C 213 33.22 -8.14 31.25
CA VAL C 213 33.31 -7.36 32.47
C VAL C 213 33.45 -5.87 32.19
N GLY C 214 32.59 -5.06 32.81
CA GLY C 214 32.69 -3.62 32.70
C GLY C 214 31.86 -2.92 33.76
N ALA C 215 32.24 -1.70 34.11
CA ALA C 215 31.40 -0.87 34.99
C ALA C 215 30.16 -0.38 34.27
N ARG C 216 29.05 -0.35 35.00
CA ARG C 216 27.76 0.06 34.46
C ARG C 216 26.91 0.60 35.60
N PRO C 217 25.99 1.53 35.30
CA PRO C 217 25.09 2.01 36.36
C PRO C 217 24.22 0.90 36.91
N GLN C 218 23.87 0.99 38.19
CA GLN C 218 22.94 0.05 38.80
C GLN C 218 21.52 0.22 38.28
N VAL C 219 21.00 -0.83 37.65
CA VAL C 219 19.57 -0.89 37.36
C VAL C 219 18.93 -1.88 38.34
N ASN C 220 17.80 -1.50 38.91
CA ASN C 220 17.18 -2.24 40.01
C ASN C 220 18.19 -2.53 41.13
N GLY C 221 19.12 -1.61 41.33
CA GLY C 221 20.17 -1.78 42.33
C GLY C 221 21.23 -2.80 41.95
N GLN C 222 21.31 -3.13 40.66
CA GLN C 222 22.22 -4.17 40.19
C GLN C 222 23.15 -3.71 39.07
N SER C 223 24.46 -3.87 39.27
CA SER C 223 25.44 -3.46 38.28
C SER C 223 25.78 -4.57 37.30
N GLY C 224 25.43 -5.80 37.66
CA GLY C 224 25.61 -6.94 36.76
C GLY C 224 24.56 -6.97 35.67
N ARG C 225 24.82 -7.76 34.63
CA ARG C 225 23.84 -7.91 33.56
C ARG C 225 23.58 -9.38 33.21
N ILE C 226 22.37 -9.67 32.77
CA ILE C 226 22.06 -10.98 32.22
C ILE C 226 21.33 -10.81 30.89
N ASP C 227 22.04 -11.05 29.79
CA ASP C 227 21.42 -10.95 28.48
C ASP C 227 20.79 -12.28 28.11
N PHE C 228 19.71 -12.23 27.32
CA PHE C 228 19.01 -13.46 27.00
C PHE C 228 19.15 -13.82 25.53
N HIS C 229 19.06 -15.12 25.25
CA HIS C 229 19.11 -15.63 23.89
C HIS C 229 18.10 -16.75 23.76
N TRP C 230 17.68 -17.03 22.54
CA TRP C 230 16.69 -18.08 22.31
C TRP C 230 16.83 -18.69 20.93
N THR C 231 16.58 -20.00 20.83
CA THR C 231 16.53 -20.64 19.53
C THR C 231 15.45 -21.71 19.49
N LEU C 232 15.08 -22.10 18.27
CA LEU C 232 14.12 -23.18 18.07
C LEU C 232 14.81 -24.52 17.89
N VAL C 233 14.28 -25.54 18.55
CA VAL C 233 14.78 -26.90 18.43
C VAL C 233 13.71 -27.76 17.78
N GLN C 234 14.03 -28.34 16.63
CA GLN C 234 13.07 -29.10 15.86
C GLN C 234 12.80 -30.45 16.52
N PRO C 235 11.69 -31.11 16.15
CA PRO C 235 11.44 -32.48 16.62
C PRO C 235 12.59 -33.43 16.26
N GLY C 236 12.97 -34.28 17.20
CA GLY C 236 14.02 -35.26 16.97
C GLY C 236 15.40 -34.63 16.90
N ASP C 237 15.46 -33.33 17.17
CA ASP C 237 16.73 -32.62 17.19
C ASP C 237 17.17 -32.35 18.62
N ASN C 238 18.47 -32.44 18.85
CA ASN C 238 19.04 -32.16 20.16
C ASN C 238 19.88 -30.88 20.12
N ILE C 239 20.02 -30.23 21.27
CA ILE C 239 20.80 -29.00 21.38
C ILE C 239 21.75 -29.07 22.56
N THR C 240 23.02 -28.75 22.31
CA THR C 240 24.08 -28.93 23.29
C THR C 240 24.67 -27.61 23.78
N PHE C 241 24.76 -27.49 25.10
CA PHE C 241 25.41 -26.39 25.77
C PHE C 241 26.74 -26.85 26.34
N SER C 242 27.84 -26.34 25.77
CA SER C 242 29.16 -26.61 26.32
C SER C 242 29.70 -25.32 26.91
N HIS C 243 29.87 -25.29 28.24
CA HIS C 243 30.08 -24.01 28.90
C HIS C 243 31.08 -24.07 30.05
N ASN C 244 31.54 -22.89 30.45
CA ASN C 244 32.71 -22.75 31.31
C ASN C 244 32.42 -21.83 32.49
N GLY C 245 31.38 -21.02 32.37
CA GLY C 245 30.99 -20.11 33.42
C GLY C 245 30.38 -18.83 32.88
N GLY C 246 29.16 -18.54 33.32
CA GLY C 246 28.43 -17.38 32.83
C GLY C 246 27.04 -17.77 32.39
N LEU C 247 26.90 -19.00 31.91
CA LEU C 247 25.63 -19.53 31.46
C LEU C 247 24.55 -19.51 32.54
N ILE C 248 23.47 -18.80 32.28
CA ILE C 248 22.23 -18.99 33.03
C ILE C 248 21.46 -20.09 32.34
N ALA C 249 21.51 -21.29 32.90
CA ALA C 249 21.01 -22.47 32.19
C ALA C 249 19.49 -22.56 32.22
N PRO C 250 18.91 -23.13 31.16
CA PRO C 250 17.46 -23.39 31.14
C PRO C 250 17.11 -24.62 31.96
N SER C 251 16.18 -24.47 32.89
CA SER C 251 15.70 -25.62 33.66
C SER C 251 14.43 -26.15 33.01
N ARG C 252 13.69 -25.25 32.36
CA ARG C 252 12.61 -25.66 31.48
C ARG C 252 12.70 -24.97 30.12
N VAL C 253 11.88 -25.44 29.18
CA VAL C 253 11.88 -24.99 27.79
C VAL C 253 10.43 -24.79 27.38
N SER C 254 10.15 -23.85 26.49
CA SER C 254 8.76 -23.54 26.18
C SER C 254 8.34 -23.96 24.78
N LYS C 255 7.07 -24.39 24.69
CA LYS C 255 6.44 -24.77 23.44
C LYS C 255 5.22 -23.89 23.19
N LEU C 256 5.25 -23.13 22.10
CA LEU C 256 4.10 -22.34 21.70
C LEU C 256 3.08 -23.22 20.98
N ILE C 257 1.81 -23.07 21.34
CA ILE C 257 0.77 -23.95 20.81
C ILE C 257 -0.31 -23.15 20.07
N GLY C 258 -0.41 -23.38 18.77
CA GLY C 258 -1.46 -22.77 17.96
C GLY C 258 -1.36 -21.26 17.88
N ARG C 259 -2.34 -20.65 17.23
CA ARG C 259 -2.38 -19.19 17.11
C ARG C 259 -3.30 -18.53 18.13
N GLY C 260 -3.18 -17.20 18.22
CA GLY C 260 -3.92 -16.42 19.20
C GLY C 260 -3.66 -14.94 18.95
N LEU C 261 -4.73 -14.15 18.95
CA LEU C 261 -4.60 -12.72 18.66
C LEU C 261 -3.98 -11.97 19.83
N GLY C 262 -2.99 -11.13 19.54
CA GLY C 262 -2.30 -10.39 20.58
C GLY C 262 -2.70 -8.93 20.62
N ILE C 263 -3.16 -8.48 21.78
CA ILE C 263 -3.63 -7.11 21.95
C ILE C 263 -2.72 -6.32 22.89
N GLN C 264 -2.31 -5.14 22.47
CA GLN C 264 -1.60 -4.22 23.34
C GLN C 264 -2.53 -3.10 23.78
N SER C 265 -2.78 -3.00 25.08
CA SER C 265 -3.82 -2.11 25.59
C SER C 265 -3.75 -1.96 27.11
N ASP C 266 -4.03 -0.75 27.58
CA ASP C 266 -4.11 -0.48 29.01
C ASP C 266 -5.57 -0.41 29.48
N ALA C 267 -6.48 -0.73 28.57
CA ALA C 267 -7.91 -0.62 28.83
C ALA C 267 -8.47 -1.83 29.60
N PRO C 268 -9.44 -1.57 30.50
CA PRO C 268 -10.10 -2.59 31.33
C PRO C 268 -10.90 -3.62 30.52
N ILE C 269 -10.97 -4.84 31.05
CA ILE C 269 -11.63 -5.95 30.39
C ILE C 269 -13.13 -6.04 30.67
N ASP C 270 -13.95 -5.60 29.71
CA ASP C 270 -15.39 -5.84 29.79
C ASP C 270 -15.67 -7.24 29.23
N ASN C 271 -16.10 -8.14 30.11
CA ASN C 271 -16.32 -9.53 29.71
C ASN C 271 -17.70 -9.80 29.11
N ASN C 272 -18.52 -8.75 29.00
CA ASN C 272 -19.87 -8.91 28.45
C ASN C 272 -20.15 -8.09 27.19
N CYS C 273 -19.18 -8.03 26.29
CA CYS C 273 -19.41 -7.50 24.95
C CYS C 273 -18.50 -8.18 23.94
N GLU C 274 -19.00 -8.40 22.71
CA GLU C 274 -18.20 -9.01 21.67
C GLU C 274 -17.44 -7.97 20.86
N SER C 275 -16.33 -8.37 20.24
CA SER C 275 -15.62 -7.52 19.31
C SER C 275 -14.75 -8.30 18.33
N LYS C 276 -14.35 -7.63 17.26
CA LYS C 276 -13.48 -8.21 16.24
C LYS C 276 -12.26 -7.32 16.04
N CYS C 277 -12.23 -6.21 16.78
CA CYS C 277 -11.32 -5.11 16.48
C CYS C 277 -10.92 -4.37 17.75
N PHE C 278 -9.62 -4.11 17.89
CA PHE C 278 -9.08 -3.50 19.11
C PHE C 278 -7.87 -2.64 18.81
N TRP C 279 -7.66 -1.60 19.61
CA TRP C 279 -6.47 -0.76 19.51
C TRP C 279 -5.96 -0.43 20.91
N ARG C 280 -5.16 0.63 21.03
CA ARG C 280 -4.45 0.90 22.28
C ARG C 280 -5.41 1.11 23.44
N GLY C 281 -6.48 1.86 23.20
CA GLY C 281 -7.52 2.01 24.19
C GLY C 281 -8.84 1.53 23.65
N GLY C 282 -9.46 0.58 24.33
CA GLY C 282 -10.77 0.11 23.94
C GLY C 282 -10.89 -0.77 22.71
N SER C 283 -12.12 -0.88 22.21
CA SER C 283 -12.45 -1.73 21.07
C SER C 283 -13.39 -1.01 20.10
N ILE C 284 -13.50 -1.55 18.89
CA ILE C 284 -14.42 -1.00 17.89
C ILE C 284 -15.46 -2.02 17.44
N ASN C 285 -16.73 -1.60 17.43
CA ASN C 285 -17.83 -2.46 17.02
C ASN C 285 -18.75 -1.74 16.02
N THR C 286 -18.74 -2.17 14.76
CA THR C 286 -19.50 -1.46 13.73
C THR C 286 -19.68 -2.20 12.40
N ARG C 287 -20.71 -1.78 11.65
CA ARG C 287 -20.93 -2.24 10.29
C ARG C 287 -20.16 -1.40 9.29
N LEU C 288 -19.83 -0.19 9.71
CA LEU C 288 -19.22 0.80 8.82
C LEU C 288 -17.82 0.40 8.38
N PRO C 289 -17.54 0.55 7.08
CA PRO C 289 -16.24 0.22 6.45
C PRO C 289 -15.09 1.07 6.96
N PHE C 290 -15.38 2.31 7.35
CA PHE C 290 -14.34 3.25 7.74
C PHE C 290 -14.45 3.67 9.21
N GLN C 291 -13.31 3.97 9.83
CA GLN C 291 -13.27 4.47 11.20
C GLN C 291 -12.10 5.44 11.36
N ASN C 292 -12.17 6.32 12.35
CA ASN C 292 -11.08 7.28 12.58
C ASN C 292 -10.56 7.32 14.02
N LEU C 293 -10.76 6.23 14.77
CA LEU C 293 -10.31 6.19 16.15
C LEU C 293 -8.80 6.01 16.28
N SER C 294 -8.22 5.24 15.37
CA SER C 294 -6.80 4.90 15.45
C SER C 294 -6.27 4.35 14.13
N PRO C 295 -5.07 4.81 13.74
CA PRO C 295 -4.43 4.32 12.51
C PRO C 295 -3.91 2.90 12.70
N ARG C 296 -3.62 2.54 13.95
CA ARG C 296 -3.04 1.25 14.25
C ARG C 296 -4.03 0.37 15.02
N THR C 297 -4.69 -0.54 14.30
CA THR C 297 -5.70 -1.42 14.87
C THR C 297 -5.30 -2.89 14.74
N VAL C 298 -6.14 -3.78 15.25
CA VAL C 298 -5.82 -5.21 15.26
C VAL C 298 -7.09 -6.07 15.22
N GLY C 299 -7.09 -7.07 14.33
CA GLY C 299 -8.22 -7.94 14.15
C GLY C 299 -9.03 -7.64 12.91
N GLN C 300 -10.29 -8.06 12.90
CA GLN C 300 -11.15 -7.88 11.73
C GLN C 300 -11.73 -6.47 11.76
N CYS C 301 -10.87 -5.49 11.50
CA CYS C 301 -11.24 -4.09 11.70
C CYS C 301 -11.67 -3.43 10.40
N PRO C 302 -12.48 -2.35 10.51
CA PRO C 302 -12.74 -1.48 9.38
C PRO C 302 -11.52 -0.61 9.08
N LYS C 303 -11.39 -0.15 7.84
CA LYS C 303 -10.27 0.68 7.43
C LYS C 303 -10.24 2.01 8.18
N TYR C 304 -9.03 2.50 8.45
CA TYR C 304 -8.88 3.80 9.11
C TYR C 304 -8.74 4.91 8.08
N VAL C 305 -9.47 6.01 8.30
CA VAL C 305 -9.53 7.10 7.35
C VAL C 305 -9.29 8.43 8.06
N ASN C 306 -8.65 9.37 7.38
CA ASN C 306 -8.29 10.66 7.96
C ASN C 306 -9.40 11.69 7.88
N ARG C 307 -10.62 11.31 8.27
CA ARG C 307 -11.74 12.23 8.23
C ARG C 307 -12.59 12.16 9.49
N ARG C 308 -13.06 13.31 9.92
CA ARG C 308 -13.88 13.41 11.12
C ARG C 308 -15.32 13.05 10.78
N SER C 309 -15.67 13.23 9.51
CA SER C 309 -16.98 12.78 9.05
C SER C 309 -17.19 12.71 7.54
N LEU C 310 -17.89 11.66 7.12
CA LEU C 310 -18.36 11.48 5.75
C LEU C 310 -19.85 11.13 5.73
N MET C 311 -20.65 11.98 5.09
CA MET C 311 -22.10 11.76 5.06
C MET C 311 -22.58 11.11 3.76
N LEU C 312 -23.29 10.00 3.89
CA LEU C 312 -23.90 9.31 2.75
C LEU C 312 -25.39 9.65 2.64
N ALA C 313 -25.73 10.35 1.56
CA ALA C 313 -27.10 10.75 1.29
C ALA C 313 -28.02 9.54 1.11
N THR C 314 -29.03 9.43 1.96
CA THR C 314 -29.98 8.33 1.88
C THR C 314 -31.28 8.80 1.24
N GLY C 315 -31.28 10.05 0.81
CA GLY C 315 -32.49 10.68 0.31
C GLY C 315 -32.22 11.61 -0.87
N MET C 316 -33.30 12.05 -1.51
CA MET C 316 -33.20 12.97 -2.64
C MET C 316 -32.80 14.38 -2.21
N ARG C 317 -32.45 15.20 -3.19
CA ARG C 317 -32.14 16.60 -2.95
C ARG C 317 -33.34 17.33 -2.34
N ASN C 318 -33.07 18.20 -1.38
CA ASN C 318 -34.14 18.89 -0.67
C ASN C 318 -34.32 20.33 -1.14
N VAL C 319 -35.50 20.63 -1.67
CA VAL C 319 -35.82 21.98 -2.13
C VAL C 319 -37.05 22.50 -1.40
N PRO C 320 -36.85 23.42 -0.44
CA PRO C 320 -37.94 23.98 0.35
C PRO C 320 -38.68 25.10 -0.38
N LEU D 2 -28.85 15.35 -12.73
CA LEU D 2 -28.95 15.41 -14.18
C LEU D 2 -30.37 15.75 -14.62
N PHE D 3 -31.28 14.83 -14.34
CA PHE D 3 -32.67 14.88 -14.80
C PHE D 3 -33.42 16.16 -14.41
N GLY D 4 -34.40 16.51 -15.24
CA GLY D 4 -35.05 17.81 -15.21
C GLY D 4 -35.88 18.24 -14.01
N ALA D 5 -36.66 17.34 -13.45
CA ALA D 5 -37.78 17.73 -12.60
C ALA D 5 -37.46 18.45 -11.28
N ILE D 6 -36.67 17.83 -10.42
CA ILE D 6 -36.61 18.27 -9.02
C ILE D 6 -35.95 19.62 -8.79
N ALA D 7 -34.89 19.92 -9.54
CA ALA D 7 -34.24 21.21 -9.43
C ALA D 7 -34.42 22.07 -10.68
N GLY D 8 -35.14 21.56 -11.67
CA GLY D 8 -35.29 22.26 -12.93
C GLY D 8 -36.60 22.99 -13.15
N PHE D 9 -37.73 22.28 -13.07
CA PHE D 9 -39.01 22.94 -13.32
C PHE D 9 -40.03 22.74 -12.20
N LEU D 10 -39.82 21.76 -11.34
CA LEU D 10 -40.55 21.72 -10.07
C LEU D 10 -39.81 22.65 -9.12
N GLU D 11 -40.48 23.71 -8.67
CA GLU D 11 -39.78 24.82 -8.03
C GLU D 11 -39.72 24.72 -6.51
N ASN D 12 -40.25 23.64 -5.95
CA ASN D 12 -40.05 23.30 -4.55
C ASN D 12 -40.67 21.96 -4.17
N GLY D 13 -40.33 21.47 -2.97
CA GLY D 13 -40.91 20.26 -2.44
C GLY D 13 -41.97 20.53 -1.39
N TRP D 14 -42.92 19.60 -1.28
CA TRP D 14 -44.01 19.76 -0.32
C TRP D 14 -43.66 19.06 0.99
N GLU D 15 -43.81 19.79 2.10
CA GLU D 15 -43.53 19.21 3.42
C GLU D 15 -44.69 18.31 3.86
N GLY D 16 -45.91 18.78 3.60
CA GLY D 16 -47.13 18.04 3.92
C GLY D 16 -47.15 16.58 3.51
N MET D 17 -46.40 16.24 2.47
CA MET D 17 -46.34 14.86 2.00
C MET D 17 -45.64 13.97 3.01
N VAL D 18 -46.28 12.86 3.37
CA VAL D 18 -45.75 11.92 4.35
C VAL D 18 -46.09 10.50 3.92
N ASP D 19 -45.19 9.56 4.20
CA ASP D 19 -45.23 8.21 3.65
C ASP D 19 -45.37 8.27 2.13
N GLY D 20 -44.51 9.08 1.52
CA GLY D 20 -44.39 9.11 0.08
C GLY D 20 -43.30 10.09 -0.34
N TRP D 21 -42.57 9.74 -1.39
CA TRP D 21 -41.61 10.63 -2.00
C TRP D 21 -42.22 11.36 -3.19
N TYR D 22 -43.23 10.75 -3.79
CA TYR D 22 -43.87 11.30 -4.98
C TYR D 22 -45.39 11.21 -4.90
N PHE D 24 -48.79 14.24 -5.67
CA PHE D 24 -50.15 14.32 -6.19
C PHE D 24 -50.99 15.37 -5.47
N ARG D 25 -51.46 16.35 -6.24
CA ARG D 25 -52.31 17.42 -5.72
C ARG D 25 -53.30 17.81 -6.82
N HIS D 26 -54.56 18.04 -6.44
CA HIS D 26 -55.54 18.51 -7.41
C HIS D 26 -56.40 19.66 -6.89
N GLN D 27 -57.53 19.90 -7.58
CA GLN D 27 -58.39 21.05 -7.29
C GLN D 27 -59.87 20.71 -7.46
N ASN D 28 -60.27 20.53 -8.72
CA ASN D 28 -61.63 20.25 -9.20
C ASN D 28 -62.73 21.14 -8.60
N ALA D 29 -63.76 20.56 -8.01
CA ALA D 29 -64.90 21.31 -7.50
C ALA D 29 -65.30 20.89 -6.09
N GLN D 30 -65.39 19.58 -5.85
CA GLN D 30 -65.70 19.04 -4.53
C GLN D 30 -64.76 19.59 -3.46
N GLY D 31 -63.48 19.65 -3.77
CA GLY D 31 -62.47 20.14 -2.85
C GLY D 31 -61.09 19.69 -3.26
N THR D 32 -60.11 19.91 -2.40
CA THR D 32 -58.75 19.47 -2.70
C THR D 32 -58.24 18.39 -1.75
N GLY D 33 -57.73 17.31 -2.32
CA GLY D 33 -57.18 16.19 -1.56
C GLY D 33 -55.77 15.85 -1.99
N GLN D 34 -54.94 15.44 -1.04
CA GLN D 34 -53.54 15.14 -1.32
C GLN D 34 -53.24 13.67 -1.09
N ALA D 35 -52.52 13.05 -2.02
CA ALA D 35 -52.15 11.65 -1.91
C ALA D 35 -50.72 11.40 -2.36
N ALA D 36 -50.12 10.33 -1.86
CA ALA D 36 -48.75 9.97 -2.22
C ALA D 36 -48.67 8.62 -2.94
N ASP D 37 -47.97 8.59 -4.07
CA ASP D 37 -47.85 7.38 -4.88
C ASP D 37 -46.85 6.40 -4.25
N TYR D 38 -47.31 5.17 -4.02
CA TYR D 38 -46.50 4.14 -3.36
C TYR D 38 -45.33 3.59 -4.19
N LYS D 39 -45.61 3.22 -5.43
CA LYS D 39 -44.68 2.44 -6.24
C LYS D 39 -43.35 3.13 -6.59
N SER D 40 -43.41 4.39 -7.00
CA SER D 40 -42.20 5.12 -7.38
C SER D 40 -41.28 5.29 -6.18
N THR D 41 -41.86 5.63 -5.05
CA THR D 41 -41.10 5.88 -3.83
C THR D 41 -40.46 4.58 -3.36
N GLN D 42 -41.22 3.49 -3.36
CA GLN D 42 -40.64 2.22 -2.95
C GLN D 42 -39.53 1.81 -3.91
N ALA D 43 -39.71 2.14 -5.18
CA ALA D 43 -38.70 1.89 -6.20
C ALA D 43 -37.40 2.64 -5.93
N ALA D 44 -37.49 3.87 -5.42
CA ALA D 44 -36.30 4.63 -5.07
C ALA D 44 -35.66 4.14 -3.76
N ILE D 45 -36.51 3.91 -2.78
CA ILE D 45 -36.10 3.51 -1.44
C ILE D 45 -35.35 2.18 -1.52
N ASP D 46 -35.85 1.26 -2.33
CA ASP D 46 -35.23 -0.05 -2.49
C ASP D 46 -33.80 0.09 -3.01
N GLN D 47 -33.59 1.03 -3.93
CA GLN D 47 -32.27 1.28 -4.49
C GLN D 47 -31.34 1.89 -3.43
N ILE D 48 -31.88 2.78 -2.61
CA ILE D 48 -31.08 3.36 -1.53
C ILE D 48 -30.67 2.29 -0.50
N THR D 49 -31.61 1.42 -0.16
CA THR D 49 -31.34 0.33 0.76
C THR D 49 -30.32 -0.62 0.17
N GLY D 50 -30.36 -0.79 -1.15
CA GLY D 50 -29.39 -1.60 -1.85
C GLY D 50 -28.00 -1.00 -1.71
N LYS D 51 -27.94 0.33 -1.82
CA LYS D 51 -26.67 1.04 -1.64
C LYS D 51 -26.12 0.86 -0.22
N LEU D 52 -27.01 0.95 0.77
CA LEU D 52 -26.61 0.81 2.17
C LEU D 52 -26.15 -0.62 2.48
N ASN D 53 -26.86 -1.59 1.94
CA ASN D 53 -26.51 -2.99 2.13
C ASN D 53 -25.17 -3.30 1.46
N ARG D 54 -24.94 -2.68 0.30
CA ARG D 54 -23.65 -2.78 -0.36
C ARG D 54 -22.56 -2.16 0.51
N LEU D 55 -22.93 -1.11 1.23
CA LEU D 55 -22.00 -0.43 2.13
C LEU D 55 -21.60 -1.26 3.35
N VAL D 56 -22.56 -1.98 3.93
CA VAL D 56 -22.31 -2.64 5.22
C VAL D 56 -21.85 -4.10 5.13
N GLU D 57 -21.68 -4.61 3.92
CA GLU D 57 -21.28 -6.01 3.75
C GLU D 57 -19.87 -6.26 4.29
N ASN D 60 -13.94 -8.27 6.18
CA ASN D 60 -12.76 -7.70 6.82
C ASN D 60 -11.72 -8.77 7.15
N THR D 61 -10.62 -8.76 6.41
CA THR D 61 -9.52 -9.70 6.65
C THR D 61 -8.72 -9.33 7.90
N GLU D 62 -8.34 -10.35 8.66
CA GLU D 62 -7.67 -10.16 9.95
C GLU D 62 -6.25 -9.60 9.78
N PHE D 63 -5.85 -8.74 10.72
CA PHE D 63 -4.52 -8.14 10.70
C PHE D 63 -3.83 -8.32 12.05
N GLU D 64 -2.53 -8.54 12.03
CA GLU D 64 -1.75 -8.63 13.26
C GLU D 64 -1.05 -7.29 13.53
N SER D 65 -0.46 -7.17 14.71
CA SER D 65 0.31 -5.98 15.04
C SER D 65 1.69 -6.04 14.36
N ILE D 66 2.20 -4.89 13.96
CA ILE D 66 3.55 -4.82 13.39
C ILE D 66 4.34 -3.67 14.01
N GLU D 67 3.67 -2.85 14.80
CA GLU D 67 4.35 -1.86 15.63
C GLU D 67 4.20 -2.22 17.10
N SER D 68 5.31 -2.22 17.82
CA SER D 68 5.24 -2.41 19.26
C SER D 68 4.80 -1.11 19.91
N GLU D 69 3.69 -1.17 20.64
CA GLU D 69 3.14 0.00 21.31
C GLU D 69 3.98 0.40 22.50
N PHE D 70 4.39 -0.61 23.27
CA PHE D 70 4.94 -0.40 24.59
C PHE D 70 6.46 -0.50 24.68
N SER D 71 7.14 -0.45 23.54
CA SER D 71 8.59 -0.63 23.53
C SER D 71 9.29 -0.12 22.28
N GLU D 72 10.62 -0.02 22.38
CA GLU D 72 11.51 0.32 21.27
C GLU D 72 11.17 -0.42 19.98
N ILE D 73 11.31 0.25 18.85
CA ILE D 73 11.24 -0.38 17.54
C ILE D 73 12.34 0.16 16.64
N GLU D 74 13.09 -0.74 16.01
CA GLU D 74 14.26 -0.38 15.21
C GLU D 74 13.92 0.73 14.21
N HIS D 75 14.57 1.88 14.40
CA HIS D 75 14.27 3.12 13.68
C HIS D 75 13.90 2.97 12.20
N GLN D 76 14.79 2.37 11.42
CA GLN D 76 14.61 2.27 9.97
C GLN D 76 13.36 1.46 9.58
N ILE D 77 13.18 0.29 10.18
CA ILE D 77 12.00 -0.53 9.88
C ILE D 77 10.74 0.18 10.36
N GLY D 78 10.85 0.89 11.48
CA GLY D 78 9.73 1.65 12.01
C GLY D 78 9.31 2.74 11.05
N ASN D 79 10.30 3.38 10.43
CA ASN D 79 10.05 4.40 9.42
C ASN D 79 9.40 3.80 8.18
N VAL D 80 9.83 2.60 7.82
CA VAL D 80 9.25 1.90 6.69
C VAL D 80 7.77 1.63 6.96
N ILE D 81 7.48 1.18 8.17
CA ILE D 81 6.11 0.89 8.58
C ILE D 81 5.27 2.15 8.60
N ASN D 82 5.82 3.24 9.13
CA ASN D 82 5.08 4.49 9.19
C ASN D 82 4.72 4.99 7.80
N TRP D 83 5.68 4.87 6.88
CA TRP D 83 5.48 5.28 5.49
C TRP D 83 4.37 4.44 4.87
N THR D 84 4.45 3.13 5.08
CA THR D 84 3.53 2.21 4.42
C THR D 84 2.10 2.42 4.93
N LYS D 85 1.95 2.45 6.25
CA LYS D 85 0.63 2.59 6.87
C LYS D 85 0.00 3.94 6.56
N ASP D 86 0.78 5.02 6.64
CA ASP D 86 0.25 6.33 6.23
C ASP D 86 -0.13 6.36 4.75
N SER D 87 0.61 5.64 3.92
CA SER D 87 0.27 5.54 2.50
C SER D 87 -1.06 4.83 2.27
N ILE D 88 -1.24 3.69 2.94
CA ILE D 88 -2.47 2.92 2.85
C ILE D 88 -3.65 3.74 3.35
N THR D 89 -3.42 4.47 4.43
CA THR D 89 -4.44 5.36 5.00
C THR D 89 -4.84 6.42 3.97
N ASP D 90 -3.84 6.96 3.27
CA ASP D 90 -4.10 7.97 2.25
C ASP D 90 -4.98 7.42 1.13
N ILE D 91 -4.64 6.22 0.68
CA ILE D 91 -5.38 5.57 -0.40
C ILE D 91 -6.82 5.30 0.02
N TRP D 92 -6.99 4.74 1.21
CA TRP D 92 -8.32 4.40 1.71
C TRP D 92 -9.17 5.66 1.94
N THR D 93 -8.51 6.74 2.33
CA THR D 93 -9.20 8.03 2.49
C THR D 93 -9.72 8.51 1.14
N TYR D 94 -8.86 8.47 0.13
CA TYR D 94 -9.23 8.92 -1.20
C TYR D 94 -10.41 8.10 -1.71
N GLN D 95 -10.34 6.78 -1.51
CA GLN D 95 -11.42 5.90 -1.91
C GLN D 95 -12.72 6.22 -1.18
N ALA D 96 -12.61 6.59 0.09
CA ALA D 96 -13.79 6.92 0.88
C ALA D 96 -14.48 8.17 0.34
N GLU D 97 -13.69 9.19 0.05
CA GLU D 97 -14.24 10.43 -0.49
C GLU D 97 -14.85 10.22 -1.87
N LEU D 98 -14.17 9.42 -2.69
CA LEU D 98 -14.62 9.15 -4.04
C LEU D 98 -15.95 8.40 -4.04
N LEU D 99 -16.04 7.40 -3.18
CA LEU D 99 -17.25 6.59 -3.07
C LEU D 99 -18.39 7.44 -2.58
N VAL D 100 -18.17 8.20 -1.51
CA VAL D 100 -19.28 8.98 -0.96
C VAL D 100 -19.78 10.02 -1.95
N ALA D 101 -18.86 10.69 -2.63
CA ALA D 101 -19.24 11.69 -3.62
C ALA D 101 -20.03 11.11 -4.80
N MET D 102 -19.50 10.05 -5.41
CA MET D 102 -20.20 9.47 -6.56
C MET D 102 -21.52 8.79 -6.18
N GLU D 103 -21.55 8.18 -5.00
CA GLU D 103 -22.77 7.56 -4.50
C GLU D 103 -23.84 8.61 -4.27
N ASN D 104 -23.43 9.78 -3.78
CA ASN D 104 -24.39 10.85 -3.53
C ASN D 104 -24.93 11.43 -4.83
N GLN D 105 -24.03 11.64 -5.80
CA GLN D 105 -24.45 12.16 -7.10
C GLN D 105 -25.46 11.21 -7.75
N HIS D 106 -25.15 9.93 -7.69
CA HIS D 106 -26.02 8.92 -8.28
C HIS D 106 -27.35 8.84 -7.56
N THR D 107 -27.33 9.00 -6.24
CA THR D 107 -28.55 8.95 -5.44
C THR D 107 -29.51 10.08 -5.79
N ILE D 108 -28.97 11.30 -5.81
CA ILE D 108 -29.80 12.46 -6.08
C ILE D 108 -30.34 12.41 -7.50
N ASP D 109 -29.45 12.19 -8.45
CA ASP D 109 -29.83 12.21 -9.86
C ASP D 109 -30.82 11.07 -10.19
N MET D 110 -30.62 9.91 -9.58
CA MET D 110 -31.55 8.79 -9.78
C MET D 110 -32.92 9.10 -9.19
N ALA D 111 -32.97 9.74 -8.03
CA ALA D 111 -34.27 10.08 -7.46
C ALA D 111 -35.02 11.08 -8.35
N ASP D 112 -34.27 12.06 -8.85
CA ASP D 112 -34.79 13.03 -9.81
C ASP D 112 -35.38 12.31 -11.04
N SER D 113 -34.65 11.30 -11.50
CA SER D 113 -35.14 10.43 -12.56
C SER D 113 -36.46 9.78 -12.19
N GLU D 114 -36.55 9.30 -10.94
CA GLU D 114 -37.70 8.53 -10.51
C GLU D 114 -38.93 9.42 -10.47
N MET D 115 -38.70 10.72 -10.30
CA MET D 115 -39.78 11.70 -10.44
C MET D 115 -40.19 11.85 -11.91
N LEU D 116 -39.22 12.22 -12.74
CA LEU D 116 -39.43 12.36 -14.18
C LEU D 116 -40.23 11.21 -14.81
N ASN D 117 -39.91 9.97 -14.42
CA ASN D 117 -40.60 8.79 -14.92
C ASN D 117 -42.11 8.82 -14.65
N LEU D 118 -42.48 9.24 -13.44
CA LEU D 118 -43.87 9.31 -13.05
C LEU D 118 -44.54 10.42 -13.84
N TYR D 119 -43.86 11.56 -13.93
CA TYR D 119 -44.34 12.66 -14.75
C TYR D 119 -44.66 12.22 -16.19
N GLU D 120 -43.82 11.35 -16.73
CA GLU D 120 -44.01 10.91 -18.12
C GLU D 120 -45.05 9.82 -18.29
N ARG D 121 -45.21 8.94 -17.29
CA ARG D 121 -46.26 7.93 -17.41
C ARG D 121 -47.61 8.65 -17.32
N VAL D 122 -47.65 9.68 -16.48
CA VAL D 122 -48.89 10.42 -16.31
C VAL D 122 -49.19 11.22 -17.57
N ARG D 123 -48.17 11.84 -18.15
CA ARG D 123 -48.39 12.61 -19.38
C ARG D 123 -48.84 11.70 -20.52
N LYS D 124 -48.26 10.51 -20.60
CA LYS D 124 -48.60 9.57 -21.67
C LYS D 124 -49.95 8.92 -21.41
N GLN D 125 -50.42 9.03 -20.18
CA GLN D 125 -51.69 8.43 -19.81
C GLN D 125 -52.83 9.41 -20.09
N LEU D 126 -52.64 10.65 -19.64
CA LEU D 126 -53.59 11.72 -19.92
C LEU D 126 -53.67 12.06 -21.41
N ARG D 127 -52.59 11.81 -22.14
CA ARG D 127 -52.60 11.92 -23.61
C ARG D 127 -53.16 13.28 -24.07
N GLN D 128 -54.20 13.26 -24.89
CA GLN D 128 -54.79 14.48 -25.44
C GLN D 128 -55.61 15.29 -24.44
N ASN D 129 -56.21 14.60 -23.47
CA ASN D 129 -57.17 15.22 -22.57
C ASN D 129 -56.64 16.36 -21.70
N ALA D 130 -55.32 16.51 -21.62
CA ALA D 130 -54.73 17.46 -20.70
C ALA D 130 -53.59 18.27 -21.30
N GLU D 131 -53.03 19.19 -20.52
CA GLU D 131 -51.95 20.05 -21.01
C GLU D 131 -50.87 20.26 -19.93
N GLU D 132 -49.69 20.70 -20.34
CA GLU D 132 -48.59 20.92 -19.41
C GLU D 132 -48.32 22.41 -19.17
N ASP D 133 -48.45 22.85 -17.92
CA ASP D 133 -48.15 24.23 -17.56
C ASP D 133 -46.65 24.44 -17.34
N GLY D 134 -45.91 23.34 -17.16
CA GLY D 134 -44.49 23.40 -16.91
C GLY D 134 -44.00 23.62 -15.48
N LYS D 135 -44.88 23.54 -14.50
CA LYS D 135 -44.43 23.25 -13.14
C LYS D 135 -44.79 21.80 -12.81
N GLY D 136 -44.95 21.00 -13.87
CA GLY D 136 -45.23 19.59 -13.71
C GLY D 136 -46.70 19.30 -13.44
N CYS D 137 -47.51 20.36 -13.37
CA CYS D 137 -48.94 20.21 -13.21
C CYS D 137 -49.60 19.94 -14.55
N PHE D 138 -50.75 19.27 -14.52
CA PHE D 138 -51.50 19.00 -15.73
C PHE D 138 -52.86 19.70 -15.70
N GLU D 139 -53.17 20.40 -16.79
CA GLU D 139 -54.43 21.11 -16.88
C GLU D 139 -55.47 20.20 -17.52
N ILE D 140 -56.54 19.95 -16.78
CA ILE D 140 -57.61 19.07 -17.22
C ILE D 140 -58.77 19.89 -17.78
N TYR D 141 -59.08 19.65 -19.05
CA TYR D 141 -60.03 20.49 -19.77
C TYR D 141 -61.45 19.96 -19.70
N HIS D 142 -61.77 19.27 -18.60
CA HIS D 142 -63.10 18.71 -18.41
C HIS D 142 -63.32 18.31 -16.95
N ALA D 143 -63.37 19.32 -16.07
CA ALA D 143 -63.68 19.10 -14.65
C ALA D 143 -62.79 18.01 -14.08
N CYS D 144 -63.44 17.05 -13.41
CA CYS D 144 -62.93 15.74 -12.93
C CYS D 144 -63.28 15.55 -11.47
N ASP D 145 -64.23 14.66 -11.20
CA ASP D 145 -64.65 14.40 -9.83
C ASP D 145 -63.52 13.73 -9.07
N ASP D 146 -63.64 13.69 -7.74
CA ASP D 146 -62.60 13.11 -6.89
C ASP D 146 -62.28 11.67 -7.31
N SER D 147 -63.30 10.95 -7.75
CA SER D 147 -63.14 9.60 -8.26
C SER D 147 -62.28 9.56 -9.51
N CYS D 148 -62.41 10.59 -10.36
CA CYS D 148 -61.60 10.69 -11.57
C CYS D 148 -60.12 10.92 -11.24
N MET D 149 -59.86 11.77 -10.25
CA MET D 149 -58.50 12.03 -9.80
C MET D 149 -57.91 10.75 -9.21
N GLU D 150 -58.77 10.03 -8.50
CA GLU D 150 -58.41 8.75 -7.92
C GLU D 150 -58.05 7.78 -9.04
N SER D 151 -58.78 7.86 -10.15
CA SER D 151 -58.49 7.07 -11.33
C SER D 151 -57.15 7.44 -11.96
N ILE D 152 -56.81 8.73 -11.89
CA ILE D 152 -55.53 9.19 -12.39
C ILE D 152 -54.38 8.59 -11.58
N ARG D 153 -54.53 8.61 -10.25
CA ARG D 153 -53.53 7.98 -9.39
C ARG D 153 -53.47 6.46 -9.60
N ASN D 154 -54.64 5.85 -9.72
CA ASN D 154 -54.78 4.39 -9.84
C ASN D 154 -54.21 3.79 -11.12
N ASN D 155 -54.23 4.57 -12.21
CA ASN D 155 -53.82 4.17 -13.56
C ASN D 155 -54.93 3.40 -14.27
N THR D 156 -56.15 3.49 -13.76
CA THR D 156 -57.31 2.84 -14.38
C THR D 156 -57.96 3.76 -15.41
N TYR D 157 -57.37 4.94 -15.58
CA TYR D 157 -57.97 6.03 -16.37
C TYR D 157 -57.96 5.74 -17.87
N ASP D 158 -59.15 5.61 -18.45
CA ASP D 158 -59.32 5.55 -19.90
C ASP D 158 -59.35 6.95 -20.50
N HIS D 159 -58.52 7.18 -21.53
CA HIS D 159 -58.38 8.51 -22.11
C HIS D 159 -59.47 8.83 -23.13
N SER D 160 -59.87 7.83 -23.93
CA SER D 160 -60.86 8.02 -24.97
C SER D 160 -62.23 8.41 -24.43
N GLN D 161 -62.46 8.08 -23.17
CA GLN D 161 -63.75 8.34 -22.52
C GLN D 161 -64.04 9.85 -22.45
N TYR D 162 -63.02 10.62 -22.14
CA TYR D 162 -63.17 12.07 -21.98
C TYR D 162 -62.60 12.84 -23.17
N ARG D 163 -62.01 12.12 -24.12
CA ARG D 163 -61.32 12.71 -25.27
C ARG D 163 -62.05 13.86 -25.97
N GLU D 164 -63.31 13.64 -26.36
CA GLU D 164 -63.98 14.55 -27.29
C GLU D 164 -64.37 15.83 -26.56
N GLU D 165 -65.07 15.66 -25.43
CA GLU D 165 -65.53 16.77 -24.61
C GLU D 165 -64.36 17.64 -24.18
N ALA D 166 -63.16 17.09 -24.29
CA ALA D 166 -61.96 17.75 -23.84
C ALA D 166 -61.36 18.51 -25.01
N LEU D 167 -61.20 17.81 -26.13
CA LEU D 167 -60.75 18.41 -27.38
C LEU D 167 -61.53 19.68 -27.75
N LEU D 168 -62.85 19.62 -27.63
CA LEU D 168 -63.67 20.80 -27.93
C LEU D 168 -63.28 21.98 -27.05
N ASN D 169 -63.13 21.74 -25.75
CA ASN D 169 -62.62 22.76 -24.84
C ASN D 169 -61.22 23.26 -25.21
N ARG D 170 -60.38 22.35 -25.71
CA ARG D 170 -59.03 22.70 -26.13
C ARG D 170 -59.06 23.72 -27.26
N LEU D 171 -59.91 23.46 -28.24
CA LEU D 171 -60.03 24.35 -29.39
C LEU D 171 -60.78 25.64 -29.06
N ASN D 172 -61.77 25.55 -28.18
CA ASN D 172 -62.58 26.71 -27.82
C ASN D 172 -63.02 26.69 -26.37
N ASP E 4 -40.18 31.46 -40.08
CA ASP E 4 -40.37 31.90 -38.71
C ASP E 4 -40.24 30.73 -37.73
N LYS E 5 -39.12 30.65 -37.04
CA LYS E 5 -38.84 29.54 -36.14
C LYS E 5 -37.73 29.89 -35.15
N ILE E 6 -37.43 28.97 -34.24
CA ILE E 6 -36.38 29.20 -33.24
C ILE E 6 -35.55 27.92 -33.05
N CYS E 7 -34.23 28.10 -32.96
CA CYS E 7 -33.31 26.96 -32.96
C CYS E 7 -32.61 26.84 -31.62
N LEU E 8 -32.57 25.63 -31.06
CA LEU E 8 -31.79 25.39 -29.85
C LEU E 8 -30.59 24.52 -30.17
N GLY E 9 -29.41 24.99 -29.80
CA GLY E 9 -28.17 24.30 -30.10
C GLY E 9 -27.07 24.54 -29.09
N HIS E 10 -26.04 23.71 -29.14
CA HIS E 10 -24.89 23.86 -28.27
C HIS E 10 -23.71 24.44 -29.05
N HIS E 11 -22.75 25.01 -28.33
CA HIS E 11 -21.59 25.65 -28.96
C HIS E 11 -20.51 24.62 -29.29
N ALA E 12 -19.64 25.00 -30.22
CA ALA E 12 -18.47 24.18 -30.55
C ALA E 12 -17.26 25.09 -30.77
N VAL E 13 -16.06 24.51 -30.68
CA VAL E 13 -14.85 25.29 -30.91
C VAL E 13 -14.19 24.92 -32.24
N ALA E 14 -13.18 25.68 -32.62
CA ALA E 14 -12.40 25.39 -33.82
C ALA E 14 -11.45 24.23 -33.55
N ASN E 15 -10.70 24.33 -32.46
CA ASN E 15 -9.79 23.28 -32.04
C ASN E 15 -10.14 22.76 -30.65
N GLY E 16 -10.65 21.53 -30.58
CA GLY E 16 -11.01 20.92 -29.32
C GLY E 16 -10.02 19.86 -28.89
N THR E 17 -10.06 19.51 -27.61
CA THR E 17 -9.05 18.63 -27.03
C THR E 17 -9.64 17.26 -26.71
N ILE E 18 -8.83 16.22 -26.88
CA ILE E 18 -9.29 14.85 -26.71
C ILE E 18 -9.08 14.33 -25.29
N VAL E 19 -10.07 13.62 -24.76
CA VAL E 19 -9.93 12.96 -23.47
C VAL E 19 -10.33 11.48 -23.53
N LYS E 20 -10.32 10.84 -22.37
CA LYS E 20 -10.69 9.44 -22.23
C LYS E 20 -11.90 9.29 -21.31
N THR E 21 -12.82 8.41 -21.68
CA THR E 21 -13.99 8.14 -20.85
C THR E 21 -14.12 6.66 -20.55
N LEU E 22 -15.15 6.31 -19.79
CA LEU E 22 -15.48 4.92 -19.48
C LEU E 22 -15.63 4.06 -20.73
N THR E 23 -16.36 4.59 -21.72
CA THR E 23 -16.73 3.81 -22.88
C THR E 23 -15.99 4.21 -24.16
N ASN E 24 -15.33 5.35 -24.14
CA ASN E 24 -14.67 5.83 -25.34
C ASN E 24 -13.25 6.34 -25.12
N GLU E 25 -12.30 5.79 -25.88
CA GLU E 25 -11.00 6.41 -26.05
C GLU E 25 -11.12 7.43 -27.17
N GLN E 26 -10.26 8.45 -27.16
CA GLN E 26 -10.27 9.48 -28.19
C GLN E 26 -11.61 10.21 -28.28
N GLU E 27 -12.13 10.65 -27.13
CA GLU E 27 -13.36 11.42 -27.11
C GLU E 27 -13.10 12.93 -27.11
N GLU E 28 -13.43 13.57 -28.22
CA GLU E 28 -13.19 15.00 -28.37
C GLU E 28 -14.14 15.84 -27.52
N VAL E 29 -13.59 16.84 -26.85
CA VAL E 29 -14.31 17.69 -25.91
C VAL E 29 -13.88 19.13 -26.15
N THR E 30 -14.73 20.09 -25.75
CA THR E 30 -14.45 21.50 -25.96
C THR E 30 -13.18 21.97 -25.26
N ASN E 31 -12.99 21.51 -24.02
CA ASN E 31 -11.83 21.93 -23.23
C ASN E 31 -11.48 20.87 -22.18
N ALA E 32 -10.24 20.89 -21.70
CA ALA E 32 -9.82 20.00 -20.62
C ALA E 32 -8.61 20.55 -19.88
N THR E 33 -8.40 20.05 -18.65
CA THR E 33 -7.19 20.38 -17.91
C THR E 33 -6.55 19.10 -17.35
N GLU E 34 -5.22 19.04 -17.41
CA GLU E 34 -4.50 17.85 -16.98
C GLU E 34 -4.55 17.70 -15.46
N THR E 35 -4.43 16.46 -14.98
CA THR E 35 -4.47 16.18 -13.56
C THR E 35 -3.13 15.64 -13.08
N VAL E 36 -2.21 15.47 -14.02
CA VAL E 36 -0.86 15.04 -13.72
C VAL E 36 0.12 16.17 -14.04
N GLU E 37 1.06 16.43 -13.13
CA GLU E 37 2.05 17.47 -13.36
C GLU E 37 3.35 16.82 -13.81
N SER E 38 3.79 17.13 -15.03
CA SER E 38 5.00 16.56 -15.59
C SER E 38 6.21 17.50 -15.51
N THR E 39 5.97 18.71 -15.02
CA THR E 39 7.04 19.71 -14.96
C THR E 39 7.25 20.22 -13.53
N GLY E 40 8.49 20.21 -13.09
CA GLY E 40 8.83 20.69 -11.76
C GLY E 40 10.09 21.54 -11.82
N ILE E 41 10.24 22.44 -10.85
CA ILE E 41 11.40 23.31 -10.79
C ILE E 41 12.67 22.52 -10.51
N ASN E 42 13.72 22.81 -11.27
CA ASN E 42 15.03 22.20 -11.04
C ASN E 42 15.65 22.66 -9.72
N ARG E 43 15.47 23.93 -9.39
CA ARG E 43 15.99 24.49 -8.13
C ARG E 43 15.27 23.96 -6.88
N LEU E 44 15.94 24.07 -5.73
CA LEU E 44 15.35 23.75 -4.44
C LEU E 44 14.65 24.98 -3.86
N CYS E 45 13.33 24.88 -3.68
CA CYS E 45 12.54 26.04 -3.31
C CYS E 45 12.32 26.07 -1.80
N MET E 46 13.00 27.00 -1.12
CA MET E 46 13.08 26.97 0.33
C MET E 46 12.49 28.19 1.04
N LYS E 47 11.73 29.02 0.33
CA LYS E 47 11.08 30.16 0.96
C LYS E 47 10.13 29.72 2.07
N GLY E 48 10.10 30.47 3.16
CA GLY E 48 9.24 30.16 4.30
C GLY E 48 9.84 29.09 5.17
N ARG E 49 11.00 28.57 4.77
CA ARG E 49 11.69 27.52 5.50
C ARG E 49 13.09 27.95 5.90
N LYS E 50 13.37 28.04 7.20
CA LYS E 50 14.75 28.28 7.62
C LYS E 50 15.47 26.95 7.58
N HIS E 51 16.59 26.89 6.87
CA HIS E 51 17.19 25.61 6.55
C HIS E 51 18.70 25.64 6.63
N LYS E 52 19.29 24.47 6.81
CA LYS E 52 20.74 24.33 6.78
C LYS E 52 21.12 23.48 5.58
N ASP E 53 22.12 23.95 4.83
CA ASP E 53 22.63 23.17 3.70
C ASP E 53 23.97 22.58 4.09
N LEU E 54 24.13 21.29 3.86
CA LEU E 54 25.30 20.57 4.34
C LEU E 54 26.46 20.61 3.36
N GLY E 55 26.14 20.78 2.07
CA GLY E 55 27.12 20.65 1.00
C GLY E 55 27.87 19.34 1.10
N ASN E 56 29.19 19.41 1.21
CA ASN E 56 30.02 18.21 1.21
C ASN E 56 30.18 17.61 2.63
N CYS E 57 29.34 18.08 3.55
CA CYS E 57 29.30 17.55 4.91
C CYS E 57 28.20 16.49 5.07
N HIS E 58 28.61 15.27 5.39
CA HIS E 58 27.66 14.20 5.69
C HIS E 58 27.07 14.39 7.09
N PRO E 59 25.81 13.97 7.30
CA PRO E 59 25.14 14.15 8.60
C PRO E 59 25.90 13.55 9.79
N ILE E 60 26.55 12.41 9.61
CA ILE E 60 27.30 11.78 10.69
C ILE E 60 28.41 12.70 11.18
N GLY E 61 29.06 13.36 10.21
CA GLY E 61 30.12 14.31 10.46
C GLY E 61 29.73 15.34 11.50
N MET E 62 28.48 15.79 11.46
CA MET E 62 27.99 16.74 12.45
C MET E 62 28.11 16.15 13.85
N LEU E 63 27.81 14.87 13.97
CA LEU E 63 27.82 14.19 15.26
C LEU E 63 29.22 13.86 15.74
N ILE E 64 30.16 13.69 14.82
CA ILE E 64 31.52 13.34 15.25
C ILE E 64 32.53 14.47 15.05
N GLY E 65 32.30 15.34 14.07
CA GLY E 65 33.13 16.52 13.93
C GLY E 65 34.13 16.47 12.80
N THR E 66 33.77 15.84 11.69
CA THR E 66 34.60 15.86 10.50
C THR E 66 34.75 17.33 10.07
N PRO E 67 36.00 17.75 9.79
CA PRO E 67 36.35 19.14 9.46
C PRO E 67 35.35 19.78 8.50
N ALA E 68 34.91 18.99 7.51
CA ALA E 68 33.93 19.43 6.55
C ALA E 68 32.63 19.93 7.21
N CYS E 69 32.37 19.42 8.41
CA CYS E 69 31.15 19.77 9.13
C CYS E 69 31.40 20.77 10.26
N ASP E 70 32.55 21.44 10.25
CA ASP E 70 32.87 22.43 11.28
C ASP E 70 31.79 23.49 11.45
N LEU E 71 31.26 23.99 10.34
CA LEU E 71 30.24 25.02 10.37
C LEU E 71 28.83 24.43 10.49
N HIS E 72 28.76 23.14 10.81
CA HIS E 72 27.49 22.47 11.05
C HIS E 72 27.55 21.56 12.28
N LEU E 73 28.37 21.92 13.27
CA LEU E 73 28.41 21.18 14.52
C LEU E 73 27.18 21.48 15.37
N THR E 74 26.60 22.66 15.17
CA THR E 74 25.40 23.09 15.89
C THR E 74 24.52 23.91 14.96
N GLY E 75 23.21 23.91 15.23
CA GLY E 75 22.28 24.65 14.41
C GLY E 75 20.83 24.22 14.62
N MET E 76 19.91 25.06 14.17
CA MET E 76 18.49 24.70 14.12
C MET E 76 17.99 24.86 12.69
N TRP E 77 17.00 24.07 12.30
CA TRP E 77 16.53 24.08 10.92
C TRP E 77 15.16 23.45 10.72
N ASP E 78 14.37 24.07 9.84
CA ASP E 78 13.12 23.49 9.37
C ASP E 78 13.43 22.28 8.49
N THR E 79 14.59 22.32 7.85
CA THR E 79 14.86 21.52 6.66
C THR E 79 16.36 21.29 6.48
N LEU E 80 16.77 20.03 6.46
CA LEU E 80 18.19 19.68 6.35
C LEU E 80 18.50 19.01 5.03
N ILE E 81 19.37 19.64 4.24
CA ILE E 81 19.68 19.18 2.88
C ILE E 81 21.03 18.49 2.79
N GLU E 82 21.03 17.23 2.36
CA GLU E 82 22.25 16.45 2.20
C GLU E 82 22.60 16.28 0.72
N ARG E 83 23.88 16.19 0.39
CA ARG E 83 24.33 16.15 -1.00
C ARG E 83 25.06 14.85 -1.36
N GLU E 84 25.35 14.68 -2.65
CA GLU E 84 25.76 13.39 -3.22
C GLU E 84 27.00 12.75 -2.61
N ASN E 85 28.08 13.51 -2.50
CA ASN E 85 29.36 12.93 -2.07
C ASN E 85 29.87 13.53 -0.78
N ALA E 86 28.94 13.85 0.11
CA ALA E 86 29.27 14.49 1.38
C ALA E 86 30.20 13.61 2.23
N ILE E 87 31.15 14.23 2.90
CA ILE E 87 32.17 13.50 3.64
C ILE E 87 31.74 13.20 5.08
N ALA E 88 31.84 11.94 5.47
CA ALA E 88 31.49 11.51 6.82
C ALA E 88 32.75 11.26 7.63
N TYR E 89 33.78 10.78 6.97
CA TYR E 89 34.98 10.29 7.64
C TYR E 89 36.24 10.81 6.97
N CYS E 90 37.14 11.35 7.77
CA CYS E 90 38.45 11.78 7.27
C CYS E 90 39.43 10.64 7.50
N TYR E 91 39.31 10.00 8.66
CA TYR E 91 40.08 8.80 8.99
C TYR E 91 39.20 7.60 8.67
N PRO E 92 39.72 6.68 7.84
CA PRO E 92 38.92 5.60 7.23
C PRO E 92 38.22 4.72 8.25
N GLY E 93 36.92 4.51 8.07
CA GLY E 93 36.16 3.68 8.98
C GLY E 93 34.73 3.47 8.54
N ALA E 94 33.87 3.17 9.51
CA ALA E 94 32.44 3.02 9.25
C ALA E 94 31.65 3.20 10.54
N THR E 95 30.33 3.15 10.42
CA THR E 95 29.45 3.26 11.58
C THR E 95 28.47 2.10 11.60
N VAL E 96 28.14 1.61 12.79
CA VAL E 96 27.23 0.47 12.91
C VAL E 96 25.81 1.01 12.92
N ASN E 97 24.93 0.37 12.16
CA ASN E 97 23.56 0.82 11.98
C ASN E 97 23.55 2.28 11.52
N VAL E 98 24.34 2.55 10.48
CA VAL E 98 24.56 3.91 10.00
C VAL E 98 23.30 4.56 9.41
N GLU E 99 22.44 3.75 8.79
CA GLU E 99 21.30 4.30 8.06
C GLU E 99 20.24 4.81 9.03
N ALA E 100 19.99 4.03 10.07
CA ALA E 100 19.15 4.46 11.19
C ALA E 100 19.58 5.83 11.71
N LEU E 101 20.86 5.94 12.05
CA LEU E 101 21.42 7.17 12.60
C LEU E 101 21.28 8.35 11.63
N ARG E 102 21.66 8.15 10.37
CA ARG E 102 21.57 9.20 9.36
C ARG E 102 20.13 9.70 9.23
N GLN E 103 19.19 8.74 9.18
CA GLN E 103 17.78 9.07 9.09
C GLN E 103 17.35 9.90 10.30
N LYS E 104 17.70 9.40 11.50
CA LYS E 104 17.51 10.13 12.74
C LYS E 104 17.99 11.58 12.65
N ILE E 105 19.07 11.80 11.91
CA ILE E 105 19.62 13.15 11.77
C ILE E 105 18.78 13.97 10.80
N MET E 106 18.31 13.32 9.73
CA MET E 106 17.46 14.01 8.76
C MET E 106 16.05 14.24 9.30
N GLU E 107 15.67 13.47 10.32
CA GLU E 107 14.38 13.64 10.97
C GLU E 107 14.43 14.71 12.06
N SER E 108 15.60 15.31 12.25
CA SER E 108 15.78 16.32 13.28
C SER E 108 15.48 17.72 12.78
N GLY E 109 15.25 18.63 13.72
CA GLY E 109 15.13 20.04 13.40
C GLY E 109 16.20 20.87 14.09
N GLY E 110 17.29 20.20 14.48
CA GLY E 110 18.46 20.88 15.00
C GLY E 110 19.32 20.04 15.91
N ILE E 111 20.57 20.46 16.10
CA ILE E 111 21.49 19.76 16.99
C ILE E 111 22.11 20.72 18.01
N ASN E 112 22.15 20.30 19.28
CA ASN E 112 22.96 21.00 20.29
C ASN E 112 24.06 20.10 20.84
N LYS E 113 25.20 20.68 21.15
CA LYS E 113 26.32 19.86 21.64
C LYS E 113 26.68 20.20 23.07
N ILE E 114 27.21 19.22 23.80
CA ILE E 114 27.38 19.34 25.24
C ILE E 114 28.65 18.62 25.71
N SER E 115 29.53 19.35 26.39
CA SER E 115 30.77 18.80 26.90
C SER E 115 30.55 17.59 27.81
N THR E 116 31.35 16.54 27.60
CA THR E 116 31.31 15.37 28.45
C THR E 116 32.07 15.60 29.75
N GLY E 117 32.90 16.64 29.76
CA GLY E 117 33.71 16.96 30.93
C GLY E 117 34.75 15.90 31.25
N PHE E 118 35.01 15.01 30.29
CA PHE E 118 36.00 13.96 30.47
C PHE E 118 37.40 14.54 30.67
N THR E 119 38.09 14.03 31.69
CA THR E 119 39.47 14.41 31.94
C THR E 119 40.31 13.16 32.04
N TYR E 120 41.60 13.27 31.77
CA TYR E 120 42.43 12.08 31.59
C TYR E 120 43.70 12.12 32.44
N GLY E 121 44.27 10.96 32.69
CA GLY E 121 45.49 10.85 33.47
C GLY E 121 46.71 11.41 32.78
N SER E 122 47.71 11.80 33.59
CA SER E 122 48.95 12.37 33.08
C SER E 122 49.66 11.43 32.11
N SER E 123 49.43 10.14 32.25
CA SER E 123 50.02 9.15 31.35
C SER E 123 49.17 8.96 30.08
N ILE E 124 48.32 9.94 29.78
CA ILE E 124 47.51 9.87 28.57
C ILE E 124 47.67 11.12 27.72
N ASN E 125 48.00 10.92 26.44
CA ASN E 125 48.06 12.02 25.48
C ASN E 125 46.73 12.15 24.75
N SER E 126 45.94 13.14 25.14
CA SER E 126 44.57 13.27 24.66
C SER E 126 44.48 14.30 23.54
N ALA E 127 45.63 14.58 22.92
CA ALA E 127 45.70 15.58 21.87
C ALA E 127 46.20 14.92 20.59
N GLY E 128 46.17 13.59 20.56
CA GLY E 128 46.57 12.82 19.40
C GLY E 128 45.88 13.27 18.14
N THR E 129 46.64 13.41 17.06
CA THR E 129 46.11 13.91 15.80
C THR E 129 46.45 12.98 14.66
N THR E 130 46.09 13.39 13.45
CA THR E 130 46.27 12.57 12.26
C THR E 130 46.32 13.42 11.00
N ARG E 131 47.16 12.98 10.08
CA ARG E 131 47.34 13.54 8.74
C ARG E 131 46.08 13.42 7.89
N ALA E 132 45.23 12.44 8.21
CA ALA E 132 44.04 12.16 7.41
C ALA E 132 42.87 13.09 7.73
N CYS E 133 42.96 13.78 8.86
CA CYS E 133 41.92 14.74 9.24
C CYS E 133 42.51 16.13 9.36
N MET E 134 42.55 16.85 8.24
CA MET E 134 43.21 18.15 8.19
C MET E 134 42.27 19.32 8.46
N ARG E 135 42.66 20.17 9.40
CA ARG E 135 42.01 21.45 9.61
C ARG E 135 43.05 22.52 9.28
N ASN E 136 42.69 23.43 8.38
CA ASN E 136 43.65 24.37 7.80
C ASN E 136 44.78 23.57 7.17
N GLY E 137 46.02 23.89 7.53
CA GLY E 137 47.15 23.10 7.07
C GLY E 137 47.57 22.03 8.06
N GLY E 138 47.09 22.15 9.30
CA GLY E 138 47.55 21.32 10.39
C GLY E 138 47.03 19.90 10.40
N ASN E 139 47.81 18.99 10.95
CA ASN E 139 47.30 17.67 11.34
C ASN E 139 46.24 17.85 12.41
N SER E 140 45.18 17.05 12.38
CA SER E 140 44.10 17.27 13.34
C SER E 140 43.24 16.04 13.56
N PHE E 141 41.99 16.25 13.96
CA PHE E 141 41.12 15.13 14.29
C PHE E 141 39.67 15.60 14.38
N TYR E 142 38.77 14.66 14.63
CA TYR E 142 37.36 14.98 14.81
C TYR E 142 37.17 15.92 16.00
N ALA E 143 36.37 16.96 15.80
CA ALA E 143 36.18 18.00 16.80
C ALA E 143 35.54 17.47 18.08
N GLU E 144 34.58 16.57 17.93
CA GLU E 144 33.83 16.06 19.07
C GLU E 144 34.47 14.83 19.70
N LEU E 145 35.60 14.41 19.15
CA LEU E 145 36.29 13.23 19.66
C LEU E 145 37.77 13.49 19.96
N LYS E 146 38.31 12.69 20.88
CA LYS E 146 39.73 12.73 21.19
C LYS E 146 40.34 11.33 21.11
N TRP E 147 41.48 11.27 20.43
CA TRP E 147 42.21 10.02 20.22
C TRP E 147 43.24 9.83 21.33
N LEU E 148 42.89 9.05 22.33
CA LEU E 148 43.75 8.88 23.51
C LEU E 148 44.87 7.87 23.28
N VAL E 149 46.11 8.34 23.36
CA VAL E 149 47.27 7.47 23.31
C VAL E 149 48.18 7.73 24.50
N SER E 150 49.04 6.77 24.82
CA SER E 150 49.95 6.90 25.97
C SER E 150 50.93 8.04 25.71
N LYS E 151 51.15 8.88 26.72
CA LYS E 151 51.93 10.10 26.54
C LYS E 151 53.36 9.79 26.11
N SER E 152 53.91 8.70 26.63
CA SER E 152 55.24 8.24 26.21
C SER E 152 55.07 7.04 25.29
N LYS E 153 55.56 7.16 24.06
CA LYS E 153 55.47 6.08 23.08
C LYS E 153 55.87 4.71 23.64
N GLY E 154 54.96 3.75 23.56
CA GLY E 154 55.27 2.37 23.88
C GLY E 154 54.87 1.84 25.24
N GLN E 155 54.69 2.71 26.23
CA GLN E 155 54.23 2.24 27.54
C GLN E 155 52.82 1.69 27.43
N ASN E 156 52.44 0.83 28.36
CA ASN E 156 51.08 0.29 28.36
C ASN E 156 50.09 1.39 28.73
N PHE E 157 49.03 1.51 27.93
CA PHE E 157 47.99 2.49 28.21
C PHE E 157 47.29 2.11 29.51
N PRO E 158 47.13 3.10 30.41
CA PRO E 158 46.57 2.83 31.73
C PRO E 158 45.09 2.46 31.68
N GLN E 159 44.67 1.55 32.55
CA GLN E 159 43.27 1.20 32.70
C GLN E 159 42.46 2.43 33.07
N THR E 160 41.53 2.83 32.21
CA THR E 160 40.86 4.10 32.41
C THR E 160 39.34 3.91 32.48
N THR E 161 38.67 4.88 33.08
CA THR E 161 37.22 4.85 33.23
C THR E 161 36.63 6.26 33.17
N ASN E 162 35.81 6.51 32.16
CA ASN E 162 35.16 7.80 32.00
C ASN E 162 33.65 7.64 31.95
N THR E 163 32.93 8.36 32.79
CA THR E 163 31.47 8.22 32.84
C THR E 163 30.74 9.51 32.52
N TYR E 164 30.05 9.53 31.38
CA TYR E 164 29.19 10.67 31.04
C TYR E 164 27.93 10.63 31.88
N ARG E 165 27.60 11.77 32.49
CA ARG E 165 26.42 11.87 33.34
C ARG E 165 25.42 12.86 32.78
N ASN E 166 24.23 12.36 32.43
CA ASN E 166 23.21 13.18 31.79
C ASN E 166 22.27 13.79 32.84
N THR E 167 22.23 15.12 32.89
CA THR E 167 21.36 15.82 33.82
C THR E 167 20.33 16.67 33.06
N ASP E 168 19.77 16.10 32.01
CA ASP E 168 18.79 16.79 31.20
C ASP E 168 17.42 16.12 31.25
N THR E 169 16.41 16.83 30.73
CA THR E 169 15.06 16.28 30.61
C THR E 169 14.82 15.67 29.24
N ALA E 170 15.88 15.55 28.45
CA ALA E 170 15.80 14.88 27.15
C ALA E 170 16.96 13.90 26.98
N GLU E 171 16.78 12.96 26.07
CA GLU E 171 17.84 11.99 25.76
C GLU E 171 18.95 12.64 24.93
N HIS E 172 20.18 12.16 25.13
CA HIS E 172 21.32 12.66 24.36
C HIS E 172 21.93 11.54 23.54
N LEU E 173 22.25 11.82 22.28
CA LEU E 173 22.92 10.84 21.45
C LEU E 173 24.43 10.90 21.68
N ILE E 174 25.03 9.76 22.00
CA ILE E 174 26.46 9.73 22.27
C ILE E 174 27.16 8.81 21.28
N MET E 175 28.32 9.26 20.81
CA MET E 175 29.08 8.55 19.78
C MET E 175 30.53 8.38 20.20
N TRP E 176 31.02 7.14 20.13
CA TRP E 176 32.44 6.90 20.33
C TRP E 176 33.01 6.12 19.15
N GLY E 177 34.32 5.89 19.17
CA GLY E 177 34.97 5.16 18.11
C GLY E 177 35.93 4.12 18.67
N ILE E 178 36.25 3.13 17.85
CA ILE E 178 37.21 2.11 18.22
C ILE E 178 38.28 2.02 17.15
N HIS E 179 39.53 2.14 17.57
CA HIS E 179 40.66 2.06 16.64
C HIS E 179 41.09 0.63 16.39
N HIS E 180 41.29 0.32 15.12
CA HIS E 180 41.84 -0.94 14.67
C HIS E 180 43.09 -0.64 13.85
N PRO E 181 44.26 -0.77 14.50
CA PRO E 181 45.57 -0.46 13.94
C PRO E 181 45.91 -1.34 12.73
N SER E 182 46.98 -0.96 12.02
CA SER E 182 47.38 -1.65 10.81
C SER E 182 48.46 -2.69 11.08
N SER E 183 49.37 -2.33 11.98
CA SER E 183 50.52 -3.17 12.27
C SER E 183 50.61 -3.47 13.76
N THR E 184 50.99 -4.69 14.09
CA THR E 184 51.21 -5.09 15.49
C THR E 184 52.24 -4.21 16.20
N GLN E 185 52.96 -3.41 15.44
CA GLN E 185 53.85 -2.41 16.03
C GLN E 185 53.04 -1.19 16.49
N GLU E 186 52.34 -0.56 15.54
CA GLU E 186 51.47 0.60 15.80
C GLU E 186 50.68 0.47 17.10
N LYS E 187 50.10 -0.72 17.31
CA LYS E 187 49.32 -1.01 18.50
C LYS E 187 50.20 -0.81 19.73
N ASN E 188 51.30 -1.52 19.79
CA ASN E 188 52.27 -1.36 20.87
C ASN E 188 52.74 0.09 21.08
N ASP E 189 52.89 0.86 20.00
CA ASP E 189 53.35 2.24 20.14
C ASP E 189 52.23 3.17 20.61
N LEU E 190 50.99 2.72 20.55
CA LEU E 190 49.88 3.59 20.93
C LEU E 190 49.29 3.25 22.30
N TYR E 191 49.09 1.95 22.55
CA TYR E 191 48.40 1.51 23.75
C TYR E 191 49.21 0.50 24.58
N GLY E 192 50.38 0.14 24.08
CA GLY E 192 51.20 -0.87 24.74
C GLY E 192 50.91 -2.28 24.25
N THR E 193 51.56 -3.26 24.88
CA THR E 193 51.54 -4.62 24.38
C THR E 193 50.47 -5.46 25.09
N GLN E 194 49.81 -4.87 26.08
CA GLN E 194 48.82 -5.61 26.87
C GLN E 194 47.60 -5.95 26.02
N SER E 195 46.82 -6.94 26.48
CA SER E 195 45.57 -7.27 25.81
C SER E 195 44.59 -6.12 25.96
N LEU E 196 44.07 -5.64 24.83
CA LEU E 196 43.18 -4.49 24.85
C LEU E 196 41.71 -4.89 24.89
N SER E 197 40.88 -3.95 25.35
CA SER E 197 39.47 -4.19 25.61
C SER E 197 38.80 -2.87 25.97
N ILE E 198 37.58 -2.67 25.48
CA ILE E 198 36.86 -1.42 25.71
C ILE E 198 35.39 -1.70 25.97
N SER E 199 35.00 -1.78 27.23
CA SER E 199 33.60 -2.01 27.57
C SER E 199 32.84 -0.70 27.73
N VAL E 200 31.61 -0.67 27.24
CA VAL E 200 30.74 0.49 27.35
C VAL E 200 29.42 0.05 27.93
N GLY E 201 28.82 0.88 28.77
CA GLY E 201 27.64 0.43 29.49
C GLY E 201 26.83 1.48 30.22
N SER E 202 25.55 1.52 29.87
CA SER E 202 24.58 2.38 30.54
C SER E 202 23.44 1.51 31.07
N SER E 203 22.40 2.15 31.59
CA SER E 203 21.22 1.41 32.06
C SER E 203 20.52 0.65 30.93
N THR E 204 20.74 1.06 29.69
CA THR E 204 20.00 0.50 28.56
C THR E 204 20.91 -0.01 27.45
N TYR E 205 22.22 0.15 27.63
CA TYR E 205 23.17 -0.31 26.62
C TYR E 205 24.35 -1.04 27.28
N ARG E 206 24.70 -2.20 26.71
CA ARG E 206 25.89 -2.92 27.13
C ARG E 206 26.64 -3.45 25.93
N ASN E 207 27.96 -3.23 25.89
CA ASN E 207 28.76 -3.75 24.78
C ASN E 207 30.25 -3.75 25.11
N ASN E 208 31.03 -4.43 24.27
CA ASN E 208 32.47 -4.52 24.47
C ASN E 208 33.19 -4.57 23.13
N PHE E 209 34.38 -3.97 23.09
CA PHE E 209 35.10 -3.78 21.83
C PHE E 209 36.56 -4.19 21.97
N VAL E 210 36.96 -5.23 21.25
CA VAL E 210 38.36 -5.59 21.14
C VAL E 210 38.93 -5.04 19.84
N PRO E 211 40.01 -4.24 19.94
CA PRO E 211 40.74 -3.80 18.76
C PRO E 211 41.41 -4.96 18.04
N VAL E 212 41.47 -4.89 16.71
CA VAL E 212 41.94 -6.02 15.90
C VAL E 212 42.95 -5.55 14.86
N VAL E 213 44.21 -5.86 15.09
CA VAL E 213 45.26 -5.62 14.11
C VAL E 213 45.05 -6.47 12.87
N GLY E 214 44.97 -5.84 11.71
CA GLY E 214 44.85 -6.55 10.45
C GLY E 214 45.46 -5.83 9.27
N ALA E 215 46.01 -6.59 8.32
CA ALA E 215 46.52 -6.04 7.08
C ALA E 215 45.38 -5.54 6.20
N ARG E 216 45.30 -4.22 6.02
CA ARG E 216 44.26 -3.63 5.18
C ARG E 216 44.86 -2.61 4.20
N PRO E 217 44.26 -2.53 3.00
CA PRO E 217 44.45 -1.42 2.04
C PRO E 217 44.37 -0.05 2.71
N GLN E 218 45.15 0.91 2.19
CA GLN E 218 45.14 2.26 2.75
C GLN E 218 44.05 3.13 2.13
N VAL E 219 43.19 3.68 2.98
CA VAL E 219 42.20 4.64 2.54
C VAL E 219 42.58 5.99 3.10
N ASN E 220 42.64 7.00 2.23
CA ASN E 220 43.16 8.31 2.61
C ASN E 220 44.50 8.18 3.33
N GLY E 221 45.42 7.43 2.72
CA GLY E 221 46.74 7.19 3.27
C GLY E 221 46.77 6.63 4.68
N GLN E 222 45.82 5.75 5.00
CA GLN E 222 45.82 5.08 6.30
C GLN E 222 45.28 3.65 6.20
N SER E 223 46.05 2.69 6.71
CA SER E 223 45.60 1.29 6.74
C SER E 223 44.75 0.99 7.97
N GLY E 224 44.85 1.83 9.00
CA GLY E 224 44.07 1.66 10.20
C GLY E 224 42.61 1.99 9.95
N ARG E 225 41.76 1.79 10.96
CA ARG E 225 40.32 2.01 10.80
C ARG E 225 39.67 2.38 12.11
N ILE E 226 38.81 3.39 12.10
CA ILE E 226 38.01 3.70 13.29
C ILE E 226 36.56 3.34 13.03
N ASP E 227 36.02 2.42 13.82
CA ASP E 227 34.62 2.06 13.69
C ASP E 227 33.80 2.80 14.73
N PHE E 228 32.69 3.39 14.29
CA PHE E 228 31.91 4.25 15.16
C PHE E 228 30.68 3.56 15.73
N HIS E 229 30.42 3.84 17.01
CA HIS E 229 29.32 3.20 17.71
C HIS E 229 28.57 4.28 18.48
N TRP E 230 27.24 4.16 18.52
CA TRP E 230 26.43 5.23 19.08
C TRP E 230 25.23 4.68 19.86
N THR E 231 24.84 5.39 20.91
CA THR E 231 23.63 5.02 21.63
C THR E 231 22.92 6.23 22.23
N LEU E 232 21.66 6.03 22.59
CA LEU E 232 20.86 7.09 23.19
C LEU E 232 20.85 7.00 24.72
N VAL E 233 21.40 8.01 25.36
CA VAL E 233 21.44 8.09 26.83
C VAL E 233 20.23 8.84 27.38
N GLN E 234 19.38 8.12 28.09
CA GLN E 234 18.18 8.69 28.70
C GLN E 234 18.48 9.74 29.76
N PRO E 235 17.50 10.62 30.04
CA PRO E 235 17.51 11.52 31.20
C PRO E 235 17.78 10.80 32.51
N GLY E 236 18.81 11.23 33.23
CA GLY E 236 19.12 10.66 34.53
C GLY E 236 20.08 9.49 34.43
N ASP E 237 20.32 9.06 33.20
CA ASP E 237 21.16 7.89 32.94
C ASP E 237 22.63 8.27 32.80
N ASN E 238 23.49 7.42 33.36
CA ASN E 238 24.92 7.59 33.22
C ASN E 238 25.41 6.55 32.22
N ILE E 239 26.54 6.82 31.57
CA ILE E 239 27.11 5.84 30.66
C ILE E 239 28.62 5.75 30.88
N THR E 240 29.09 4.54 31.14
CA THR E 240 30.46 4.33 31.57
C THR E 240 31.30 3.68 30.47
N PHE E 241 32.51 4.22 30.32
CA PHE E 241 33.52 3.70 29.40
C PHE E 241 34.67 3.15 30.22
N SER E 242 35.06 1.91 29.96
CA SER E 242 36.21 1.30 30.63
C SER E 242 37.16 0.78 29.57
N HIS E 243 38.37 1.34 29.53
CA HIS E 243 39.25 1.05 28.39
C HIS E 243 40.73 0.95 28.73
N ASN E 244 41.36 -0.08 28.17
CA ASN E 244 42.81 -0.26 28.26
C ASN E 244 43.55 0.50 27.16
N GLY E 245 42.81 1.29 26.39
CA GLY E 245 43.37 1.94 25.22
C GLY E 245 42.78 1.43 23.92
N GLY E 246 42.44 2.36 23.03
CA GLY E 246 41.84 2.02 21.75
C GLY E 246 40.58 2.85 21.56
N LEU E 247 40.02 3.30 22.68
CA LEU E 247 38.82 4.12 22.67
C LEU E 247 39.06 5.51 22.07
N ILE E 248 38.27 5.84 21.05
CA ILE E 248 38.22 7.19 20.54
C ILE E 248 37.05 7.86 21.24
N ALA E 249 37.32 8.80 22.14
CA ALA E 249 36.35 9.11 23.18
C ALA E 249 35.74 10.48 23.00
N PRO E 250 34.46 10.62 23.39
CA PRO E 250 33.76 11.85 23.02
C PRO E 250 34.14 13.03 23.93
N SER E 251 34.53 14.14 23.31
CA SER E 251 34.71 15.39 24.03
C SER E 251 33.34 15.99 24.32
N ARG E 252 32.47 15.96 23.32
CA ARG E 252 31.09 16.39 23.50
C ARG E 252 30.09 15.33 23.07
N VAL E 253 28.82 15.65 23.23
CA VAL E 253 27.72 14.71 23.05
C VAL E 253 26.62 15.47 22.33
N SER E 254 25.73 14.77 21.65
CA SER E 254 24.75 15.45 20.79
C SER E 254 23.31 15.25 21.24
N LYS E 255 22.59 16.36 21.27
CA LYS E 255 21.16 16.40 21.52
C LYS E 255 20.43 16.77 20.24
N LEU E 256 19.77 15.80 19.64
CA LEU E 256 18.89 16.06 18.50
C LEU E 256 17.62 16.74 18.97
N ILE E 257 17.22 17.80 18.27
CA ILE E 257 16.14 18.65 18.76
C ILE E 257 15.10 18.93 17.69
N GLY E 258 13.83 18.73 18.05
CA GLY E 258 12.73 19.08 17.17
C GLY E 258 12.50 18.10 16.05
N ARG E 259 11.73 18.54 15.06
CA ARG E 259 11.45 17.74 13.88
C ARG E 259 11.62 18.59 12.63
N GLY E 260 12.28 18.03 11.62
CA GLY E 260 12.55 18.76 10.40
C GLY E 260 12.59 17.84 9.20
N LEU E 261 12.40 18.41 8.02
CA LEU E 261 12.29 17.62 6.80
C LEU E 261 13.67 17.40 6.17
N GLY E 262 14.13 16.15 6.14
CA GLY E 262 15.40 15.84 5.54
C GLY E 262 15.28 15.64 4.04
N ILE E 263 16.24 16.18 3.29
CA ILE E 263 16.21 16.13 1.84
C ILE E 263 17.54 15.64 1.29
N GLN E 264 17.48 14.71 0.34
CA GLN E 264 18.66 14.29 -0.39
C GLN E 264 18.52 14.76 -1.83
N SER E 265 19.48 15.55 -2.29
CA SER E 265 19.38 16.22 -3.57
C SER E 265 20.67 16.93 -3.93
N ASP E 266 20.71 17.50 -5.13
CA ASP E 266 21.86 18.24 -5.61
C ASP E 266 21.40 19.52 -6.30
N ALA E 267 20.08 19.70 -6.34
CA ALA E 267 19.46 20.91 -6.85
C ALA E 267 19.98 22.16 -6.15
N PRO E 268 20.23 23.23 -6.92
CA PRO E 268 20.60 24.53 -6.34
C PRO E 268 19.47 25.11 -5.50
N ILE E 269 19.81 25.68 -4.34
CA ILE E 269 18.82 26.32 -3.48
C ILE E 269 18.26 27.59 -4.15
N ASP E 270 17.02 27.92 -3.83
CA ASP E 270 16.35 29.09 -4.36
C ASP E 270 15.44 29.61 -3.26
N ASN E 271 15.41 30.93 -3.07
CA ASN E 271 14.76 31.50 -1.90
C ASN E 271 13.59 32.41 -2.25
N ASN E 272 13.18 32.38 -3.52
CA ASN E 272 11.99 33.09 -3.96
C ASN E 272 10.82 32.12 -4.07
N CYS E 273 11.12 30.91 -4.54
CA CYS E 273 10.10 29.92 -4.87
C CYS E 273 9.62 29.17 -3.63
N GLU E 274 8.30 28.99 -3.52
CA GLU E 274 7.71 28.31 -2.38
C GLU E 274 7.42 26.85 -2.72
N SER E 275 7.62 25.96 -1.76
CA SER E 275 7.32 24.55 -1.96
C SER E 275 7.24 23.75 -0.66
N LYS E 276 6.77 22.51 -0.77
CA LYS E 276 6.59 21.64 0.39
C LYS E 276 6.90 20.18 0.00
N CYS E 277 7.10 19.96 -1.29
CA CYS E 277 7.32 18.63 -1.84
C CYS E 277 8.65 18.57 -2.59
N PHE E 278 9.55 17.70 -2.14
CA PHE E 278 10.90 17.67 -2.67
C PHE E 278 11.35 16.28 -3.11
N TRP E 279 12.28 16.25 -4.04
CA TRP E 279 12.87 15.00 -4.54
C TRP E 279 14.29 15.25 -5.05
N ARG E 280 14.95 14.20 -5.51
CA ARG E 280 16.41 14.23 -5.70
C ARG E 280 16.86 15.36 -6.63
N GLY E 281 16.12 15.60 -7.71
CA GLY E 281 16.42 16.77 -8.51
C GLY E 281 15.26 17.75 -8.48
N GLY E 282 15.48 18.92 -7.88
CA GLY E 282 14.44 19.93 -7.84
C GLY E 282 13.27 19.73 -6.90
N SER E 283 12.21 20.49 -7.14
CA SER E 283 11.04 20.50 -6.28
C SER E 283 9.76 20.47 -7.09
N ILE E 284 8.66 20.07 -6.45
CA ILE E 284 7.35 20.10 -7.09
C ILE E 284 6.32 20.87 -6.28
N ASN E 285 5.77 21.92 -6.88
CA ASN E 285 4.59 22.57 -6.31
C ASN E 285 3.53 22.71 -7.40
N THR E 286 2.36 22.12 -7.14
CA THR E 286 1.28 22.11 -8.13
C THR E 286 -0.05 21.84 -7.44
N ARG E 287 -1.09 22.51 -7.93
CA ARG E 287 -2.44 22.25 -7.46
C ARG E 287 -2.81 20.79 -7.69
N LEU E 288 -2.27 20.22 -8.77
CA LEU E 288 -2.71 18.92 -9.25
C LEU E 288 -2.47 17.82 -8.22
N PRO E 289 -3.42 16.88 -8.12
CA PRO E 289 -3.35 15.80 -7.12
C PRO E 289 -2.32 14.74 -7.51
N PHE E 290 -2.02 14.66 -8.80
CA PHE E 290 -1.18 13.59 -9.31
C PHE E 290 0.09 14.14 -9.97
N GLN E 291 1.09 13.28 -10.12
CA GLN E 291 2.42 13.70 -10.54
C GLN E 291 3.17 12.51 -11.14
N ASN E 292 4.15 12.76 -12.00
CA ASN E 292 4.87 11.66 -12.64
C ASN E 292 6.38 11.88 -12.80
N LEU E 293 6.89 12.97 -12.24
CA LEU E 293 8.33 13.21 -12.21
C LEU E 293 9.09 12.10 -11.47
N SER E 294 8.90 12.05 -10.17
CA SER E 294 9.62 11.12 -9.31
C SER E 294 8.70 10.10 -8.65
N PRO E 295 9.05 8.81 -8.77
CA PRO E 295 8.40 7.75 -7.98
C PRO E 295 8.67 7.91 -6.49
N ARG E 296 9.74 8.64 -6.16
CA ARG E 296 10.22 8.74 -4.79
C ARG E 296 10.41 10.19 -4.36
N THR E 297 9.68 10.60 -3.32
CA THR E 297 9.55 12.01 -2.95
C THR E 297 9.44 12.18 -1.44
N VAL E 298 9.72 13.39 -0.97
CA VAL E 298 9.71 13.67 0.46
C VAL E 298 8.77 14.85 0.80
N GLY E 299 8.05 14.73 1.91
CA GLY E 299 7.16 15.78 2.39
C GLY E 299 5.75 15.76 1.83
N GLN E 300 5.09 16.91 1.90
CA GLN E 300 3.72 17.06 1.43
C GLN E 300 3.66 16.91 -0.09
N CYS E 301 3.43 15.69 -0.57
CA CYS E 301 3.63 15.38 -1.98
C CYS E 301 2.42 14.75 -2.66
N PRO E 302 2.18 15.14 -3.93
CA PRO E 302 1.16 14.54 -4.80
C PRO E 302 1.49 13.11 -5.21
N LYS E 303 0.50 12.23 -5.13
CA LYS E 303 0.66 10.81 -5.45
C LYS E 303 1.19 10.57 -6.86
N TYR E 304 2.29 9.83 -6.94
CA TYR E 304 2.95 9.57 -8.22
C TYR E 304 2.27 8.46 -9.02
N VAL E 305 1.97 8.75 -10.28
CA VAL E 305 1.34 7.78 -11.16
C VAL E 305 2.19 7.54 -12.42
N ASN E 306 2.22 6.30 -12.89
CA ASN E 306 2.95 5.98 -14.11
C ASN E 306 2.14 6.23 -15.39
N ARG E 307 1.80 7.49 -15.62
CA ARG E 307 1.17 7.89 -16.88
C ARG E 307 1.68 9.25 -17.34
N ARG E 308 1.82 9.40 -18.66
CA ARG E 308 2.21 10.66 -19.26
C ARG E 308 1.21 11.78 -19.00
N SER E 309 -0.07 11.48 -19.17
CA SER E 309 -1.12 12.51 -19.09
C SER E 309 -2.48 11.91 -18.74
N LEU E 310 -3.25 12.65 -17.95
CA LEU E 310 -4.66 12.32 -17.75
C LEU E 310 -5.51 13.58 -17.79
N MET E 311 -6.09 13.84 -18.96
CA MET E 311 -6.90 15.03 -19.20
C MET E 311 -8.31 14.91 -18.61
N LEU E 312 -8.63 15.81 -17.68
CA LEU E 312 -9.99 15.92 -17.18
C LEU E 312 -10.77 16.92 -18.02
N ALA E 313 -11.75 16.41 -18.76
CA ALA E 313 -12.58 17.23 -19.64
C ALA E 313 -13.36 18.27 -18.84
N THR E 314 -13.42 19.48 -19.37
CA THR E 314 -14.12 20.58 -18.71
C THR E 314 -15.27 21.11 -19.56
N GLY E 315 -15.97 20.21 -20.24
CA GLY E 315 -17.10 20.61 -21.06
C GLY E 315 -17.73 19.49 -21.87
N MET E 316 -18.68 19.87 -22.72
CA MET E 316 -19.48 18.91 -23.49
C MET E 316 -18.67 18.24 -24.59
N ARG E 317 -19.31 17.33 -25.31
CA ARG E 317 -18.71 16.73 -26.49
C ARG E 317 -18.42 17.82 -27.51
N ASN E 318 -17.26 17.76 -28.14
CA ASN E 318 -16.99 18.65 -29.26
C ASN E 318 -17.41 18.03 -30.57
N VAL E 319 -18.45 18.60 -31.17
CA VAL E 319 -18.97 18.09 -32.42
C VAL E 319 -19.50 19.24 -33.28
N PRO E 320 -18.89 19.42 -34.46
CA PRO E 320 -19.27 20.52 -35.34
C PRO E 320 -19.17 20.21 -36.84
N GLU E 321 -19.98 20.92 -37.63
CA GLU E 321 -20.27 20.62 -39.04
C GLU E 321 -19.75 19.29 -39.57
N LEU F 2 -26.25 8.70 -21.63
CA LEU F 2 -26.30 9.65 -22.73
C LEU F 2 -27.73 10.12 -22.98
N PHE F 3 -27.93 11.43 -22.88
CA PHE F 3 -29.21 12.03 -23.24
C PHE F 3 -29.29 12.33 -24.74
N GLY F 4 -30.50 12.53 -25.23
CA GLY F 4 -30.75 12.66 -26.66
C GLY F 4 -30.06 13.80 -27.38
N ALA F 5 -29.86 14.91 -26.68
CA ALA F 5 -29.55 16.20 -27.31
C ALA F 5 -28.26 16.21 -28.13
N ILE F 6 -27.15 15.76 -27.55
CA ILE F 6 -25.86 15.91 -28.22
C ILE F 6 -25.35 14.58 -28.75
N ALA F 7 -24.84 14.62 -29.99
CA ALA F 7 -24.50 13.43 -30.75
C ALA F 7 -25.74 12.57 -30.95
N GLY F 8 -26.89 13.23 -30.97
CA GLY F 8 -28.18 12.58 -31.17
C GLY F 8 -28.98 13.27 -32.25
N PHE F 9 -30.18 13.72 -31.90
CA PHE F 9 -31.06 14.36 -32.88
C PHE F 9 -30.53 15.71 -33.36
N LEU F 10 -29.65 16.31 -32.59
CA LEU F 10 -28.84 17.41 -33.10
C LEU F 10 -27.66 16.82 -33.87
N GLU F 11 -27.40 17.37 -35.05
CA GLU F 11 -26.36 16.85 -35.93
C GLU F 11 -25.09 17.68 -35.86
N ASN F 12 -25.14 18.80 -35.15
CA ASN F 12 -24.08 19.79 -35.26
C ASN F 12 -24.05 20.74 -34.06
N GLY F 13 -22.88 21.33 -33.80
CA GLY F 13 -22.73 22.34 -32.78
C GLY F 13 -22.18 23.59 -33.43
N TRP F 14 -22.59 24.76 -32.95
CA TRP F 14 -22.28 26.00 -33.63
C TRP F 14 -20.98 26.65 -33.17
N GLU F 15 -19.98 26.63 -34.05
CA GLU F 15 -18.69 27.26 -33.80
C GLU F 15 -18.82 28.76 -33.59
N GLY F 16 -19.84 29.35 -34.22
CA GLY F 16 -20.10 30.77 -34.13
C GLY F 16 -20.33 31.23 -32.70
N MET F 17 -20.99 30.39 -31.91
CA MET F 17 -21.25 30.69 -30.51
C MET F 17 -20.00 30.58 -29.65
N VAL F 18 -19.50 31.72 -29.20
CA VAL F 18 -18.34 31.76 -28.31
C VAL F 18 -18.77 32.33 -26.96
N ASP F 19 -20.01 32.81 -26.89
CA ASP F 19 -20.49 33.53 -25.72
C ASP F 19 -20.99 32.59 -24.63
N GLY F 20 -21.38 31.38 -25.03
CA GLY F 20 -21.93 30.42 -24.09
C GLY F 20 -21.99 29.02 -24.65
N TRP F 21 -22.18 28.04 -23.78
CA TRP F 21 -22.33 26.65 -24.20
C TRP F 21 -23.67 26.40 -24.92
N TYR F 22 -24.75 26.96 -24.40
CA TYR F 22 -26.08 26.69 -24.90
C TYR F 22 -26.71 27.95 -25.49
N GLY F 23 -27.26 27.84 -26.69
CA GLY F 23 -27.74 29.02 -27.41
C GLY F 23 -29.01 28.90 -28.23
N PHE F 24 -29.56 30.05 -28.60
CA PHE F 24 -30.70 30.14 -29.49
C PHE F 24 -30.34 30.75 -30.84
N ARG F 25 -30.79 30.13 -31.92
CA ARG F 25 -30.70 30.71 -33.26
C ARG F 25 -32.10 30.79 -33.84
N HIS F 26 -32.34 31.72 -34.77
CA HIS F 26 -33.68 31.83 -35.34
C HIS F 26 -33.80 32.55 -36.68
N GLN F 27 -34.59 31.98 -37.58
CA GLN F 27 -35.12 32.70 -38.73
C GLN F 27 -36.25 33.62 -38.28
N ASN F 28 -36.31 34.83 -38.82
CA ASN F 28 -37.31 35.79 -38.38
C ASN F 28 -37.63 36.87 -39.42
N ALA F 29 -38.69 37.64 -39.17
CA ALA F 29 -39.03 38.79 -39.99
C ALA F 29 -39.34 40.01 -39.13
N GLN F 34 -29.08 35.44 -33.18
CA GLN F 34 -28.56 34.38 -32.32
C GLN F 34 -28.36 34.88 -30.89
N ALA F 35 -28.70 34.02 -29.93
CA ALA F 35 -28.52 34.36 -28.52
C ALA F 35 -28.18 33.11 -27.72
N ALA F 36 -27.79 33.29 -26.46
CA ALA F 36 -27.40 32.18 -25.60
C ALA F 36 -28.01 32.31 -24.20
N ASP F 37 -28.43 31.19 -23.63
CA ASP F 37 -29.08 31.20 -22.33
C ASP F 37 -28.05 31.22 -21.21
N TYR F 38 -28.24 32.15 -20.26
CA TYR F 38 -27.33 32.32 -19.14
C TYR F 38 -27.41 31.18 -18.12
N LYS F 39 -28.60 31.00 -17.55
CA LYS F 39 -28.83 30.05 -16.46
C LYS F 39 -28.35 28.62 -16.77
N SER F 40 -28.55 28.19 -18.01
CA SER F 40 -28.16 26.85 -18.43
C SER F 40 -26.64 26.68 -18.46
N THR F 41 -25.96 27.69 -19.00
CA THR F 41 -24.51 27.70 -19.05
C THR F 41 -23.93 27.76 -17.65
N GLN F 42 -24.55 28.57 -16.80
CA GLN F 42 -24.08 28.73 -15.43
C GLN F 42 -24.21 27.40 -14.70
N ALA F 43 -25.34 26.74 -14.93
CA ALA F 43 -25.62 25.45 -14.32
C ALA F 43 -24.61 24.42 -14.78
N ALA F 44 -24.23 24.50 -16.05
CA ALA F 44 -23.33 23.50 -16.63
C ALA F 44 -21.85 23.77 -16.31
N ILE F 45 -21.52 25.00 -15.95
CA ILE F 45 -20.13 25.37 -15.67
C ILE F 45 -19.82 25.31 -14.16
N ASP F 46 -20.83 25.59 -13.34
CA ASP F 46 -20.68 25.53 -11.89
C ASP F 46 -20.25 24.13 -11.46
N GLN F 47 -20.75 23.13 -12.17
CA GLN F 47 -20.47 21.75 -11.81
C GLN F 47 -19.14 21.25 -12.38
N ILE F 48 -18.60 21.97 -13.36
CA ILE F 48 -17.26 21.68 -13.84
C ILE F 48 -16.26 22.28 -12.86
N THR F 49 -16.64 23.43 -12.29
CA THR F 49 -15.80 24.08 -11.30
C THR F 49 -15.93 23.41 -9.95
N GLY F 50 -17.00 22.63 -9.75
CA GLY F 50 -17.19 21.95 -8.48
C GLY F 50 -16.25 20.78 -8.27
N LYS F 51 -15.95 20.06 -9.35
CA LYS F 51 -15.00 18.96 -9.24
C LYS F 51 -13.64 19.37 -9.79
N LEU F 52 -13.56 20.59 -10.35
CA LEU F 52 -12.26 21.21 -10.52
C LEU F 52 -11.79 21.57 -9.11
N ASN F 53 -12.72 22.12 -8.34
CA ASN F 53 -12.46 22.51 -6.96
C ASN F 53 -12.14 21.29 -6.12
N ARG F 54 -12.94 20.23 -6.28
CA ARG F 54 -12.70 19.02 -5.51
C ARG F 54 -11.36 18.40 -5.91
N LEU F 55 -11.02 18.43 -7.19
CA LEU F 55 -9.76 17.85 -7.65
C LEU F 55 -8.52 18.60 -7.18
N VAL F 56 -8.52 19.93 -7.29
CA VAL F 56 -7.32 20.71 -7.03
C VAL F 56 -6.82 20.62 -5.58
N GLU F 57 -7.72 20.60 -4.61
CA GLU F 57 -7.29 20.44 -3.23
C GLU F 57 -7.51 19.02 -2.70
N LYS F 58 -6.41 18.29 -2.52
CA LYS F 58 -6.46 16.94 -1.96
C LYS F 58 -5.62 16.85 -0.69
N ASN F 60 -2.99 15.90 1.69
CA ASN F 60 -1.76 15.11 1.57
C ASN F 60 -1.04 14.96 2.91
N THR F 61 -0.65 13.73 3.22
CA THR F 61 0.16 13.44 4.40
C THR F 61 1.64 13.75 4.16
N GLU F 62 2.33 14.18 5.21
CA GLU F 62 3.77 14.43 5.13
C GLU F 62 4.52 13.09 5.03
N PHE F 63 5.43 12.99 4.08
CA PHE F 63 6.23 11.78 3.92
C PHE F 63 7.72 12.03 4.07
N GLU F 64 8.43 11.01 4.55
CA GLU F 64 9.87 11.10 4.73
C GLU F 64 10.60 10.15 3.78
N SER F 65 11.92 10.29 3.69
CA SER F 65 12.72 9.45 2.80
C SER F 65 13.07 8.12 3.44
N ILE F 66 12.28 7.09 3.16
CA ILE F 66 12.58 5.74 3.62
C ILE F 66 13.75 5.13 2.84
N GLU F 67 13.75 5.31 1.53
CA GLU F 67 14.87 4.86 0.70
C GLU F 67 15.91 5.98 0.65
N SER F 68 17.18 5.63 0.43
CA SER F 68 18.23 6.63 0.37
C SER F 68 18.81 6.77 -1.03
N GLU F 69 19.27 7.98 -1.35
CA GLU F 69 19.73 8.29 -2.69
C GLU F 69 21.23 8.04 -2.86
N PHE F 70 21.98 8.22 -1.78
CA PHE F 70 23.43 8.34 -1.87
C PHE F 70 24.19 7.20 -1.22
N SER F 71 23.45 6.26 -0.63
CA SER F 71 24.07 5.16 0.10
C SER F 71 23.27 3.87 -0.04
N GLU F 72 23.97 2.77 -0.32
CA GLU F 72 23.31 1.51 -0.59
C GLU F 72 22.60 0.99 0.66
N ILE F 73 21.36 0.56 0.48
CA ILE F 73 20.51 0.13 1.58
C ILE F 73 20.54 -1.39 1.64
N GLU F 74 20.20 -1.96 2.80
CA GLU F 74 20.16 -3.41 2.96
C GLU F 74 19.23 -3.98 1.88
N HIS F 75 19.63 -5.10 1.29
CA HIS F 75 19.00 -5.58 0.06
C HIS F 75 17.57 -6.09 0.23
N GLN F 76 17.29 -6.66 1.39
CA GLN F 76 16.01 -7.32 1.60
C GLN F 76 14.96 -6.25 1.92
N ILE F 77 15.39 -5.26 2.70
CA ILE F 77 14.51 -4.18 3.12
C ILE F 77 14.35 -3.25 1.93
N GLY F 78 15.29 -3.34 1.01
CA GLY F 78 15.35 -2.46 -0.14
C GLY F 78 14.40 -2.97 -1.19
N ASN F 79 14.38 -4.29 -1.39
CA ASN F 79 13.44 -4.84 -2.35
C ASN F 79 12.03 -4.95 -1.78
N VAL F 80 11.91 -4.93 -0.46
CA VAL F 80 10.60 -4.78 0.16
C VAL F 80 10.07 -3.36 -0.01
N ILE F 81 10.96 -2.38 0.11
CA ILE F 81 10.56 -0.99 -0.11
C ILE F 81 10.18 -0.77 -1.57
N ASN F 82 10.98 -1.32 -2.48
CA ASN F 82 10.68 -1.25 -3.92
C ASN F 82 9.36 -1.91 -4.29
N TRP F 83 9.05 -3.06 -3.68
CA TRP F 83 7.79 -3.73 -3.98
C TRP F 83 6.60 -2.93 -3.43
N THR F 84 6.77 -2.36 -2.24
CA THR F 84 5.70 -1.59 -1.62
C THR F 84 5.40 -0.35 -2.45
N LYS F 85 6.43 0.44 -2.71
CA LYS F 85 6.32 1.61 -3.57
C LYS F 85 5.69 1.28 -4.93
N ASP F 86 6.13 0.18 -5.55
CA ASP F 86 5.63 -0.17 -6.88
C ASP F 86 4.13 -0.49 -6.82
N SER F 87 3.71 -1.10 -5.72
CA SER F 87 2.30 -1.47 -5.59
C SER F 87 1.44 -0.25 -5.31
N ILE F 88 1.97 0.69 -4.53
CA ILE F 88 1.26 1.93 -4.25
C ILE F 88 1.13 2.76 -5.53
N THR F 89 2.16 2.69 -6.37
CA THR F 89 2.16 3.42 -7.63
C THR F 89 1.11 2.84 -8.58
N ASP F 90 1.07 1.51 -8.67
CA ASP F 90 0.07 0.86 -9.49
C ASP F 90 -1.35 1.23 -9.04
N ILE F 91 -1.59 1.10 -7.74
CA ILE F 91 -2.88 1.48 -7.16
C ILE F 91 -3.28 2.91 -7.52
N TRP F 92 -2.40 3.88 -7.24
CA TRP F 92 -2.72 5.27 -7.54
C TRP F 92 -2.90 5.57 -9.04
N THR F 93 -2.22 4.81 -9.90
CA THR F 93 -2.38 5.00 -11.33
C THR F 93 -3.76 4.50 -11.76
N TYR F 94 -4.22 3.46 -11.08
CA TYR F 94 -5.53 2.88 -11.41
C TYR F 94 -6.63 3.82 -10.92
N GLN F 95 -6.50 4.22 -9.65
CA GLN F 95 -7.37 5.25 -9.06
C GLN F 95 -7.47 6.47 -9.96
N ALA F 96 -6.35 6.87 -10.54
CA ALA F 96 -6.29 8.05 -11.39
C ALA F 96 -7.10 7.85 -12.67
N GLU F 97 -6.79 6.77 -13.39
CA GLU F 97 -7.44 6.54 -14.68
C GLU F 97 -8.95 6.33 -14.51
N LEU F 98 -9.31 5.61 -13.45
CA LEU F 98 -10.73 5.41 -13.11
C LEU F 98 -11.41 6.74 -12.80
N LEU F 99 -10.71 7.60 -12.06
CA LEU F 99 -11.27 8.88 -11.66
C LEU F 99 -11.58 9.74 -12.88
N VAL F 100 -10.58 9.90 -13.73
CA VAL F 100 -10.75 10.76 -14.90
C VAL F 100 -11.76 10.18 -15.89
N ALA F 101 -11.84 8.85 -16.01
CA ALA F 101 -12.78 8.27 -16.95
C ALA F 101 -14.22 8.40 -16.43
N MET F 102 -14.38 8.24 -15.12
CA MET F 102 -15.70 8.32 -14.51
C MET F 102 -16.22 9.74 -14.59
N GLU F 103 -15.37 10.71 -14.24
CA GLU F 103 -15.84 12.08 -14.15
C GLU F 103 -15.91 12.74 -15.52
N ASN F 104 -15.12 12.28 -16.48
CA ASN F 104 -15.35 12.66 -17.88
C ASN F 104 -16.68 12.14 -18.41
N GLN F 105 -16.99 10.87 -18.13
CA GLN F 105 -18.28 10.30 -18.52
C GLN F 105 -19.43 11.13 -17.95
N HIS F 106 -19.39 11.32 -16.63
CA HIS F 106 -20.39 12.13 -15.93
C HIS F 106 -20.47 13.53 -16.53
N THR F 107 -19.31 14.10 -16.84
CA THR F 107 -19.22 15.44 -17.40
C THR F 107 -20.02 15.55 -18.69
N ILE F 108 -19.71 14.69 -19.65
CA ILE F 108 -20.39 14.74 -20.94
C ILE F 108 -21.89 14.45 -20.80
N ASP F 109 -22.23 13.37 -20.08
CA ASP F 109 -23.64 13.02 -19.88
C ASP F 109 -24.43 14.18 -19.28
N MET F 110 -23.82 14.89 -18.34
CA MET F 110 -24.47 16.03 -17.73
C MET F 110 -24.62 17.17 -18.72
N ALA F 111 -23.54 17.50 -19.42
CA ALA F 111 -23.56 18.57 -20.42
C ALA F 111 -24.65 18.34 -21.46
N ASP F 112 -24.97 17.07 -21.68
CA ASP F 112 -26.14 16.68 -22.46
C ASP F 112 -27.43 17.03 -21.70
N SER F 113 -27.48 16.60 -20.44
CA SER F 113 -28.68 16.76 -19.62
C SER F 113 -29.11 18.21 -19.44
N GLU F 114 -28.15 19.14 -19.34
CA GLU F 114 -28.47 20.54 -19.11
C GLU F 114 -28.94 21.21 -20.38
N MET F 115 -28.67 20.58 -21.52
CA MET F 115 -29.23 20.99 -22.79
C MET F 115 -30.69 20.53 -22.86
N LEU F 116 -30.91 19.26 -22.55
CA LEU F 116 -32.26 18.70 -22.69
C LEU F 116 -33.23 19.27 -21.65
N ASN F 117 -32.71 19.64 -20.48
CA ASN F 117 -33.53 20.16 -19.39
C ASN F 117 -34.24 21.45 -19.74
N LEU F 118 -33.69 22.17 -20.71
CA LEU F 118 -34.19 23.49 -21.04
C LEU F 118 -34.50 23.58 -22.52
N TYR F 119 -34.33 22.46 -23.22
CA TYR F 119 -35.12 22.22 -24.43
C TYR F 119 -36.53 21.81 -23.98
N GLU F 120 -36.59 21.28 -22.76
CA GLU F 120 -37.85 20.79 -22.21
C GLU F 120 -38.56 21.92 -21.48
N ARG F 121 -37.82 23.01 -21.30
CA ARG F 121 -38.37 24.25 -20.77
C ARG F 121 -39.14 24.93 -21.89
N VAL F 122 -38.42 25.15 -22.99
CA VAL F 122 -38.97 25.77 -24.18
C VAL F 122 -40.19 24.99 -24.69
N ARG F 123 -40.05 23.68 -24.87
CA ARG F 123 -41.21 22.85 -25.21
C ARG F 123 -42.46 23.19 -24.38
N LYS F 124 -42.27 23.27 -23.06
CA LYS F 124 -43.39 23.40 -22.14
C LYS F 124 -43.76 24.86 -21.92
N GLN F 125 -43.08 25.75 -22.62
CA GLN F 125 -43.39 27.17 -22.54
C GLN F 125 -44.16 27.56 -23.79
N LEU F 126 -43.61 27.22 -24.96
CA LEU F 126 -44.35 27.31 -26.21
C LEU F 126 -45.67 26.56 -26.15
N ARG F 127 -45.68 25.44 -25.42
CA ARG F 127 -46.91 24.66 -25.22
C ARG F 127 -47.46 24.20 -26.57
N GLN F 128 -48.74 24.47 -26.83
CA GLN F 128 -49.39 24.01 -28.05
C GLN F 128 -49.26 25.03 -29.19
N ASN F 129 -48.41 26.03 -29.00
CA ASN F 129 -48.23 27.09 -29.98
C ASN F 129 -47.12 26.80 -30.99
N ALA F 130 -46.55 25.60 -30.89
CA ALA F 130 -45.45 25.20 -31.77
C ALA F 130 -45.33 23.69 -31.80
N GLU F 131 -44.58 23.16 -32.76
CA GLU F 131 -44.55 21.71 -32.97
C GLU F 131 -43.13 21.15 -33.01
N GLU F 132 -42.98 19.92 -32.52
CA GLU F 132 -41.68 19.25 -32.53
C GLU F 132 -41.24 18.76 -33.91
N ASP F 133 -39.96 18.97 -34.21
CA ASP F 133 -39.38 18.61 -35.49
C ASP F 133 -38.27 17.57 -35.32
N GLY F 134 -37.77 17.03 -36.42
CA GLY F 134 -36.60 16.16 -36.37
C GLY F 134 -35.34 16.95 -36.09
N LYS F 135 -35.35 18.25 -36.37
CA LYS F 135 -34.16 19.08 -36.29
C LYS F 135 -33.72 19.29 -34.84
N GLY F 136 -34.69 19.46 -33.94
CA GLY F 136 -34.42 20.02 -32.63
C GLY F 136 -34.48 21.53 -32.60
N CYS F 137 -34.85 22.12 -33.74
CA CYS F 137 -34.97 23.57 -33.86
C CYS F 137 -36.41 23.99 -34.10
N PHE F 138 -37.12 24.32 -33.01
CA PHE F 138 -38.58 24.48 -33.02
C PHE F 138 -39.17 25.35 -34.14
N GLU F 139 -40.37 24.96 -34.57
CA GLU F 139 -41.11 25.67 -35.61
C GLU F 139 -42.26 26.51 -35.03
N ILE F 140 -42.26 27.80 -35.33
CA ILE F 140 -43.29 28.71 -34.82
C ILE F 140 -44.25 29.02 -35.97
N TYR F 141 -45.56 28.91 -35.73
CA TYR F 141 -46.52 29.09 -36.80
C TYR F 141 -47.16 30.49 -36.86
N HIS F 142 -46.72 31.38 -36.00
CA HIS F 142 -47.37 32.68 -35.86
C HIS F 142 -46.27 33.74 -35.79
N ALA F 143 -46.58 34.98 -36.16
CA ALA F 143 -45.46 35.87 -36.43
C ALA F 143 -45.03 36.40 -35.08
N CYS F 144 -43.94 35.84 -34.59
CA CYS F 144 -43.27 36.39 -33.44
C CYS F 144 -42.11 37.30 -33.82
N ASP F 145 -42.24 38.57 -33.49
CA ASP F 145 -41.18 39.55 -33.65
C ASP F 145 -40.04 39.24 -32.68
N ASP F 146 -39.04 40.12 -32.62
CA ASP F 146 -37.90 39.94 -31.73
C ASP F 146 -38.33 40.01 -30.26
N SER F 147 -39.54 40.51 -30.04
CA SER F 147 -40.11 40.59 -28.70
C SER F 147 -40.70 39.27 -28.22
N CYS F 148 -41.37 38.54 -29.11
CA CYS F 148 -41.90 37.23 -28.75
C CYS F 148 -40.76 36.28 -28.42
N MET F 149 -39.75 36.31 -29.25
CA MET F 149 -38.58 35.45 -29.14
C MET F 149 -37.76 35.79 -27.90
N GLU F 150 -37.61 37.09 -27.63
CA GLU F 150 -37.02 37.49 -26.34
C GLU F 150 -37.90 36.98 -25.21
N SER F 151 -39.21 37.00 -25.40
CA SER F 151 -40.15 36.48 -24.41
C SER F 151 -39.98 34.97 -24.20
N ILE F 152 -39.55 34.26 -25.24
CA ILE F 152 -39.14 32.88 -25.08
C ILE F 152 -37.93 32.80 -24.17
N ARG F 153 -36.88 33.54 -24.51
CA ARG F 153 -35.63 33.41 -23.76
C ARG F 153 -35.58 33.94 -22.31
N ASN F 154 -36.26 35.04 -22.01
CA ASN F 154 -36.28 35.56 -20.63
C ASN F 154 -37.00 34.62 -19.66
N ASN F 155 -37.90 33.81 -20.21
CA ASN F 155 -38.82 32.96 -19.45
C ASN F 155 -39.85 33.78 -18.66
N THR F 156 -40.37 34.82 -19.31
CA THR F 156 -41.76 35.22 -19.09
C THR F 156 -42.43 35.29 -20.47
N TYR F 157 -43.71 35.00 -20.52
CA TYR F 157 -44.37 34.69 -21.78
C TYR F 157 -45.84 34.42 -21.50
N ASP F 158 -46.66 34.34 -22.54
CA ASP F 158 -48.02 33.83 -22.36
C ASP F 158 -48.49 33.02 -23.56
N HIS F 159 -48.60 31.71 -23.37
CA HIS F 159 -49.16 30.82 -24.38
C HIS F 159 -50.63 31.18 -24.65
N SER F 160 -51.32 31.59 -23.59
CA SER F 160 -52.72 32.01 -23.66
C SER F 160 -52.97 33.01 -24.78
N GLN F 161 -52.07 33.98 -24.90
CA GLN F 161 -52.25 35.12 -25.79
C GLN F 161 -52.10 34.72 -27.27
N TYR F 162 -51.69 33.48 -27.53
CA TYR F 162 -51.49 33.05 -28.91
C TYR F 162 -52.16 31.73 -29.32
N ARG F 163 -52.84 31.05 -28.40
CA ARG F 163 -53.38 29.73 -28.73
C ARG F 163 -54.50 29.81 -29.76
N GLU F 164 -55.45 30.72 -29.51
CA GLU F 164 -56.55 30.98 -30.42
C GLU F 164 -56.05 31.24 -31.84
N GLU F 165 -54.90 31.89 -31.94
CA GLU F 165 -54.28 32.20 -33.21
C GLU F 165 -53.63 30.97 -33.85
N ALA F 166 -52.77 30.30 -33.08
CA ALA F 166 -51.89 29.25 -33.62
C ALA F 166 -52.66 27.98 -33.98
N LEU F 167 -53.70 27.68 -33.20
CA LEU F 167 -54.56 26.54 -33.50
C LEU F 167 -55.11 26.62 -34.92
N LEU F 168 -55.44 27.84 -35.34
CA LEU F 168 -55.99 28.06 -36.68
C LEU F 168 -54.94 27.74 -37.73
N ASN F 169 -53.67 27.89 -37.36
CA ASN F 169 -52.57 27.66 -38.29
C ASN F 169 -52.16 26.18 -38.30
N ARG F 170 -52.53 25.45 -37.25
CA ARG F 170 -52.16 24.04 -37.17
C ARG F 170 -53.18 23.13 -37.85
N LEU F 171 -54.39 23.62 -38.04
CA LEU F 171 -55.50 22.76 -38.45
C LEU F 171 -56.09 23.16 -39.80
N ASN F 172 -55.41 24.06 -40.51
CA ASN F 172 -55.85 24.46 -41.84
C ASN F 172 -54.67 24.66 -42.79
#